data_2KJ9
#
_entry.id   2KJ9
#
_entity_poly.entity_id   1
_entity_poly.type   'polypeptide(L)'
_entity_poly.pdbx_seq_one_letter_code
;KSVQEKRNNTRAFKTVAKSWFATKTTWSEDYQRSVWTRLETYLFPDIGNKDIAELDTGDLLVPIKKIEKLGYLEIAMRVK
QYATAIMRYAVQQKMIRFNPAYDLEGAVQKLEHHHHHH
;
_entity_poly.pdbx_strand_id   A
#
# COMPACT_ATOMS: atom_id res chain seq x y z
N LYS A 1 1.62 -24.93 -2.92
CA LYS A 1 0.29 -25.26 -3.48
C LYS A 1 0.03 -24.48 -4.77
N SER A 2 0.91 -23.53 -5.07
CA SER A 2 0.68 -22.60 -6.18
C SER A 2 0.79 -23.29 -7.54
N VAL A 3 1.25 -24.53 -7.55
CA VAL A 3 1.34 -25.31 -8.78
C VAL A 3 -0.05 -25.75 -9.23
N GLN A 4 -0.94 -25.94 -8.26
CA GLN A 4 -2.32 -26.30 -8.56
C GLN A 4 -3.15 -25.05 -8.81
N GLU A 5 -2.68 -23.91 -8.31
CA GLU A 5 -3.25 -22.63 -8.66
C GLU A 5 -2.90 -22.29 -10.11
N LYS A 6 -3.71 -21.44 -10.73
CA LYS A 6 -3.47 -21.07 -12.12
C LYS A 6 -2.35 -20.05 -12.20
N ARG A 7 -2.13 -19.32 -11.12
CA ARG A 7 -1.07 -18.34 -11.06
C ARG A 7 -0.44 -18.36 -9.68
N ASN A 8 0.87 -18.58 -9.66
CA ASN A 8 1.63 -18.75 -8.42
C ASN A 8 1.47 -17.57 -7.49
N ASN A 9 1.81 -16.39 -7.98
CA ASN A 9 1.76 -15.19 -7.16
C ASN A 9 0.45 -14.45 -7.41
N THR A 10 -0.60 -14.86 -6.73
CA THR A 10 -1.91 -14.24 -6.86
C THR A 10 -2.27 -13.50 -5.57
N ARG A 11 -3.17 -12.51 -5.70
CA ARG A 11 -3.54 -11.66 -4.56
C ARG A 11 -2.33 -10.91 -4.02
N ALA A 12 -1.35 -10.68 -4.88
CA ALA A 12 -0.15 -9.95 -4.50
C ALA A 12 -0.35 -8.46 -4.69
N PHE A 13 0.31 -7.66 -3.86
CA PHE A 13 0.13 -6.22 -3.86
C PHE A 13 0.24 -5.61 -5.24
N LYS A 14 1.22 -6.05 -6.03
CA LYS A 14 1.45 -5.47 -7.35
C LYS A 14 0.27 -5.75 -8.29
N THR A 15 -0.35 -6.92 -8.16
CA THR A 15 -1.50 -7.27 -8.97
C THR A 15 -2.73 -6.51 -8.50
N VAL A 16 -2.85 -6.37 -7.20
CA VAL A 16 -3.99 -5.70 -6.59
C VAL A 16 -3.94 -4.20 -6.86
N ALA A 17 -2.76 -3.62 -6.68
CA ALA A 17 -2.54 -2.22 -7.02
C ALA A 17 -2.73 -2.00 -8.52
N LYS A 18 -2.39 -3.02 -9.31
CA LYS A 18 -2.63 -2.99 -10.75
C LYS A 18 -4.12 -2.87 -11.02
N SER A 19 -4.89 -3.70 -10.34
CA SER A 19 -6.34 -3.70 -10.46
C SER A 19 -6.90 -2.37 -9.97
N TRP A 20 -6.35 -1.87 -8.87
CA TRP A 20 -6.72 -0.58 -8.31
C TRP A 20 -6.46 0.53 -9.33
N PHE A 21 -5.29 0.49 -9.94
CA PHE A 21 -4.92 1.45 -10.98
C PHE A 21 -5.89 1.36 -12.16
N ALA A 22 -6.25 0.14 -12.53
CA ALA A 22 -7.17 -0.08 -13.63
C ALA A 22 -8.58 0.41 -13.30
N THR A 23 -8.87 0.56 -12.02
CA THR A 23 -10.17 1.01 -11.57
C THR A 23 -10.12 2.51 -11.22
N LYS A 24 -8.98 3.13 -11.49
CA LYS A 24 -8.79 4.54 -11.21
C LYS A 24 -8.59 5.35 -12.48
N THR A 25 -9.50 6.27 -12.73
CA THR A 25 -9.36 7.24 -13.81
C THR A 25 -9.73 8.63 -13.30
N THR A 26 -9.90 8.72 -11.98
CA THR A 26 -10.35 9.94 -11.34
C THR A 26 -9.31 11.05 -11.45
N TRP A 27 -8.04 10.68 -11.26
CA TRP A 27 -6.95 11.62 -11.40
C TRP A 27 -6.68 11.93 -12.86
N SER A 28 -5.85 12.93 -13.12
CA SER A 28 -5.52 13.28 -14.48
C SER A 28 -4.54 12.27 -15.07
N GLU A 29 -4.58 12.14 -16.38
CA GLU A 29 -3.78 11.15 -17.10
C GLU A 29 -2.29 11.31 -16.77
N ASP A 30 -1.81 12.54 -16.82
CA ASP A 30 -0.39 12.82 -16.55
C ASP A 30 -0.04 12.56 -15.10
N TYR A 31 -0.81 13.14 -14.19
CA TYR A 31 -0.54 13.03 -12.76
C TYR A 31 -0.65 11.58 -12.29
N GLN A 32 -1.65 10.87 -12.78
CA GLN A 32 -1.87 9.50 -12.37
C GLN A 32 -0.73 8.59 -12.84
N ARG A 33 -0.19 8.90 -14.00
CA ARG A 33 0.99 8.19 -14.50
C ARG A 33 2.15 8.37 -13.52
N SER A 34 2.29 9.58 -13.00
CA SER A 34 3.33 9.87 -12.02
C SER A 34 3.05 9.09 -10.73
N VAL A 35 1.77 9.01 -10.35
CA VAL A 35 1.35 8.22 -9.21
C VAL A 35 1.82 6.77 -9.38
N TRP A 36 1.50 6.20 -10.53
CA TRP A 36 1.84 4.82 -10.84
C TRP A 36 3.35 4.62 -10.83
N THR A 37 4.07 5.57 -11.38
CA THR A 37 5.53 5.49 -11.45
C THR A 37 6.15 5.45 -10.05
N ARG A 38 5.54 6.19 -9.12
CA ARG A 38 6.03 6.20 -7.75
C ARG A 38 5.64 4.92 -7.02
N LEU A 39 4.54 4.31 -7.43
CA LEU A 39 4.15 3.01 -6.90
C LEU A 39 5.11 1.94 -7.38
N GLU A 40 5.39 1.97 -8.68
CA GLU A 40 6.32 1.04 -9.32
C GLU A 40 7.69 1.04 -8.63
N THR A 41 8.18 2.21 -8.29
CA THR A 41 9.54 2.35 -7.78
C THR A 41 9.65 2.15 -6.28
N TYR A 42 8.64 2.59 -5.52
CA TYR A 42 8.74 2.55 -4.07
C TYR A 42 7.81 1.51 -3.43
N LEU A 43 6.56 1.51 -3.84
CA LEU A 43 5.53 0.73 -3.14
C LEU A 43 5.32 -0.65 -3.77
N PHE A 44 6.28 -1.09 -4.58
CA PHE A 44 6.20 -2.40 -5.22
C PHE A 44 7.34 -3.34 -4.83
N PRO A 45 8.62 -2.89 -4.85
CA PRO A 45 9.78 -3.78 -4.66
C PRO A 45 9.65 -4.73 -3.47
N ASP A 46 9.21 -4.21 -2.34
CA ASP A 46 9.13 -5.02 -1.12
C ASP A 46 7.83 -5.81 -1.06
N ILE A 47 6.71 -5.11 -1.02
CA ILE A 47 5.41 -5.73 -0.76
C ILE A 47 4.81 -6.39 -2.00
N GLY A 48 5.24 -5.98 -3.18
CA GLY A 48 4.66 -6.49 -4.41
C GLY A 48 4.97 -7.95 -4.65
N ASN A 49 6.08 -8.43 -4.09
CA ASN A 49 6.50 -9.81 -4.28
C ASN A 49 6.05 -10.66 -3.09
N LYS A 50 5.37 -10.03 -2.15
CA LYS A 50 4.89 -10.71 -0.96
C LYS A 50 3.40 -10.96 -1.05
N ASP A 51 2.95 -12.05 -0.43
CA ASP A 51 1.52 -12.29 -0.27
C ASP A 51 0.96 -11.30 0.75
N ILE A 52 0.11 -10.40 0.29
CA ILE A 52 -0.37 -9.30 1.11
C ILE A 52 -1.14 -9.81 2.33
N ALA A 53 -1.65 -11.02 2.24
CA ALA A 53 -2.39 -11.63 3.34
C ALA A 53 -1.51 -11.74 4.60
N GLU A 54 -0.20 -11.83 4.40
CA GLU A 54 0.73 -11.94 5.51
C GLU A 54 1.52 -10.66 5.70
N LEU A 55 1.16 -9.61 4.97
CA LEU A 55 1.85 -8.34 5.08
C LEU A 55 1.46 -7.65 6.39
N ASP A 56 2.45 -7.52 7.26
CA ASP A 56 2.23 -6.94 8.58
C ASP A 56 2.30 -5.42 8.49
N THR A 57 1.87 -4.75 9.56
CA THR A 57 2.02 -3.31 9.66
C THR A 57 3.47 -2.91 9.42
N GLY A 58 4.39 -3.70 9.97
CA GLY A 58 5.80 -3.45 9.78
C GLY A 58 6.23 -3.58 8.34
N ASP A 59 5.70 -4.58 7.64
CA ASP A 59 6.04 -4.82 6.23
C ASP A 59 5.72 -3.61 5.37
N LEU A 60 4.55 -3.04 5.60
CA LEU A 60 4.10 -1.89 4.83
C LEU A 60 4.81 -0.62 5.29
N LEU A 61 5.23 -0.62 6.55
CA LEU A 61 5.97 0.50 7.09
C LEU A 61 7.38 0.56 6.53
N VAL A 62 7.87 -0.56 5.99
CA VAL A 62 9.19 -0.58 5.37
C VAL A 62 9.26 0.40 4.19
N PRO A 63 8.42 0.22 3.14
CA PRO A 63 8.38 1.16 2.01
C PRO A 63 7.98 2.57 2.43
N ILE A 64 7.08 2.68 3.40
CA ILE A 64 6.70 4.00 3.92
C ILE A 64 7.91 4.68 4.58
N LYS A 65 8.57 3.96 5.48
CA LYS A 65 9.75 4.48 6.18
C LYS A 65 10.85 4.79 5.17
N LYS A 66 10.92 3.99 4.13
CA LYS A 66 11.87 4.17 3.04
C LYS A 66 11.75 5.58 2.46
N ILE A 67 10.53 6.01 2.21
CA ILE A 67 10.28 7.34 1.66
C ILE A 67 10.33 8.39 2.76
N GLU A 68 9.85 8.03 3.95
CA GLU A 68 9.89 8.90 5.12
C GLU A 68 11.31 9.42 5.38
N LYS A 69 12.27 8.52 5.34
CA LYS A 69 13.66 8.87 5.60
C LYS A 69 14.41 9.16 4.31
N LEU A 70 13.68 9.20 3.20
CA LEU A 70 14.26 9.54 1.91
C LEU A 70 14.39 11.06 1.81
N GLY A 71 13.63 11.76 2.64
CA GLY A 71 13.67 13.20 2.64
C GLY A 71 12.55 13.82 1.84
N TYR A 72 11.50 13.03 1.58
CA TYR A 72 10.35 13.52 0.84
C TYR A 72 9.06 13.17 1.60
N LEU A 73 8.65 14.07 2.48
CA LEU A 73 7.50 13.84 3.35
C LEU A 73 6.20 13.84 2.56
N GLU A 74 6.09 14.76 1.61
CA GLU A 74 4.89 14.85 0.79
C GLU A 74 4.66 13.56 0.03
N ILE A 75 5.73 13.05 -0.57
CA ILE A 75 5.68 11.79 -1.30
C ILE A 75 5.24 10.65 -0.38
N ALA A 76 5.87 10.59 0.79
CA ALA A 76 5.55 9.56 1.78
C ALA A 76 4.08 9.62 2.19
N MET A 77 3.60 10.82 2.51
CA MET A 77 2.21 11.01 2.93
C MET A 77 1.25 10.65 1.80
N ARG A 78 1.62 10.98 0.57
CA ARG A 78 0.77 10.68 -0.57
C ARG A 78 0.77 9.18 -0.87
N VAL A 79 1.93 8.55 -0.80
CA VAL A 79 2.03 7.09 -0.97
C VAL A 79 1.27 6.39 0.16
N LYS A 80 1.35 6.98 1.35
CA LYS A 80 0.56 6.54 2.50
C LYS A 80 -0.91 6.46 2.13
N GLN A 81 -1.40 7.49 1.43
CA GLN A 81 -2.81 7.56 1.06
C GLN A 81 -3.12 6.62 -0.10
N TYR A 82 -2.22 6.56 -1.09
CA TYR A 82 -2.35 5.61 -2.18
C TYR A 82 -2.51 4.20 -1.62
N ALA A 83 -1.58 3.83 -0.72
CA ALA A 83 -1.58 2.52 -0.09
C ALA A 83 -2.86 2.31 0.72
N THR A 84 -3.27 3.34 1.45
CA THR A 84 -4.50 3.26 2.25
C THR A 84 -5.70 2.88 1.37
N ALA A 85 -5.78 3.49 0.20
CA ALA A 85 -6.85 3.20 -0.74
C ALA A 85 -6.78 1.76 -1.23
N ILE A 86 -5.56 1.30 -1.50
CA ILE A 86 -5.35 -0.06 -1.96
C ILE A 86 -5.65 -1.06 -0.85
N MET A 87 -5.30 -0.71 0.39
CA MET A 87 -5.58 -1.56 1.54
C MET A 87 -7.08 -1.68 1.77
N ARG A 88 -7.80 -0.60 1.49
CA ARG A 88 -9.25 -0.60 1.58
C ARG A 88 -9.83 -1.60 0.59
N TYR A 89 -9.28 -1.57 -0.62
CA TYR A 89 -9.65 -2.49 -1.69
C TYR A 89 -9.21 -3.92 -1.33
N ALA A 90 -8.11 -3.99 -0.58
CA ALA A 90 -7.55 -5.28 -0.15
C ALA A 90 -8.47 -5.98 0.82
N VAL A 91 -9.00 -5.23 1.78
CA VAL A 91 -9.95 -5.77 2.75
C VAL A 91 -11.22 -6.26 2.04
N GLN A 92 -11.64 -5.51 1.03
CA GLN A 92 -12.82 -5.88 0.24
C GLN A 92 -12.61 -7.19 -0.50
N GLN A 93 -11.35 -7.49 -0.84
CA GLN A 93 -11.02 -8.76 -1.50
C GLN A 93 -10.59 -9.81 -0.47
N LYS A 94 -10.81 -9.50 0.81
CA LYS A 94 -10.52 -10.41 1.92
C LYS A 94 -9.04 -10.76 2.02
N MET A 95 -8.19 -9.95 1.42
CA MET A 95 -6.77 -10.24 1.41
C MET A 95 -6.15 -9.95 2.77
N ILE A 96 -6.59 -8.87 3.38
CA ILE A 96 -6.11 -8.50 4.69
C ILE A 96 -7.28 -8.34 5.66
N ARG A 97 -7.02 -8.62 6.93
CA ARG A 97 -8.03 -8.51 7.98
C ARG A 97 -8.48 -7.06 8.15
N PHE A 98 -7.52 -6.19 8.42
CA PHE A 98 -7.77 -4.77 8.55
C PHE A 98 -6.63 -4.01 7.89
N ASN A 99 -6.79 -2.70 7.75
CA ASN A 99 -5.74 -1.88 7.15
C ASN A 99 -4.69 -1.56 8.20
N PRO A 100 -3.46 -2.08 8.04
CA PRO A 100 -2.36 -1.78 8.97
C PRO A 100 -2.10 -0.28 9.08
N ALA A 101 -2.41 0.44 7.99
CA ALA A 101 -2.26 1.89 7.97
C ALA A 101 -3.28 2.57 8.87
N TYR A 102 -4.45 1.95 9.00
CA TYR A 102 -5.49 2.47 9.88
C TYR A 102 -5.31 1.93 11.30
N ASP A 103 -4.82 0.69 11.38
CA ASP A 103 -4.67 0.01 12.66
C ASP A 103 -3.65 0.71 13.54
N LEU A 104 -2.50 1.03 12.97
CA LEU A 104 -1.45 1.70 13.72
C LEU A 104 -1.81 3.16 13.94
N GLU A 105 -2.25 3.46 15.15
CA GLU A 105 -2.63 4.81 15.55
C GLU A 105 -1.39 5.70 15.73
N GLY A 106 -0.23 5.12 15.52
CA GLY A 106 1.00 5.80 15.86
C GLY A 106 1.39 5.49 17.30
N ALA A 107 0.70 4.50 17.86
CA ALA A 107 0.93 4.07 19.23
C ALA A 107 2.35 3.59 19.43
N VAL A 108 2.80 2.71 18.55
CA VAL A 108 4.15 2.21 18.63
C VAL A 108 5.06 3.00 17.70
N GLN A 109 6.20 3.42 18.23
CA GLN A 109 7.14 4.26 17.50
C GLN A 109 8.11 3.41 16.68
N LYS A 110 7.80 2.13 16.54
CA LYS A 110 8.64 1.20 15.81
C LYS A 110 7.82 0.42 14.79
N LEU A 111 8.45 -0.57 14.17
CA LEU A 111 7.78 -1.41 13.18
C LEU A 111 7.14 -2.62 13.87
N GLU A 112 7.26 -2.66 15.18
CA GLU A 112 6.72 -3.75 15.98
C GLU A 112 5.40 -3.31 16.59
N HIS A 113 4.67 -4.25 17.17
CA HIS A 113 3.38 -3.95 17.76
C HIS A 113 3.52 -3.72 19.26
N HIS A 114 4.72 -3.92 19.77
CA HIS A 114 4.99 -3.81 21.19
C HIS A 114 6.08 -2.80 21.46
N HIS A 115 5.96 -2.08 22.57
CA HIS A 115 7.00 -1.20 23.04
C HIS A 115 7.98 -2.01 23.86
N HIS A 116 7.44 -2.93 24.64
CA HIS A 116 8.24 -3.84 25.43
C HIS A 116 8.13 -5.23 24.84
N HIS A 117 9.27 -5.87 24.57
CA HIS A 117 9.27 -7.18 23.95
C HIS A 117 8.83 -8.24 24.95
N HIS A 118 9.23 -8.06 26.20
CA HIS A 118 8.67 -8.84 27.30
C HIS A 118 8.82 -8.04 28.60
N LYS A 1 -1.96 -11.79 -17.52
CA LYS A 1 -3.19 -11.62 -18.32
C LYS A 1 -4.40 -11.43 -17.41
N SER A 2 -4.14 -11.28 -16.11
CA SER A 2 -5.18 -11.16 -15.10
C SER A 2 -5.73 -9.74 -15.04
N VAL A 3 -5.17 -8.87 -15.88
CA VAL A 3 -5.71 -7.52 -16.05
C VAL A 3 -6.91 -7.60 -16.98
N GLN A 4 -6.80 -8.48 -17.98
CA GLN A 4 -7.91 -8.75 -18.88
C GLN A 4 -8.90 -9.69 -18.21
N GLU A 5 -8.37 -10.68 -17.50
CA GLU A 5 -9.20 -11.63 -16.77
C GLU A 5 -9.94 -10.90 -15.64
N LYS A 6 -11.22 -11.17 -15.52
CA LYS A 6 -12.05 -10.51 -14.53
C LYS A 6 -11.72 -11.02 -13.13
N ARG A 7 -11.23 -12.25 -13.06
CA ARG A 7 -10.87 -12.86 -11.80
C ARG A 7 -9.36 -12.88 -11.64
N ASN A 8 -8.85 -11.99 -10.81
CA ASN A 8 -7.42 -11.93 -10.55
C ASN A 8 -7.04 -13.05 -9.58
N ASN A 9 -6.13 -13.91 -10.01
CA ASN A 9 -5.76 -15.07 -9.20
C ASN A 9 -4.56 -14.75 -8.32
N THR A 10 -3.96 -13.59 -8.52
CA THR A 10 -2.76 -13.22 -7.80
C THR A 10 -3.07 -12.19 -6.71
N ARG A 11 -3.16 -12.66 -5.47
CA ARG A 11 -3.38 -11.77 -4.34
C ARG A 11 -2.05 -11.18 -3.89
N ALA A 12 -1.43 -10.42 -4.77
CA ALA A 12 -0.19 -9.73 -4.47
C ALA A 12 -0.39 -8.24 -4.70
N PHE A 13 0.20 -7.43 -3.82
CA PHE A 13 -0.06 -6.00 -3.79
C PHE A 13 0.16 -5.35 -5.16
N LYS A 14 1.27 -5.67 -5.83
CA LYS A 14 1.59 -5.05 -7.11
C LYS A 14 0.53 -5.34 -8.16
N THR A 15 0.00 -6.56 -8.16
CA THR A 15 -0.96 -6.98 -9.15
C THR A 15 -2.35 -6.43 -8.82
N VAL A 16 -2.66 -6.40 -7.53
CA VAL A 16 -3.93 -5.86 -7.07
C VAL A 16 -3.96 -4.35 -7.24
N ALA A 17 -2.85 -3.70 -6.94
CA ALA A 17 -2.73 -2.26 -7.14
C ALA A 17 -2.89 -1.91 -8.60
N LYS A 18 -2.43 -2.80 -9.47
CA LYS A 18 -2.58 -2.61 -10.91
C LYS A 18 -4.06 -2.75 -11.31
N SER A 19 -4.77 -3.65 -10.62
CA SER A 19 -6.20 -3.81 -10.84
C SER A 19 -6.94 -2.58 -10.32
N TRP A 20 -6.50 -2.10 -9.17
CA TRP A 20 -7.03 -0.89 -8.56
C TRP A 20 -6.75 0.31 -9.46
N PHE A 21 -5.56 0.34 -10.04
CA PHE A 21 -5.16 1.41 -10.96
C PHE A 21 -6.08 1.44 -12.18
N ALA A 22 -6.54 0.26 -12.59
CA ALA A 22 -7.44 0.13 -13.72
C ALA A 22 -8.90 0.34 -13.30
N THR A 23 -9.10 0.65 -12.03
CA THR A 23 -10.44 0.92 -11.52
C THR A 23 -10.56 2.39 -11.12
N LYS A 24 -9.53 2.87 -10.41
CA LYS A 24 -9.47 4.25 -9.96
C LYS A 24 -9.07 5.17 -11.11
N THR A 25 -10.04 5.91 -11.62
CA THR A 25 -9.78 6.87 -12.69
C THR A 25 -10.23 8.26 -12.26
N THR A 26 -10.31 8.46 -10.95
CA THR A 26 -10.77 9.72 -10.39
C THR A 26 -9.67 10.77 -10.41
N TRP A 27 -8.44 10.33 -10.63
CA TRP A 27 -7.31 11.23 -10.74
C TRP A 27 -7.03 11.54 -12.20
N SER A 28 -6.18 12.52 -12.44
CA SER A 28 -5.74 12.82 -13.79
C SER A 28 -4.70 11.79 -14.22
N GLU A 29 -4.63 11.55 -15.52
CA GLU A 29 -3.76 10.51 -16.06
C GLU A 29 -2.29 10.77 -15.75
N ASP A 30 -1.88 12.03 -15.85
CA ASP A 30 -0.50 12.41 -15.57
C ASP A 30 -0.17 12.21 -14.10
N TYR A 31 -1.14 12.52 -13.25
CA TYR A 31 -0.98 12.32 -11.81
C TYR A 31 -0.85 10.83 -11.52
N GLN A 32 -1.74 10.04 -12.10
CA GLN A 32 -1.74 8.59 -11.92
C GLN A 32 -0.46 7.98 -12.46
N ARG A 33 0.08 8.55 -13.53
CA ARG A 33 1.32 8.07 -14.12
C ARG A 33 2.46 8.19 -13.12
N SER A 34 2.55 9.33 -12.45
CA SER A 34 3.56 9.52 -11.43
C SER A 34 3.26 8.68 -10.19
N VAL A 35 1.98 8.49 -9.89
CA VAL A 35 1.56 7.62 -8.79
C VAL A 35 2.07 6.20 -9.02
N TRP A 36 1.66 5.64 -10.16
CA TRP A 36 2.02 4.27 -10.54
C TRP A 36 3.53 4.08 -10.54
N THR A 37 4.24 5.05 -11.09
CA THR A 37 5.70 5.00 -11.14
C THR A 37 6.30 4.99 -9.73
N ARG A 38 5.86 5.91 -8.88
CA ARG A 38 6.38 6.00 -7.53
C ARG A 38 6.06 4.75 -6.73
N LEU A 39 4.91 4.15 -7.01
CA LEU A 39 4.53 2.89 -6.38
C LEU A 39 5.55 1.80 -6.71
N GLU A 40 5.84 1.64 -8.00
CA GLU A 40 6.76 0.59 -8.47
C GLU A 40 8.16 0.81 -7.91
N THR A 41 8.55 2.07 -7.78
CA THR A 41 9.91 2.41 -7.35
C THR A 41 10.12 2.14 -5.86
N TYR A 42 9.23 2.64 -5.02
CA TYR A 42 9.48 2.64 -3.58
C TYR A 42 8.66 1.59 -2.84
N LEU A 43 7.37 1.52 -3.13
CA LEU A 43 6.45 0.73 -2.33
C LEU A 43 6.42 -0.74 -2.77
N PHE A 44 6.31 -0.95 -4.08
CA PHE A 44 6.14 -2.29 -4.65
C PHE A 44 7.29 -3.27 -4.36
N PRO A 45 8.59 -2.84 -4.38
CA PRO A 45 9.73 -3.75 -4.17
C PRO A 45 9.51 -4.75 -3.02
N ASP A 46 9.01 -4.27 -1.88
CA ASP A 46 8.85 -5.10 -0.70
C ASP A 46 7.57 -5.94 -0.76
N ILE A 47 6.49 -5.33 -1.22
CA ILE A 47 5.16 -5.96 -1.14
C ILE A 47 4.71 -6.53 -2.49
N GLY A 48 5.57 -6.48 -3.48
CA GLY A 48 5.20 -6.90 -4.82
C GLY A 48 5.16 -8.40 -4.99
N ASN A 49 6.26 -9.05 -4.63
CA ASN A 49 6.34 -10.50 -4.77
C ASN A 49 5.96 -11.18 -3.46
N LYS A 50 5.44 -10.40 -2.53
CA LYS A 50 5.00 -10.92 -1.25
C LYS A 50 3.48 -11.05 -1.23
N ASP A 51 2.99 -12.14 -0.64
CA ASP A 51 1.56 -12.34 -0.46
C ASP A 51 1.00 -11.27 0.48
N ILE A 52 0.00 -10.53 0.00
CA ILE A 52 -0.52 -9.39 0.76
C ILE A 52 -1.22 -9.83 2.04
N ALA A 53 -1.71 -11.06 2.07
CA ALA A 53 -2.39 -11.58 3.25
C ALA A 53 -1.40 -11.84 4.38
N GLU A 54 -0.11 -11.82 4.05
CA GLU A 54 0.94 -12.02 5.04
C GLU A 54 1.48 -10.67 5.51
N LEU A 55 1.13 -9.60 4.81
CA LEU A 55 1.67 -8.28 5.09
C LEU A 55 1.13 -7.72 6.41
N ASP A 56 2.00 -7.02 7.11
CA ASP A 56 1.63 -6.33 8.34
C ASP A 56 1.81 -4.83 8.17
N THR A 57 1.26 -4.05 9.09
CA THR A 57 1.44 -2.61 9.09
C THR A 57 2.93 -2.26 9.04
N GLY A 58 3.75 -3.03 9.77
CA GLY A 58 5.18 -2.80 9.78
C GLY A 58 5.81 -3.02 8.41
N ASP A 59 5.34 -4.05 7.71
CA ASP A 59 5.86 -4.37 6.37
C ASP A 59 5.60 -3.23 5.40
N LEU A 60 4.51 -2.52 5.62
CA LEU A 60 4.14 -1.38 4.80
C LEU A 60 4.93 -0.14 5.22
N LEU A 61 5.16 -0.02 6.52
CA LEU A 61 5.87 1.13 7.07
C LEU A 61 7.32 1.17 6.61
N VAL A 62 7.90 0.01 6.30
CA VAL A 62 9.30 -0.03 5.87
C VAL A 62 9.53 0.76 4.57
N PRO A 63 8.82 0.43 3.46
CA PRO A 63 8.91 1.22 2.23
C PRO A 63 8.56 2.69 2.46
N ILE A 64 7.53 2.95 3.26
CA ILE A 64 7.16 4.33 3.60
C ILE A 64 8.33 5.03 4.33
N LYS A 65 8.89 4.33 5.30
CA LYS A 65 10.01 4.81 6.09
C LYS A 65 11.23 5.08 5.20
N LYS A 66 11.39 4.24 4.18
CA LYS A 66 12.46 4.42 3.19
C LYS A 66 12.32 5.78 2.51
N ILE A 67 11.10 6.17 2.21
CA ILE A 67 10.85 7.44 1.55
C ILE A 67 11.15 8.60 2.50
N GLU A 68 10.88 8.41 3.79
CA GLU A 68 11.27 9.39 4.80
C GLU A 68 12.77 9.59 4.78
N LYS A 69 13.49 8.47 4.77
CA LYS A 69 14.95 8.47 4.69
C LYS A 69 15.43 9.10 3.38
N LEU A 70 14.58 9.02 2.36
CA LEU A 70 14.91 9.58 1.04
C LEU A 70 14.91 11.10 1.11
N GLY A 71 14.01 11.65 1.92
CA GLY A 71 13.92 13.09 2.07
C GLY A 71 12.65 13.66 1.46
N TYR A 72 11.64 12.81 1.33
CA TYR A 72 10.35 13.23 0.79
C TYR A 72 9.21 12.78 1.69
N LEU A 73 8.93 13.57 2.72
CA LEU A 73 7.86 13.26 3.65
C LEU A 73 6.50 13.38 2.97
N GLU A 74 6.40 14.32 2.03
CA GLU A 74 5.18 14.49 1.26
C GLU A 74 4.88 13.23 0.46
N ILE A 75 5.90 12.70 -0.18
CA ILE A 75 5.78 11.49 -0.98
C ILE A 75 5.39 10.31 -0.11
N ALA A 76 6.10 10.12 1.00
CA ALA A 76 5.79 9.03 1.94
C ALA A 76 4.36 9.14 2.43
N MET A 77 3.95 10.36 2.75
CA MET A 77 2.60 10.66 3.18
C MET A 77 1.57 10.28 2.12
N ARG A 78 1.82 10.73 0.90
CA ARG A 78 0.87 10.53 -0.19
C ARG A 78 0.93 9.10 -0.73
N VAL A 79 2.08 8.46 -0.64
CA VAL A 79 2.21 7.06 -1.02
C VAL A 79 1.40 6.19 -0.07
N LYS A 80 1.41 6.54 1.21
CA LYS A 80 0.58 5.84 2.18
C LYS A 80 -0.88 6.04 1.83
N GLN A 81 -1.21 7.26 1.39
CA GLN A 81 -2.58 7.57 0.95
C GLN A 81 -2.98 6.70 -0.23
N TYR A 82 -2.07 6.58 -1.21
CA TYR A 82 -2.31 5.70 -2.36
C TYR A 82 -2.57 4.28 -1.87
N ALA A 83 -1.65 3.78 -1.04
CA ALA A 83 -1.76 2.45 -0.48
C ALA A 83 -3.05 2.27 0.32
N THR A 84 -3.46 3.31 1.03
CA THR A 84 -4.68 3.27 1.82
C THR A 84 -5.89 2.93 0.95
N ALA A 85 -5.96 3.52 -0.23
CA ALA A 85 -7.03 3.25 -1.17
C ALA A 85 -6.93 1.82 -1.69
N ILE A 86 -5.70 1.38 -1.93
CA ILE A 86 -5.46 0.01 -2.39
C ILE A 86 -5.83 -0.99 -1.30
N MET A 87 -5.57 -0.62 -0.05
CA MET A 87 -5.94 -1.46 1.09
C MET A 87 -7.44 -1.62 1.17
N ARG A 88 -8.17 -0.55 0.89
CA ARG A 88 -9.63 -0.58 0.86
C ARG A 88 -10.10 -1.52 -0.25
N TYR A 89 -9.39 -1.50 -1.37
CA TYR A 89 -9.66 -2.40 -2.48
C TYR A 89 -9.36 -3.84 -2.04
N ALA A 90 -8.28 -3.98 -1.27
CA ALA A 90 -7.83 -5.27 -0.76
C ALA A 90 -8.83 -5.85 0.23
N VAL A 91 -9.42 -5.00 1.06
CA VAL A 91 -10.43 -5.44 2.02
C VAL A 91 -11.66 -5.98 1.30
N GLN A 92 -12.03 -5.31 0.21
CA GLN A 92 -13.20 -5.69 -0.57
C GLN A 92 -12.96 -7.02 -1.31
N GLN A 93 -11.70 -7.29 -1.64
CA GLN A 93 -11.34 -8.58 -2.24
C GLN A 93 -11.04 -9.59 -1.14
N LYS A 94 -11.02 -9.11 0.09
CA LYS A 94 -10.76 -9.91 1.29
C LYS A 94 -9.38 -10.55 1.24
N MET A 95 -8.38 -9.75 0.93
CA MET A 95 -7.01 -10.21 1.03
C MET A 95 -6.45 -9.86 2.38
N ILE A 96 -6.97 -8.76 2.94
CA ILE A 96 -6.60 -8.32 4.27
C ILE A 96 -7.87 -8.12 5.09
N ARG A 97 -7.72 -7.72 6.34
CA ARG A 97 -8.86 -7.56 7.23
C ARG A 97 -9.36 -6.13 7.22
N PHE A 98 -8.48 -5.22 7.61
CA PHE A 98 -8.80 -3.80 7.69
C PHE A 98 -7.67 -2.99 7.07
N ASN A 99 -7.76 -1.67 7.19
CA ASN A 99 -6.75 -0.79 6.61
C ASN A 99 -5.66 -0.47 7.64
N PRO A 100 -4.47 -1.07 7.48
CA PRO A 100 -3.35 -0.85 8.40
C PRO A 100 -2.92 0.62 8.43
N ALA A 101 -3.16 1.32 7.32
CA ALA A 101 -2.81 2.72 7.20
C ALA A 101 -3.80 3.61 7.95
N TYR A 102 -4.90 3.03 8.41
CA TYR A 102 -5.88 3.73 9.23
C TYR A 102 -5.75 3.31 10.69
N ASP A 103 -5.47 2.03 10.89
CA ASP A 103 -5.40 1.46 12.25
C ASP A 103 -4.13 1.88 12.98
N LEU A 104 -3.46 2.90 12.46
CA LEU A 104 -2.35 3.53 13.15
C LEU A 104 -2.89 4.28 14.37
N GLU A 105 -4.20 4.53 14.36
CA GLU A 105 -4.92 5.10 15.50
C GLU A 105 -4.42 6.50 15.84
N GLY A 106 -3.78 7.13 14.88
CA GLY A 106 -3.30 8.49 15.05
C GLY A 106 -2.15 8.59 16.03
N ALA A 107 -1.37 7.52 16.16
CA ALA A 107 -0.21 7.52 17.04
C ALA A 107 0.96 8.24 16.39
N VAL A 108 0.89 8.39 15.07
CA VAL A 108 1.93 9.09 14.33
C VAL A 108 1.89 10.59 14.60
N GLN A 109 3.05 11.18 14.84
CA GLN A 109 3.12 12.59 15.19
C GLN A 109 3.39 13.45 13.94
N LYS A 110 3.62 12.80 12.81
CA LYS A 110 3.94 13.51 11.57
C LYS A 110 2.69 13.68 10.72
N LEU A 111 1.56 13.21 11.23
CA LEU A 111 0.32 13.24 10.49
C LEU A 111 -0.81 13.64 11.41
N GLU A 112 -1.95 14.04 10.83
CA GLU A 112 -3.14 14.35 11.60
C GLU A 112 -3.56 13.13 12.40
N HIS A 113 -3.75 13.31 13.70
CA HIS A 113 -4.06 12.20 14.60
C HIS A 113 -5.44 11.65 14.31
N HIS A 114 -6.33 12.50 13.82
CA HIS A 114 -7.64 12.07 13.39
C HIS A 114 -8.02 12.75 12.07
N HIS A 115 -7.80 12.03 10.98
CA HIS A 115 -8.14 12.53 9.67
C HIS A 115 -9.39 11.83 9.17
N HIS A 116 -10.45 12.60 8.94
CA HIS A 116 -11.72 12.05 8.48
C HIS A 116 -11.64 11.71 7.00
N HIS A 117 -12.43 10.74 6.57
CA HIS A 117 -12.46 10.32 5.18
C HIS A 117 -12.71 11.52 4.27
N HIS A 118 -13.89 12.11 4.42
CA HIS A 118 -14.30 13.29 3.67
C HIS A 118 -15.76 13.59 3.96
N LYS A 1 6.95 -21.01 -25.58
CA LYS A 1 5.69 -20.23 -25.66
C LYS A 1 5.77 -19.00 -24.78
N SER A 2 5.57 -17.84 -25.37
CA SER A 2 5.51 -16.60 -24.62
C SER A 2 4.18 -16.50 -23.87
N VAL A 3 4.26 -16.34 -22.56
CA VAL A 3 3.06 -16.29 -21.73
C VAL A 3 2.97 -14.97 -20.99
N GLN A 4 1.77 -14.45 -20.86
CA GLN A 4 1.54 -13.21 -20.14
C GLN A 4 0.88 -13.48 -18.80
N GLU A 5 1.41 -12.86 -17.76
CA GLU A 5 0.93 -13.07 -16.40
C GLU A 5 -0.38 -12.32 -16.13
N LYS A 6 -1.11 -12.02 -17.20
CA LYS A 6 -2.39 -11.35 -17.09
C LYS A 6 -3.51 -12.39 -16.96
N ARG A 7 -3.14 -13.65 -17.13
CA ARG A 7 -4.10 -14.75 -17.13
C ARG A 7 -4.59 -15.06 -15.71
N ASN A 8 -3.69 -15.49 -14.85
CA ASN A 8 -4.05 -15.86 -13.48
C ASN A 8 -4.05 -14.62 -12.60
N ASN A 9 -4.86 -14.65 -11.56
CA ASN A 9 -4.94 -13.52 -10.65
C ASN A 9 -4.24 -13.83 -9.33
N THR A 10 -3.00 -13.40 -9.22
CA THR A 10 -2.27 -13.48 -7.97
C THR A 10 -2.65 -12.29 -7.09
N ARG A 11 -2.81 -12.52 -5.79
CA ARG A 11 -3.23 -11.46 -4.87
C ARG A 11 -2.02 -10.68 -4.35
N ALA A 12 -0.95 -10.69 -5.13
CA ALA A 12 0.23 -9.91 -4.83
C ALA A 12 -0.07 -8.44 -4.96
N PHE A 13 0.51 -7.65 -4.08
CA PHE A 13 0.30 -6.20 -4.05
C PHE A 13 0.51 -5.59 -5.44
N LYS A 14 1.45 -6.16 -6.18
CA LYS A 14 1.77 -5.68 -7.52
C LYS A 14 0.57 -5.79 -8.46
N THR A 15 0.10 -7.03 -8.63
CA THR A 15 -0.99 -7.31 -9.55
C THR A 15 -2.27 -6.59 -9.14
N VAL A 16 -2.54 -6.57 -7.85
CA VAL A 16 -3.75 -5.97 -7.34
C VAL A 16 -3.71 -4.44 -7.44
N ALA A 17 -2.55 -3.86 -7.18
CA ALA A 17 -2.38 -2.42 -7.33
C ALA A 17 -2.65 -1.98 -8.76
N LYS A 18 -2.31 -2.86 -9.71
CA LYS A 18 -2.55 -2.55 -11.12
C LYS A 18 -4.04 -2.60 -11.41
N SER A 19 -4.74 -3.53 -10.77
CA SER A 19 -6.19 -3.61 -10.88
C SER A 19 -6.83 -2.37 -10.27
N TRP A 20 -6.30 -1.95 -9.13
CA TRP A 20 -6.72 -0.72 -8.47
C TRP A 20 -6.50 0.47 -9.40
N PHE A 21 -5.33 0.52 -10.00
CA PHE A 21 -4.97 1.59 -10.93
C PHE A 21 -5.91 1.63 -12.14
N ALA A 22 -6.32 0.46 -12.60
CA ALA A 22 -7.19 0.36 -13.76
C ALA A 22 -8.65 0.67 -13.40
N THR A 23 -9.04 0.30 -12.19
CA THR A 23 -10.42 0.51 -11.74
C THR A 23 -10.64 1.95 -11.28
N LYS A 24 -9.62 2.53 -10.67
CA LYS A 24 -9.71 3.89 -10.18
C LYS A 24 -9.35 4.88 -11.27
N THR A 25 -10.32 5.69 -11.65
CA THR A 25 -10.14 6.66 -12.72
C THR A 25 -10.59 8.05 -12.26
N THR A 26 -10.47 8.30 -10.96
CA THR A 26 -10.87 9.57 -10.39
C THR A 26 -9.76 10.62 -10.52
N TRP A 27 -8.65 10.20 -11.12
CA TRP A 27 -7.54 11.11 -11.38
C TRP A 27 -7.30 11.22 -12.88
N SER A 28 -6.63 12.28 -13.29
CA SER A 28 -6.20 12.42 -14.66
C SER A 28 -5.13 11.37 -14.96
N GLU A 29 -5.12 10.84 -16.17
CA GLU A 29 -4.25 9.72 -16.50
C GLU A 29 -2.77 10.10 -16.40
N ASP A 30 -2.46 11.36 -16.68
CA ASP A 30 -1.10 11.85 -16.53
C ASP A 30 -0.66 11.80 -15.07
N TYR A 31 -1.53 12.27 -14.19
CA TYR A 31 -1.26 12.23 -12.76
C TYR A 31 -1.19 10.78 -12.30
N GLN A 32 -2.09 9.96 -12.82
CA GLN A 32 -2.08 8.53 -12.52
C GLN A 32 -0.76 7.91 -12.92
N ARG A 33 -0.19 8.38 -14.03
CA ARG A 33 1.11 7.91 -14.49
C ARG A 33 2.18 8.15 -13.44
N SER A 34 2.22 9.36 -12.89
CA SER A 34 3.20 9.68 -11.87
C SER A 34 2.93 8.88 -10.59
N VAL A 35 1.64 8.70 -10.26
CA VAL A 35 1.25 7.89 -9.11
C VAL A 35 1.71 6.44 -9.30
N TRP A 36 1.45 5.92 -10.48
CA TRP A 36 1.83 4.56 -10.84
C TRP A 36 3.35 4.39 -10.73
N THR A 37 4.08 5.37 -11.24
CA THR A 37 5.53 5.36 -11.19
C THR A 37 6.01 5.36 -9.73
N ARG A 38 5.33 6.12 -8.88
CA ARG A 38 5.66 6.17 -7.46
C ARG A 38 5.44 4.81 -6.81
N LEU A 39 4.36 4.15 -7.19
CA LEU A 39 4.04 2.82 -6.68
C LEU A 39 5.11 1.81 -7.11
N GLU A 40 5.38 1.75 -8.40
CA GLU A 40 6.36 0.80 -8.95
C GLU A 40 7.74 1.00 -8.32
N THR A 41 8.12 2.26 -8.13
CA THR A 41 9.45 2.58 -7.65
C THR A 41 9.62 2.29 -6.15
N TYR A 42 8.69 2.77 -5.34
CA TYR A 42 8.88 2.73 -3.89
C TYR A 42 8.25 1.51 -3.24
N LEU A 43 7.02 1.19 -3.62
CA LEU A 43 6.25 0.15 -2.93
C LEU A 43 6.42 -1.22 -3.57
N PHE A 44 6.28 -1.29 -4.88
CA PHE A 44 6.31 -2.56 -5.62
C PHE A 44 7.47 -3.50 -5.22
N PRO A 45 8.72 -3.00 -5.07
CA PRO A 45 9.87 -3.88 -4.76
C PRO A 45 9.78 -4.49 -3.35
N ASP A 46 9.09 -3.81 -2.45
CA ASP A 46 9.02 -4.25 -1.06
C ASP A 46 7.68 -4.94 -0.76
N ILE A 47 6.58 -4.28 -1.09
CA ILE A 47 5.25 -4.78 -0.75
C ILE A 47 4.88 -5.92 -1.69
N GLY A 48 5.42 -5.88 -2.90
CA GLY A 48 5.05 -6.85 -3.92
C GLY A 48 5.73 -8.19 -3.74
N ASN A 49 6.55 -8.31 -2.72
CA ASN A 49 7.22 -9.58 -2.42
C ASN A 49 6.45 -10.32 -1.33
N LYS A 50 5.26 -9.81 -1.02
CA LYS A 50 4.42 -10.41 0.00
C LYS A 50 3.05 -10.72 -0.60
N ASP A 51 2.36 -11.69 0.00
CA ASP A 51 1.08 -12.19 -0.52
C ASP A 51 -0.08 -11.29 -0.08
N ILE A 52 0.24 -10.06 0.33
CA ILE A 52 -0.77 -9.10 0.81
C ILE A 52 -1.29 -9.49 2.20
N ALA A 53 -1.58 -10.78 2.40
CA ALA A 53 -1.99 -11.29 3.69
C ALA A 53 -0.77 -11.54 4.57
N GLU A 54 0.34 -10.94 4.17
CA GLU A 54 1.60 -11.08 4.86
C GLU A 54 2.14 -9.69 5.20
N LEU A 55 1.24 -8.73 5.27
CA LEU A 55 1.59 -7.34 5.52
C LEU A 55 1.10 -6.88 6.89
N ASP A 56 2.04 -6.59 7.77
CA ASP A 56 1.72 -5.98 9.05
C ASP A 56 1.97 -4.47 8.95
N THR A 57 1.49 -3.71 9.92
CA THR A 57 1.74 -2.29 9.99
C THR A 57 3.24 -2.00 9.87
N GLY A 58 4.05 -2.85 10.50
CA GLY A 58 5.49 -2.71 10.42
C GLY A 58 6.01 -2.93 9.01
N ASP A 59 5.46 -3.94 8.33
CA ASP A 59 5.87 -4.27 6.96
C ASP A 59 5.56 -3.13 6.01
N LEU A 60 4.58 -2.31 6.38
CA LEU A 60 4.18 -1.18 5.55
C LEU A 60 4.93 0.08 5.95
N LEU A 61 5.23 0.20 7.24
CA LEU A 61 5.93 1.36 7.75
C LEU A 61 7.35 1.45 7.21
N VAL A 62 8.00 0.31 7.01
CA VAL A 62 9.38 0.30 6.52
C VAL A 62 9.50 0.96 5.14
N PRO A 63 8.67 0.56 4.14
CA PRO A 63 8.63 1.25 2.84
C PRO A 63 8.31 2.74 2.96
N ILE A 64 7.41 3.10 3.88
CA ILE A 64 7.15 4.50 4.17
C ILE A 64 8.41 5.17 4.73
N LYS A 65 9.06 4.44 5.63
CA LYS A 65 10.29 4.90 6.25
C LYS A 65 11.44 4.93 5.25
N LYS A 66 11.29 4.13 4.20
CA LYS A 66 12.24 4.11 3.09
C LYS A 66 12.19 5.44 2.36
N ILE A 67 10.98 5.96 2.20
CA ILE A 67 10.78 7.27 1.59
C ILE A 67 11.12 8.37 2.61
N GLU A 68 10.90 8.06 3.89
CA GLU A 68 11.35 8.92 4.98
C GLU A 68 12.86 9.11 4.92
N LYS A 69 13.56 7.99 4.73
CA LYS A 69 15.01 7.98 4.62
C LYS A 69 15.45 8.59 3.30
N LEU A 70 14.50 8.72 2.37
CA LEU A 70 14.76 9.34 1.08
C LEU A 70 14.69 10.86 1.21
N GLY A 71 14.14 11.32 2.32
CA GLY A 71 14.07 12.74 2.59
C GLY A 71 12.74 13.35 2.20
N TYR A 72 11.89 12.56 1.58
CA TYR A 72 10.61 13.05 1.10
C TYR A 72 9.47 12.63 2.03
N LEU A 73 9.31 13.36 3.12
CA LEU A 73 8.25 13.07 4.08
C LEU A 73 6.88 13.32 3.46
N GLU A 74 6.80 14.33 2.60
CA GLU A 74 5.56 14.63 1.91
C GLU A 74 5.16 13.47 1.00
N ILE A 75 6.12 12.99 0.21
CA ILE A 75 5.87 11.88 -0.69
C ILE A 75 5.48 10.62 0.08
N ALA A 76 6.14 10.39 1.20
CA ALA A 76 5.82 9.26 2.07
C ALA A 76 4.35 9.30 2.48
N MET A 77 3.88 10.48 2.88
CA MET A 77 2.47 10.67 3.25
C MET A 77 1.56 10.47 2.04
N ARG A 78 2.00 10.94 0.88
CA ARG A 78 1.21 10.83 -0.34
C ARG A 78 1.09 9.38 -0.80
N VAL A 79 2.21 8.66 -0.79
CA VAL A 79 2.21 7.26 -1.21
C VAL A 79 1.44 6.41 -0.21
N LYS A 80 1.49 6.80 1.06
CA LYS A 80 0.71 6.14 2.09
C LYS A 80 -0.78 6.24 1.76
N GLN A 81 -1.17 7.40 1.24
CA GLN A 81 -2.56 7.63 0.86
C GLN A 81 -2.98 6.69 -0.26
N TYR A 82 -2.13 6.56 -1.28
CA TYR A 82 -2.39 5.64 -2.37
C TYR A 82 -2.54 4.22 -1.82
N ALA A 83 -1.58 3.84 -0.98
CA ALA A 83 -1.58 2.52 -0.37
C ALA A 83 -2.85 2.29 0.45
N THR A 84 -3.25 3.29 1.22
CA THR A 84 -4.45 3.19 2.05
C THR A 84 -5.69 2.92 1.19
N ALA A 85 -5.72 3.50 0.00
CA ALA A 85 -6.82 3.26 -0.94
C ALA A 85 -6.76 1.84 -1.46
N ILE A 86 -5.55 1.35 -1.73
CA ILE A 86 -5.35 -0.03 -2.17
C ILE A 86 -5.73 -0.99 -1.05
N MET A 87 -5.45 -0.59 0.18
CA MET A 87 -5.79 -1.39 1.36
C MET A 87 -7.29 -1.64 1.42
N ARG A 88 -8.07 -0.58 1.24
CA ARG A 88 -9.53 -0.69 1.27
C ARG A 88 -10.01 -1.55 0.10
N TYR A 89 -9.34 -1.41 -1.04
CA TYR A 89 -9.62 -2.24 -2.20
C TYR A 89 -9.37 -3.70 -1.86
N ALA A 90 -8.26 -3.96 -1.17
CA ALA A 90 -7.91 -5.31 -0.75
C ALA A 90 -8.91 -5.86 0.26
N VAL A 91 -9.41 -5.00 1.14
CA VAL A 91 -10.43 -5.39 2.10
C VAL A 91 -11.70 -5.82 1.39
N GLN A 92 -12.12 -5.01 0.41
CA GLN A 92 -13.33 -5.28 -0.35
C GLN A 92 -13.15 -6.50 -1.25
N GLN A 93 -11.93 -6.74 -1.70
CA GLN A 93 -11.63 -7.90 -2.53
C GLN A 93 -11.40 -9.13 -1.66
N LYS A 94 -11.47 -8.93 -0.33
CA LYS A 94 -11.30 -10.01 0.64
C LYS A 94 -9.90 -10.59 0.60
N MET A 95 -8.91 -9.75 0.41
CA MET A 95 -7.53 -10.20 0.45
C MET A 95 -6.97 -10.01 1.86
N ILE A 96 -7.45 -8.97 2.53
CA ILE A 96 -7.07 -8.70 3.90
C ILE A 96 -8.32 -8.43 4.73
N ARG A 97 -8.15 -8.18 6.01
CA ARG A 97 -9.28 -7.94 6.90
C ARG A 97 -9.57 -6.45 7.00
N PHE A 98 -8.56 -5.70 7.38
CA PHE A 98 -8.70 -4.26 7.52
C PHE A 98 -7.35 -3.60 7.26
N ASN A 99 -7.38 -2.31 6.96
CA ASN A 99 -6.16 -1.55 6.66
C ASN A 99 -5.18 -1.60 7.83
N PRO A 100 -4.01 -2.23 7.62
CA PRO A 100 -2.96 -2.26 8.65
C PRO A 100 -2.32 -0.88 8.82
N ALA A 101 -2.49 -0.04 7.81
CA ALA A 101 -1.96 1.31 7.83
C ALA A 101 -3.04 2.31 8.29
N TYR A 102 -4.08 1.79 8.90
CA TYR A 102 -5.17 2.62 9.39
C TYR A 102 -4.98 2.93 10.87
N ASP A 103 -4.62 1.89 11.62
CA ASP A 103 -4.51 1.98 13.08
C ASP A 103 -3.28 2.77 13.54
N LEU A 104 -2.47 3.21 12.59
CA LEU A 104 -1.30 4.01 12.93
C LEU A 104 -1.70 5.46 13.17
N GLU A 105 -2.89 5.84 12.70
CA GLU A 105 -3.40 7.17 12.95
C GLU A 105 -4.03 7.21 14.33
N GLY A 106 -3.28 7.74 15.29
CA GLY A 106 -3.69 7.70 16.67
C GLY A 106 -2.63 7.06 17.53
N ALA A 107 -1.63 6.50 16.87
CA ALA A 107 -0.50 5.90 17.57
C ALA A 107 0.46 6.98 18.04
N VAL A 108 0.79 6.97 19.33
CA VAL A 108 1.63 8.01 19.92
C VAL A 108 3.09 7.89 19.47
N GLN A 109 3.34 6.94 18.58
CA GLN A 109 4.67 6.73 18.04
C GLN A 109 5.10 7.90 17.17
N LYS A 110 4.15 8.50 16.47
CA LYS A 110 4.43 9.67 15.64
C LYS A 110 3.56 10.84 16.09
N LEU A 111 3.15 10.79 17.34
CA LEU A 111 2.43 11.90 17.95
C LEU A 111 3.30 12.50 19.05
N GLU A 112 4.50 12.92 18.66
CA GLU A 112 5.46 13.46 19.61
C GLU A 112 4.91 14.71 20.28
N HIS A 113 5.28 14.91 21.54
CA HIS A 113 4.88 16.09 22.27
C HIS A 113 5.74 17.26 21.82
N HIS A 114 6.94 16.92 21.38
CA HIS A 114 7.81 17.85 20.70
C HIS A 114 8.28 17.21 19.40
N HIS A 115 7.64 17.58 18.30
CA HIS A 115 7.97 17.00 17.00
C HIS A 115 9.36 17.43 16.60
N HIS A 116 10.28 16.48 16.56
CA HIS A 116 11.69 16.80 16.37
C HIS A 116 12.01 16.97 14.89
N HIS A 117 12.92 17.89 14.62
CA HIS A 117 13.44 18.11 13.28
C HIS A 117 14.83 17.50 13.19
N HIS A 118 15.34 17.06 14.33
CA HIS A 118 16.65 16.45 14.43
C HIS A 118 16.56 15.18 15.27
N LYS A 1 -13.96 -20.88 -11.14
CA LYS A 1 -14.17 -19.44 -11.38
C LYS A 1 -13.82 -19.08 -12.82
N SER A 2 -14.65 -18.24 -13.43
CA SER A 2 -14.35 -17.70 -14.75
C SER A 2 -13.76 -16.30 -14.58
N VAL A 3 -12.45 -16.21 -14.74
CA VAL A 3 -11.77 -14.94 -14.56
C VAL A 3 -11.27 -14.40 -15.89
N GLN A 4 -10.96 -13.11 -15.91
CA GLN A 4 -10.45 -12.48 -17.12
C GLN A 4 -8.99 -12.87 -17.34
N GLU A 5 -8.18 -12.60 -16.32
CA GLU A 5 -6.77 -12.96 -16.35
C GLU A 5 -6.46 -13.93 -15.21
N LYS A 6 -5.51 -14.82 -15.45
CA LYS A 6 -5.16 -15.85 -14.49
C LYS A 6 -4.49 -15.24 -13.27
N ARG A 7 -3.72 -14.19 -13.48
CA ARG A 7 -2.98 -13.54 -12.40
C ARG A 7 -3.90 -12.73 -11.50
N ASN A 8 -5.17 -12.64 -11.85
CA ASN A 8 -6.14 -11.97 -11.00
C ASN A 8 -6.42 -12.82 -9.76
N ASN A 9 -5.95 -14.06 -9.80
CA ASN A 9 -6.02 -14.96 -8.66
C ASN A 9 -4.92 -14.60 -7.67
N THR A 10 -3.74 -14.28 -8.21
CA THR A 10 -2.62 -13.90 -7.36
C THR A 10 -2.82 -12.49 -6.81
N ARG A 11 -2.87 -12.39 -5.49
CA ARG A 11 -3.20 -11.16 -4.81
C ARG A 11 -1.96 -10.39 -4.40
N ALA A 12 -0.92 -10.49 -5.23
CA ALA A 12 0.28 -9.68 -5.09
C ALA A 12 -0.09 -8.21 -5.22
N PHE A 13 0.53 -7.39 -4.38
CA PHE A 13 0.24 -5.95 -4.32
C PHE A 13 0.29 -5.33 -5.71
N LYS A 14 1.23 -5.79 -6.52
CA LYS A 14 1.39 -5.28 -7.88
C LYS A 14 0.16 -5.59 -8.73
N THR A 15 -0.24 -6.85 -8.72
CA THR A 15 -1.38 -7.32 -9.50
C THR A 15 -2.67 -6.64 -9.04
N VAL A 16 -2.79 -6.44 -7.75
CA VAL A 16 -3.98 -5.81 -7.18
C VAL A 16 -4.01 -4.32 -7.47
N ALA A 17 -2.86 -3.68 -7.34
CA ALA A 17 -2.75 -2.26 -7.68
C ALA A 17 -3.02 -2.04 -9.16
N LYS A 18 -2.67 -3.04 -9.96
CA LYS A 18 -2.98 -3.03 -11.39
C LYS A 18 -4.49 -2.92 -11.59
N SER A 19 -5.24 -3.74 -10.87
CA SER A 19 -6.70 -3.72 -10.93
C SER A 19 -7.23 -2.40 -10.39
N TRP A 20 -6.56 -1.86 -9.39
CA TRP A 20 -6.92 -0.57 -8.82
C TRP A 20 -6.68 0.54 -9.84
N PHE A 21 -5.56 0.44 -10.55
CA PHE A 21 -5.20 1.42 -11.57
C PHE A 21 -6.15 1.36 -12.76
N ALA A 22 -6.80 0.21 -12.93
CA ALA A 22 -7.74 0.00 -14.02
C ALA A 22 -9.16 0.39 -13.63
N THR A 23 -9.37 0.71 -12.36
CA THR A 23 -10.69 1.09 -11.89
C THR A 23 -10.71 2.53 -11.37
N LYS A 24 -9.68 2.90 -10.63
CA LYS A 24 -9.55 4.26 -10.11
C LYS A 24 -9.25 5.21 -11.26
N THR A 25 -10.22 6.04 -11.61
CA THR A 25 -10.07 6.97 -12.71
C THR A 25 -10.35 8.40 -12.25
N THR A 26 -10.09 8.63 -10.97
CA THR A 26 -10.39 9.92 -10.35
C THR A 26 -9.32 10.97 -10.70
N TRP A 27 -8.13 10.51 -11.03
CA TRP A 27 -7.04 11.40 -11.39
C TRP A 27 -6.80 11.36 -12.90
N SER A 28 -6.03 12.31 -13.40
CA SER A 28 -5.69 12.34 -14.81
C SER A 28 -4.53 11.38 -15.08
N GLU A 29 -4.42 10.90 -16.32
CA GLU A 29 -3.41 9.92 -16.69
C GLU A 29 -2.01 10.37 -16.33
N ASP A 30 -1.71 11.64 -16.57
CA ASP A 30 -0.37 12.17 -16.28
C ASP A 30 -0.03 12.06 -14.80
N TYR A 31 -0.96 12.47 -13.95
CA TYR A 31 -0.73 12.46 -12.52
C TYR A 31 -0.81 11.04 -11.98
N GLN A 32 -1.80 10.28 -12.43
CA GLN A 32 -2.03 8.95 -11.91
C GLN A 32 -0.94 7.98 -12.36
N ARG A 33 -0.37 8.21 -13.55
CA ARG A 33 0.76 7.40 -14.00
C ARG A 33 1.99 7.74 -13.16
N SER A 34 2.10 9.02 -12.78
CA SER A 34 3.13 9.44 -11.86
C SER A 34 2.94 8.75 -10.51
N VAL A 35 1.68 8.51 -10.15
CA VAL A 35 1.34 7.74 -8.95
C VAL A 35 1.72 6.28 -9.13
N TRP A 36 1.36 5.73 -10.28
CA TRP A 36 1.63 4.33 -10.59
C TRP A 36 3.12 4.02 -10.50
N THR A 37 3.93 4.75 -11.26
CA THR A 37 5.37 4.54 -11.25
C THR A 37 5.99 4.93 -9.91
N ARG A 38 5.32 5.83 -9.19
CA ARG A 38 5.73 6.19 -7.84
C ARG A 38 5.65 4.96 -6.95
N LEU A 39 4.53 4.25 -7.08
CA LEU A 39 4.32 3.01 -6.36
C LEU A 39 5.35 1.97 -6.81
N GLU A 40 5.51 1.83 -8.12
CA GLU A 40 6.45 0.87 -8.71
C GLU A 40 7.87 1.04 -8.15
N THR A 41 8.24 2.28 -7.89
CA THR A 41 9.61 2.59 -7.50
C THR A 41 9.84 2.44 -5.99
N TYR A 42 8.86 2.84 -5.18
CA TYR A 42 9.07 2.91 -3.74
C TYR A 42 8.30 1.84 -2.97
N LEU A 43 7.07 1.57 -3.38
CA LEU A 43 6.17 0.74 -2.58
C LEU A 43 6.14 -0.71 -3.09
N PHE A 44 6.07 -0.86 -4.40
CA PHE A 44 6.00 -2.18 -5.05
C PHE A 44 7.21 -3.11 -4.76
N PRO A 45 8.46 -2.61 -4.67
CA PRO A 45 9.63 -3.49 -4.53
C PRO A 45 9.58 -4.36 -3.28
N ASP A 46 9.06 -3.80 -2.19
CA ASP A 46 9.11 -4.47 -0.90
C ASP A 46 7.96 -5.46 -0.72
N ILE A 47 6.75 -5.03 -1.06
CA ILE A 47 5.54 -5.81 -0.79
C ILE A 47 4.95 -6.41 -2.06
N GLY A 48 5.54 -6.07 -3.20
CA GLY A 48 4.95 -6.42 -4.48
C GLY A 48 4.88 -7.91 -4.73
N ASN A 49 5.93 -8.63 -4.37
CA ASN A 49 5.97 -10.07 -4.63
C ASN A 49 5.44 -10.84 -3.43
N LYS A 50 4.95 -10.12 -2.44
CA LYS A 50 4.37 -10.74 -1.26
C LYS A 50 2.88 -10.94 -1.47
N ASP A 51 2.34 -11.95 -0.81
CA ASP A 51 0.94 -12.36 -1.00
C ASP A 51 -0.03 -11.41 -0.32
N ILE A 52 0.49 -10.30 0.22
CA ILE A 52 -0.33 -9.22 0.80
C ILE A 52 -0.95 -9.60 2.14
N ALA A 53 -1.57 -10.78 2.22
CA ALA A 53 -2.32 -11.18 3.41
C ALA A 53 -1.42 -11.33 4.64
N GLU A 54 -0.14 -11.58 4.41
CA GLU A 54 0.79 -11.83 5.50
C GLU A 54 1.63 -10.60 5.81
N LEU A 55 1.28 -9.47 5.19
CA LEU A 55 2.00 -8.23 5.42
C LEU A 55 1.57 -7.60 6.74
N ASP A 56 2.54 -7.21 7.55
CA ASP A 56 2.27 -6.57 8.83
C ASP A 56 2.42 -5.06 8.68
N THR A 57 1.91 -4.32 9.65
CA THR A 57 2.04 -2.88 9.67
C THR A 57 3.52 -2.48 9.59
N GLY A 58 4.36 -3.27 10.27
CA GLY A 58 5.79 -3.00 10.27
C GLY A 58 6.41 -3.16 8.91
N ASP A 59 5.92 -4.13 8.14
CA ASP A 59 6.44 -4.38 6.80
C ASP A 59 6.07 -3.25 5.86
N LEU A 60 4.94 -2.61 6.15
CA LEU A 60 4.50 -1.46 5.39
C LEU A 60 5.25 -0.20 5.82
N LEU A 61 5.60 -0.17 7.10
CA LEU A 61 6.36 0.94 7.63
C LEU A 61 7.75 1.01 7.01
N VAL A 62 8.30 -0.14 6.64
CA VAL A 62 9.63 -0.18 6.03
C VAL A 62 9.72 0.71 4.79
N PRO A 63 8.91 0.46 3.73
CA PRO A 63 8.92 1.30 2.53
C PRO A 63 8.56 2.75 2.84
N ILE A 64 7.58 2.96 3.72
CA ILE A 64 7.19 4.31 4.09
C ILE A 64 8.35 5.04 4.77
N LYS A 65 9.03 4.34 5.66
CA LYS A 65 10.13 4.88 6.43
C LYS A 65 11.32 5.23 5.54
N LYS A 66 11.62 4.37 4.56
CA LYS A 66 12.73 4.64 3.67
C LYS A 66 12.42 5.80 2.73
N ILE A 67 11.14 6.10 2.56
CA ILE A 67 10.75 7.31 1.84
C ILE A 67 10.88 8.53 2.76
N GLU A 68 10.50 8.33 4.01
CA GLU A 68 10.69 9.35 5.04
C GLU A 68 12.16 9.73 5.14
N LYS A 69 13.01 8.72 5.27
CA LYS A 69 14.46 8.90 5.33
C LYS A 69 14.98 9.49 4.01
N LEU A 70 14.23 9.29 2.94
CA LEU A 70 14.62 9.80 1.63
C LEU A 70 14.50 11.32 1.61
N GLY A 71 13.80 11.86 2.60
CA GLY A 71 13.69 13.29 2.75
C GLY A 71 12.34 13.81 2.30
N TYR A 72 11.56 12.96 1.66
CA TYR A 72 10.29 13.38 1.11
C TYR A 72 9.15 12.95 2.03
N LEU A 73 8.94 13.74 3.09
CA LEU A 73 7.85 13.49 4.03
C LEU A 73 6.51 13.58 3.31
N GLU A 74 6.43 14.48 2.35
CA GLU A 74 5.22 14.64 1.55
C GLU A 74 4.91 13.36 0.79
N ILE A 75 5.90 12.86 0.07
CA ILE A 75 5.74 11.63 -0.70
C ILE A 75 5.40 10.47 0.22
N ALA A 76 6.01 10.43 1.40
CA ALA A 76 5.69 9.40 2.39
C ALA A 76 4.21 9.42 2.75
N MET A 77 3.68 10.62 2.97
CA MET A 77 2.25 10.79 3.25
C MET A 77 1.42 10.47 2.02
N ARG A 78 1.85 10.98 0.88
CA ARG A 78 1.13 10.80 -0.38
C ARG A 78 1.06 9.32 -0.79
N VAL A 79 2.16 8.60 -0.65
CA VAL A 79 2.20 7.18 -0.98
C VAL A 79 1.29 6.39 -0.05
N LYS A 80 1.28 6.75 1.23
CA LYS A 80 0.39 6.11 2.20
C LYS A 80 -1.07 6.30 1.79
N GLN A 81 -1.38 7.48 1.26
CA GLN A 81 -2.72 7.78 0.80
C GLN A 81 -3.13 6.81 -0.32
N TYR A 82 -2.23 6.64 -1.29
CA TYR A 82 -2.48 5.73 -2.41
C TYR A 82 -2.60 4.30 -1.90
N ALA A 83 -1.67 3.93 -1.03
CA ALA A 83 -1.64 2.58 -0.46
C ALA A 83 -2.93 2.28 0.28
N THR A 84 -3.41 3.23 1.07
CA THR A 84 -4.63 3.05 1.86
C THR A 84 -5.82 2.78 0.94
N ALA A 85 -5.88 3.47 -0.20
CA ALA A 85 -6.94 3.26 -1.17
C ALA A 85 -6.88 1.85 -1.74
N ILE A 86 -5.66 1.39 -2.03
CA ILE A 86 -5.45 0.04 -2.52
C ILE A 86 -5.78 -0.98 -1.44
N MET A 87 -5.46 -0.66 -0.20
CA MET A 87 -5.75 -1.54 0.93
C MET A 87 -7.25 -1.71 1.13
N ARG A 88 -8.01 -0.65 0.84
CA ARG A 88 -9.46 -0.73 0.91
C ARG A 88 -9.97 -1.66 -0.19
N TYR A 89 -9.38 -1.57 -1.37
CA TYR A 89 -9.70 -2.46 -2.47
C TYR A 89 -9.28 -3.89 -2.12
N ALA A 90 -8.23 -4.00 -1.32
CA ALA A 90 -7.76 -5.28 -0.83
C ALA A 90 -8.80 -5.94 0.07
N VAL A 91 -9.31 -5.19 1.04
CA VAL A 91 -10.35 -5.71 1.94
C VAL A 91 -11.60 -6.06 1.13
N GLN A 92 -11.85 -5.30 0.08
CA GLN A 92 -13.00 -5.51 -0.78
C GLN A 92 -12.89 -6.84 -1.54
N GLN A 93 -11.65 -7.26 -1.79
CA GLN A 93 -11.42 -8.55 -2.45
C GLN A 93 -11.09 -9.64 -1.41
N LYS A 94 -11.22 -9.27 -0.14
CA LYS A 94 -10.98 -10.18 0.98
C LYS A 94 -9.50 -10.60 1.03
N MET A 95 -8.65 -9.72 0.55
CA MET A 95 -7.20 -9.94 0.58
C MET A 95 -6.70 -9.77 2.01
N ILE A 96 -7.03 -8.62 2.59
CA ILE A 96 -6.71 -8.33 3.98
C ILE A 96 -8.00 -8.06 4.72
N ARG A 97 -8.00 -8.31 6.02
CA ARG A 97 -9.23 -8.20 6.80
C ARG A 97 -9.46 -6.77 7.26
N PHE A 98 -8.37 -6.06 7.55
CA PHE A 98 -8.46 -4.66 7.98
C PHE A 98 -7.30 -3.86 7.44
N ASN A 99 -7.33 -2.55 7.67
CA ASN A 99 -6.30 -1.65 7.18
C ASN A 99 -5.25 -1.40 8.27
N PRO A 100 -4.00 -1.83 8.03
CA PRO A 100 -2.91 -1.70 9.00
C PRO A 100 -2.42 -0.26 9.16
N ALA A 101 -2.74 0.60 8.19
CA ALA A 101 -2.29 1.98 8.24
C ALA A 101 -3.05 2.77 9.32
N TYR A 102 -4.32 2.45 9.48
CA TYR A 102 -5.13 3.05 10.54
C TYR A 102 -4.87 2.35 11.87
N ASP A 103 -4.32 1.14 11.78
CA ASP A 103 -4.12 0.27 12.95
C ASP A 103 -3.19 0.90 13.98
N LEU A 104 -2.35 1.83 13.53
CA LEU A 104 -1.43 2.52 14.43
C LEU A 104 -2.17 3.49 15.33
N GLU A 105 -3.31 4.00 14.85
CA GLU A 105 -4.10 5.02 15.56
C GLU A 105 -3.36 6.35 15.65
N GLY A 106 -2.18 6.33 16.24
CA GLY A 106 -1.41 7.54 16.43
C GLY A 106 -0.16 7.30 17.24
N ALA A 107 0.58 6.25 16.88
CA ALA A 107 1.82 5.92 17.55
C ALA A 107 2.84 7.04 17.38
N VAL A 108 2.74 7.75 16.27
CA VAL A 108 3.59 8.89 16.00
C VAL A 108 2.77 9.98 15.31
N GLN A 109 2.89 11.20 15.80
CA GLN A 109 2.14 12.32 15.24
C GLN A 109 3.07 13.51 15.00
N LYS A 110 2.53 14.61 14.48
CA LYS A 110 3.32 15.80 14.20
C LYS A 110 3.97 16.37 15.47
N LEU A 111 3.36 16.10 16.60
CA LEU A 111 3.87 16.56 17.88
C LEU A 111 5.09 15.74 18.32
N GLU A 112 5.22 14.56 17.73
CA GLU A 112 6.28 13.64 18.10
C GLU A 112 7.40 13.63 17.08
N HIS A 113 8.54 13.12 17.49
CA HIS A 113 9.70 13.01 16.61
C HIS A 113 10.36 11.65 16.79
N HIS A 114 11.38 11.38 16.01
CA HIS A 114 12.08 10.09 16.08
C HIS A 114 13.00 10.04 17.29
N HIS A 115 13.35 11.22 17.80
CA HIS A 115 14.11 11.32 19.04
C HIS A 115 13.29 12.04 20.10
N HIS A 116 12.64 11.28 20.96
CA HIS A 116 11.84 11.86 22.03
C HIS A 116 12.71 12.04 23.27
N HIS A 117 13.35 13.19 23.38
CA HIS A 117 14.19 13.49 24.53
C HIS A 117 13.57 14.60 25.36
N HIS A 118 13.58 14.44 26.67
CA HIS A 118 13.08 15.48 27.56
C HIS A 118 14.21 16.37 28.03
N LYS A 1 -15.12 -7.15 -22.62
CA LYS A 1 -16.60 -7.05 -22.67
C LYS A 1 -17.26 -8.14 -21.81
N SER A 2 -16.50 -9.15 -21.43
CA SER A 2 -17.00 -10.17 -20.51
C SER A 2 -16.88 -9.68 -19.07
N VAL A 3 -17.74 -10.19 -18.20
CA VAL A 3 -17.65 -9.86 -16.79
C VAL A 3 -16.34 -10.38 -16.22
N GLN A 4 -16.03 -11.64 -16.54
CA GLN A 4 -14.80 -12.26 -16.11
C GLN A 4 -14.20 -13.05 -17.27
N GLU A 5 -12.95 -12.73 -17.61
CA GLU A 5 -12.26 -13.41 -18.70
C GLU A 5 -11.41 -14.56 -18.14
N LYS A 6 -10.47 -15.05 -18.94
CA LYS A 6 -9.65 -16.19 -18.55
C LYS A 6 -8.44 -15.75 -17.74
N ARG A 7 -8.59 -14.64 -17.03
CA ARG A 7 -7.51 -14.09 -16.22
C ARG A 7 -7.68 -14.52 -14.77
N ASN A 8 -6.73 -14.13 -13.93
CA ASN A 8 -6.80 -14.46 -12.51
C ASN A 8 -6.29 -13.29 -11.67
N ASN A 9 -7.20 -12.61 -10.99
CA ASN A 9 -6.83 -11.53 -10.10
C ASN A 9 -6.21 -12.09 -8.83
N THR A 10 -4.90 -12.26 -8.86
CA THR A 10 -4.17 -12.77 -7.72
C THR A 10 -4.08 -11.70 -6.63
N ARG A 11 -4.26 -12.11 -5.39
CA ARG A 11 -4.25 -11.19 -4.25
C ARG A 11 -2.84 -10.76 -3.86
N ALA A 12 -1.98 -10.59 -4.85
CA ALA A 12 -0.65 -10.05 -4.62
C ALA A 12 -0.69 -8.54 -4.83
N PHE A 13 0.16 -7.82 -4.12
CA PHE A 13 0.13 -6.36 -4.15
C PHE A 13 0.29 -5.83 -5.57
N LYS A 14 1.28 -6.34 -6.29
CA LYS A 14 1.54 -5.87 -7.66
C LYS A 14 0.33 -6.07 -8.56
N THR A 15 -0.34 -7.20 -8.41
CA THR A 15 -1.49 -7.54 -9.23
C THR A 15 -2.69 -6.67 -8.86
N VAL A 16 -2.96 -6.60 -7.56
CA VAL A 16 -4.12 -5.87 -7.06
C VAL A 16 -3.96 -4.36 -7.25
N ALA A 17 -2.74 -3.87 -7.09
CA ALA A 17 -2.46 -2.46 -7.33
C ALA A 17 -2.72 -2.11 -8.79
N LYS A 18 -2.38 -3.03 -9.68
CA LYS A 18 -2.63 -2.84 -11.11
C LYS A 18 -4.14 -2.84 -11.40
N SER A 19 -4.86 -3.76 -10.77
CA SER A 19 -6.31 -3.81 -10.89
C SER A 19 -6.93 -2.55 -10.31
N TRP A 20 -6.39 -2.10 -9.18
CA TRP A 20 -6.82 -0.86 -8.54
C TRP A 20 -6.64 0.31 -9.49
N PHE A 21 -5.46 0.38 -10.11
CA PHE A 21 -5.14 1.45 -11.05
C PHE A 21 -6.08 1.45 -12.25
N ALA A 22 -6.48 0.25 -12.68
CA ALA A 22 -7.38 0.12 -13.82
C ALA A 22 -8.83 0.38 -13.42
N THR A 23 -9.11 0.26 -12.14
CA THR A 23 -10.47 0.44 -11.63
C THR A 23 -10.69 1.89 -11.20
N LYS A 24 -9.80 2.42 -10.40
CA LYS A 24 -9.95 3.75 -9.85
C LYS A 24 -9.39 4.79 -10.81
N THR A 25 -10.23 5.74 -11.18
CA THR A 25 -9.86 6.79 -12.10
C THR A 25 -10.44 8.12 -11.64
N THR A 26 -9.96 8.58 -10.48
CA THR A 26 -10.43 9.84 -9.90
C THR A 26 -9.45 10.97 -10.19
N TRP A 27 -8.34 10.63 -10.82
CA TRP A 27 -7.31 11.62 -11.14
C TRP A 27 -7.12 11.70 -12.65
N SER A 28 -6.18 12.52 -13.07
CA SER A 28 -5.83 12.62 -14.48
C SER A 28 -4.85 11.51 -14.86
N GLU A 29 -4.76 11.21 -16.14
CA GLU A 29 -3.91 10.13 -16.62
C GLU A 29 -2.44 10.38 -16.28
N ASP A 30 -1.99 11.62 -16.46
CA ASP A 30 -0.59 11.96 -16.17
C ASP A 30 -0.30 11.84 -14.69
N TYR A 31 -1.25 12.27 -13.86
CA TYR A 31 -1.08 12.18 -12.42
C TYR A 31 -1.11 10.73 -11.99
N GLN A 32 -2.04 9.96 -12.54
CA GLN A 32 -2.12 8.53 -12.24
C GLN A 32 -0.87 7.81 -12.73
N ARG A 33 -0.36 8.22 -13.89
CA ARG A 33 0.87 7.67 -14.43
C ARG A 33 2.02 7.88 -13.47
N SER A 34 2.17 9.11 -12.98
CA SER A 34 3.25 9.43 -12.06
C SER A 34 3.02 8.75 -10.71
N VAL A 35 1.76 8.65 -10.28
CA VAL A 35 1.43 7.91 -9.07
C VAL A 35 1.84 6.45 -9.22
N TRP A 36 1.39 5.83 -10.30
CA TRP A 36 1.68 4.44 -10.60
C TRP A 36 3.20 4.19 -10.66
N THR A 37 3.90 5.03 -11.42
CA THR A 37 5.34 4.93 -11.56
C THR A 37 6.03 5.13 -10.22
N ARG A 38 5.52 6.07 -9.43
CA ARG A 38 6.07 6.35 -8.11
C ARG A 38 5.90 5.13 -7.21
N LEU A 39 4.76 4.47 -7.34
CA LEU A 39 4.48 3.25 -6.59
C LEU A 39 5.51 2.18 -6.97
N GLU A 40 5.75 2.01 -8.27
CA GLU A 40 6.73 1.05 -8.75
C GLU A 40 8.12 1.37 -8.22
N THR A 41 8.35 2.64 -7.93
CA THR A 41 9.67 3.11 -7.51
C THR A 41 9.95 2.79 -6.03
N TYR A 42 9.03 3.16 -5.15
CA TYR A 42 9.29 3.06 -3.71
C TYR A 42 8.47 1.96 -3.03
N LEU A 43 7.29 1.66 -3.57
CA LEU A 43 6.34 0.80 -2.90
C LEU A 43 6.41 -0.63 -3.42
N PHE A 44 6.36 -0.77 -4.74
CA PHE A 44 6.40 -2.09 -5.40
C PHE A 44 7.66 -2.93 -5.11
N PRO A 45 8.88 -2.34 -5.02
CA PRO A 45 10.12 -3.12 -4.91
C PRO A 45 10.21 -3.93 -3.62
N ASP A 46 9.33 -3.65 -2.67
CA ASP A 46 9.36 -4.34 -1.38
C ASP A 46 8.19 -5.30 -1.25
N ILE A 47 6.97 -4.79 -1.40
CA ILE A 47 5.76 -5.57 -1.18
C ILE A 47 5.18 -6.12 -2.49
N GLY A 48 5.83 -5.83 -3.60
CA GLY A 48 5.34 -6.25 -4.90
C GLY A 48 5.17 -7.76 -5.00
N ASN A 49 6.22 -8.48 -4.61
CA ASN A 49 6.18 -9.94 -4.66
C ASN A 49 6.17 -10.53 -3.26
N LYS A 50 5.81 -9.70 -2.30
CA LYS A 50 5.62 -10.16 -0.93
C LYS A 50 4.14 -10.31 -0.69
N ASP A 51 3.73 -11.45 -0.17
CA ASP A 51 2.31 -11.77 -0.05
C ASP A 51 1.57 -10.71 0.76
N ILE A 52 0.43 -10.29 0.25
CA ILE A 52 -0.34 -9.18 0.82
C ILE A 52 -0.92 -9.57 2.19
N ALA A 53 -1.18 -10.86 2.39
CA ALA A 53 -1.73 -11.34 3.64
C ALA A 53 -0.61 -11.73 4.59
N GLU A 54 0.60 -11.64 4.08
CA GLU A 54 1.80 -11.94 4.84
C GLU A 54 2.45 -10.63 5.27
N LEU A 55 1.78 -9.53 4.95
CA LEU A 55 2.26 -8.20 5.28
C LEU A 55 1.80 -7.78 6.67
N ASP A 56 2.76 -7.37 7.48
CA ASP A 56 2.49 -6.81 8.80
C ASP A 56 2.45 -5.29 8.68
N THR A 57 1.91 -4.62 9.69
CA THR A 57 1.92 -3.16 9.73
C THR A 57 3.34 -2.63 9.57
N GLY A 58 4.28 -3.28 10.26
CA GLY A 58 5.67 -2.88 10.19
C GLY A 58 6.26 -3.09 8.81
N ASP A 59 5.80 -4.15 8.14
CA ASP A 59 6.26 -4.46 6.78
C ASP A 59 5.97 -3.30 5.84
N LEU A 60 4.76 -2.77 5.94
CA LEU A 60 4.32 -1.68 5.09
C LEU A 60 4.98 -0.37 5.52
N LEU A 61 5.25 -0.26 6.81
CA LEU A 61 5.93 0.91 7.34
C LEU A 61 7.34 1.01 6.80
N VAL A 62 7.94 -0.12 6.42
CA VAL A 62 9.30 -0.11 5.89
C VAL A 62 9.41 0.77 4.65
N PRO A 63 8.69 0.48 3.54
CA PRO A 63 8.71 1.33 2.35
C PRO A 63 8.26 2.76 2.64
N ILE A 64 7.24 2.92 3.48
CA ILE A 64 6.76 4.26 3.85
C ILE A 64 7.86 5.05 4.57
N LYS A 65 8.48 4.41 5.54
CA LYS A 65 9.59 4.99 6.31
C LYS A 65 10.80 5.22 5.42
N LYS A 66 10.97 4.34 4.44
CA LYS A 66 12.05 4.46 3.46
C LYS A 66 11.97 5.80 2.73
N ILE A 67 10.74 6.22 2.41
CA ILE A 67 10.54 7.50 1.73
C ILE A 67 10.69 8.65 2.72
N GLU A 68 10.30 8.41 3.96
CA GLU A 68 10.48 9.38 5.04
C GLU A 68 11.96 9.72 5.18
N LYS A 69 12.80 8.68 5.25
CA LYS A 69 14.24 8.85 5.40
C LYS A 69 14.89 9.22 4.07
N LEU A 70 14.08 9.32 3.02
CA LEU A 70 14.55 9.81 1.74
C LEU A 70 14.54 11.34 1.75
N GLY A 71 13.90 11.90 2.76
CA GLY A 71 13.82 13.33 2.91
C GLY A 71 12.58 13.90 2.26
N TYR A 72 11.65 13.03 1.91
CA TYR A 72 10.42 13.45 1.25
C TYR A 72 9.20 12.98 2.04
N LEU A 73 8.80 13.80 3.00
CA LEU A 73 7.67 13.48 3.86
C LEU A 73 6.37 13.44 3.06
N GLU A 74 6.18 14.41 2.18
CA GLU A 74 4.97 14.49 1.36
C GLU A 74 4.83 13.24 0.51
N ILE A 75 5.91 12.87 -0.18
CA ILE A 75 5.91 11.69 -1.02
C ILE A 75 5.54 10.46 -0.20
N ALA A 76 6.16 10.31 0.97
CA ALA A 76 5.89 9.19 1.86
C ALA A 76 4.41 9.15 2.25
N MET A 77 3.89 10.27 2.74
CA MET A 77 2.50 10.34 3.18
C MET A 77 1.54 10.11 2.02
N ARG A 78 1.87 10.63 0.85
CA ARG A 78 0.98 10.53 -0.32
C ARG A 78 1.01 9.11 -0.89
N VAL A 79 2.18 8.50 -0.95
CA VAL A 79 2.29 7.10 -1.37
C VAL A 79 1.54 6.21 -0.38
N LYS A 80 1.67 6.55 0.89
CA LYS A 80 0.94 5.88 1.95
C LYS A 80 -0.57 6.10 1.78
N GLN A 81 -0.94 7.28 1.31
CA GLN A 81 -2.34 7.59 1.05
C GLN A 81 -2.87 6.75 -0.11
N TYR A 82 -2.10 6.66 -1.19
CA TYR A 82 -2.44 5.79 -2.30
C TYR A 82 -2.61 4.36 -1.81
N ALA A 83 -1.61 3.91 -1.05
CA ALA A 83 -1.62 2.56 -0.48
C ALA A 83 -2.84 2.33 0.40
N THR A 84 -3.22 3.34 1.16
CA THR A 84 -4.40 3.26 2.02
C THR A 84 -5.65 2.95 1.19
N ALA A 85 -5.75 3.58 0.02
CA ALA A 85 -6.87 3.34 -0.87
C ALA A 85 -6.81 1.93 -1.44
N ILE A 86 -5.59 1.49 -1.75
CA ILE A 86 -5.36 0.14 -2.25
C ILE A 86 -5.71 -0.89 -1.18
N MET A 87 -5.37 -0.59 0.05
CA MET A 87 -5.66 -1.49 1.17
C MET A 87 -7.15 -1.62 1.40
N ARG A 88 -7.87 -0.50 1.26
CA ARG A 88 -9.32 -0.52 1.39
C ARG A 88 -9.93 -1.32 0.24
N TYR A 89 -9.34 -1.19 -0.94
CA TYR A 89 -9.73 -1.99 -2.09
C TYR A 89 -9.43 -3.46 -1.82
N ALA A 90 -8.30 -3.72 -1.17
CA ALA A 90 -7.91 -5.06 -0.78
C ALA A 90 -8.92 -5.67 0.18
N VAL A 91 -9.40 -4.87 1.12
CA VAL A 91 -10.42 -5.32 2.06
C VAL A 91 -11.71 -5.66 1.31
N GLN A 92 -12.03 -4.84 0.31
CA GLN A 92 -13.21 -5.08 -0.52
C GLN A 92 -13.08 -6.39 -1.30
N GLN A 93 -11.85 -6.75 -1.64
CA GLN A 93 -11.59 -8.00 -2.33
C GLN A 93 -11.31 -9.11 -1.32
N LYS A 94 -11.52 -8.80 -0.04
CA LYS A 94 -11.38 -9.76 1.05
C LYS A 94 -9.96 -10.34 1.09
N MET A 95 -9.00 -9.47 0.90
CA MET A 95 -7.59 -9.84 0.88
C MET A 95 -6.98 -9.75 2.28
N ILE A 96 -7.16 -8.60 2.92
CA ILE A 96 -6.52 -8.35 4.20
C ILE A 96 -7.56 -8.10 5.29
N ARG A 97 -7.14 -8.30 6.53
CA ARG A 97 -8.01 -8.09 7.68
C ARG A 97 -7.91 -6.63 8.13
N PHE A 98 -8.65 -5.77 7.42
CA PHE A 98 -8.66 -4.33 7.68
C PHE A 98 -7.33 -3.69 7.25
N ASN A 99 -7.32 -2.36 7.15
CA ASN A 99 -6.14 -1.66 6.67
C ASN A 99 -5.11 -1.50 7.78
N PRO A 100 -3.91 -2.07 7.61
CA PRO A 100 -2.81 -1.92 8.57
C PRO A 100 -2.31 -0.47 8.64
N ALA A 101 -2.65 0.31 7.61
CA ALA A 101 -2.20 1.70 7.53
C ALA A 101 -2.97 2.60 8.49
N TYR A 102 -3.86 2.03 9.29
CA TYR A 102 -4.54 2.79 10.33
C TYR A 102 -3.70 2.77 11.60
N ASP A 103 -2.52 2.15 11.51
CA ASP A 103 -1.60 2.00 12.63
C ASP A 103 -2.23 1.16 13.73
N LEU A 104 -1.89 -0.12 13.75
CA LEU A 104 -2.51 -1.04 14.69
C LEU A 104 -1.94 -0.83 16.09
N GLU A 105 -0.73 -0.27 16.16
CA GLU A 105 -0.08 0.05 17.43
C GLU A 105 0.15 -1.20 18.27
N GLY A 106 0.39 -2.32 17.62
CA GLY A 106 0.55 -3.58 18.32
C GLY A 106 -0.71 -4.41 18.26
N ALA A 107 -1.77 -3.81 17.71
CA ALA A 107 -3.05 -4.47 17.52
C ALA A 107 -3.68 -4.86 18.85
N VAL A 108 -4.67 -5.74 18.79
CA VAL A 108 -5.35 -6.20 19.98
C VAL A 108 -4.65 -7.44 20.55
N GLN A 109 -4.63 -7.53 21.87
CA GLN A 109 -4.05 -8.68 22.54
C GLN A 109 -5.00 -9.87 22.45
N LYS A 110 -6.28 -9.57 22.56
CA LYS A 110 -7.33 -10.57 22.35
C LYS A 110 -7.94 -10.38 20.96
N LEU A 111 -7.52 -11.20 20.02
CA LEU A 111 -7.94 -11.05 18.63
C LEU A 111 -9.35 -11.59 18.43
N GLU A 112 -9.93 -11.25 17.28
CA GLU A 112 -11.27 -11.72 16.96
C GLU A 112 -11.28 -13.22 16.72
N HIS A 113 -10.35 -13.71 15.93
CA HIS A 113 -10.18 -15.15 15.75
C HIS A 113 -9.00 -15.63 16.58
N HIS A 114 -9.26 -16.55 17.49
CA HIS A 114 -8.21 -17.12 18.32
C HIS A 114 -7.56 -18.30 17.61
N HIS A 115 -8.37 -19.05 16.87
CA HIS A 115 -7.86 -20.14 16.05
C HIS A 115 -7.49 -19.61 14.68
N HIS A 116 -6.20 -19.62 14.38
CA HIS A 116 -5.72 -19.12 13.10
C HIS A 116 -5.91 -20.17 12.02
N HIS A 117 -6.79 -19.89 11.08
CA HIS A 117 -7.09 -20.82 10.00
C HIS A 117 -6.38 -20.41 8.72
N HIS A 118 -6.39 -21.31 7.76
CA HIS A 118 -5.83 -21.03 6.44
C HIS A 118 -6.52 -21.92 5.40
N LYS A 1 -21.41 -11.89 -8.95
CA LYS A 1 -22.58 -11.34 -9.67
C LYS A 1 -22.50 -9.82 -9.73
N SER A 2 -22.81 -9.17 -8.62
CA SER A 2 -22.71 -7.72 -8.52
C SER A 2 -21.26 -7.33 -8.18
N VAL A 3 -20.82 -7.76 -7.02
CA VAL A 3 -19.44 -7.55 -6.61
C VAL A 3 -18.63 -8.80 -6.89
N GLN A 4 -17.32 -8.74 -6.60
CA GLN A 4 -16.41 -9.88 -6.76
C GLN A 4 -16.21 -10.23 -8.23
N GLU A 5 -16.49 -9.27 -9.11
CA GLU A 5 -16.33 -9.49 -10.55
C GLU A 5 -14.90 -9.15 -10.99
N LYS A 6 -14.02 -9.00 -10.01
CA LYS A 6 -12.63 -8.66 -10.25
C LYS A 6 -11.73 -9.41 -9.28
N ARG A 7 -11.76 -10.73 -9.37
CA ARG A 7 -10.93 -11.57 -8.53
C ARG A 7 -9.58 -11.80 -9.17
N ASN A 8 -8.54 -11.29 -8.54
CA ASN A 8 -7.18 -11.45 -9.06
C ASN A 8 -6.60 -12.79 -8.62
N ASN A 9 -5.74 -13.35 -9.47
CA ASN A 9 -5.10 -14.62 -9.18
C ASN A 9 -4.26 -14.51 -7.91
N THR A 10 -3.26 -13.64 -7.94
CA THR A 10 -2.35 -13.48 -6.83
C THR A 10 -2.75 -12.30 -5.96
N ARG A 11 -2.71 -12.50 -4.65
CA ARG A 11 -2.97 -11.41 -3.71
C ARG A 11 -1.68 -10.62 -3.51
N ALA A 12 -1.19 -10.06 -4.60
CA ALA A 12 0.02 -9.27 -4.59
C ALA A 12 -0.29 -7.81 -4.74
N PHE A 13 0.46 -6.97 -4.04
CA PHE A 13 0.26 -5.54 -4.07
C PHE A 13 0.32 -5.02 -5.51
N LYS A 14 1.20 -5.62 -6.32
CA LYS A 14 1.34 -5.23 -7.72
C LYS A 14 0.04 -5.50 -8.48
N THR A 15 -0.40 -6.75 -8.41
CA THR A 15 -1.58 -7.19 -9.13
C THR A 15 -2.82 -6.42 -8.72
N VAL A 16 -2.97 -6.23 -7.41
CA VAL A 16 -4.15 -5.61 -6.85
C VAL A 16 -4.15 -4.10 -7.07
N ALA A 17 -3.00 -3.47 -6.90
CA ALA A 17 -2.88 -2.04 -7.16
C ALA A 17 -3.09 -1.76 -8.63
N LYS A 18 -2.74 -2.72 -9.47
CA LYS A 18 -2.96 -2.62 -10.91
C LYS A 18 -4.46 -2.67 -11.24
N SER A 19 -5.17 -3.56 -10.57
CA SER A 19 -6.62 -3.65 -10.76
C SER A 19 -7.30 -2.42 -10.17
N TRP A 20 -6.73 -1.90 -9.10
CA TRP A 20 -7.17 -0.63 -8.52
C TRP A 20 -6.93 0.50 -9.52
N PHE A 21 -5.75 0.48 -10.13
CA PHE A 21 -5.35 1.46 -11.14
C PHE A 21 -6.29 1.40 -12.35
N ALA A 22 -6.78 0.20 -12.65
CA ALA A 22 -7.69 -0.01 -13.77
C ALA A 22 -9.12 0.40 -13.42
N THR A 23 -9.42 0.40 -12.13
CA THR A 23 -10.76 0.74 -11.67
C THR A 23 -10.88 2.24 -11.38
N LYS A 24 -9.85 2.80 -10.74
CA LYS A 24 -9.85 4.21 -10.40
C LYS A 24 -9.06 5.02 -11.40
N THR A 25 -9.75 5.88 -12.11
CA THR A 25 -9.13 6.76 -13.08
C THR A 25 -9.42 8.22 -12.74
N THR A 26 -9.48 8.50 -11.45
CA THR A 26 -9.79 9.84 -10.96
C THR A 26 -8.74 10.86 -11.38
N TRP A 27 -7.48 10.45 -11.34
CA TRP A 27 -6.39 11.35 -11.71
C TRP A 27 -6.16 11.32 -13.20
N SER A 28 -5.73 12.44 -13.76
CA SER A 28 -5.43 12.52 -15.18
C SER A 28 -4.19 11.70 -15.49
N GLU A 29 -4.10 11.22 -16.73
CA GLU A 29 -3.05 10.29 -17.16
C GLU A 29 -1.65 10.69 -16.68
N ASP A 30 -1.35 11.98 -16.72
CA ASP A 30 -0.04 12.48 -16.31
C ASP A 30 0.26 12.15 -14.85
N TYR A 31 -0.59 12.64 -13.95
CA TYR A 31 -0.40 12.39 -12.52
C TYR A 31 -0.69 10.93 -12.19
N GLN A 32 -1.65 10.35 -12.90
CA GLN A 32 -2.04 8.96 -12.67
C GLN A 32 -0.87 8.03 -12.97
N ARG A 33 -0.16 8.30 -14.06
CA ARG A 33 1.05 7.55 -14.40
C ARG A 33 2.11 7.76 -13.33
N SER A 34 2.23 9.01 -12.88
CA SER A 34 3.20 9.36 -11.85
C SER A 34 2.92 8.57 -10.57
N VAL A 35 1.65 8.37 -10.26
CA VAL A 35 1.25 7.53 -9.13
C VAL A 35 1.78 6.11 -9.32
N TRP A 36 1.49 5.53 -10.48
CA TRP A 36 1.90 4.17 -10.80
C TRP A 36 3.42 4.01 -10.72
N THR A 37 4.15 4.89 -11.40
CA THR A 37 5.60 4.84 -11.42
C THR A 37 6.20 4.97 -10.02
N ARG A 38 5.66 5.89 -9.22
CA ARG A 38 6.16 6.09 -7.86
C ARG A 38 5.85 4.89 -6.98
N LEU A 39 4.67 4.31 -7.15
CA LEU A 39 4.30 3.08 -6.45
C LEU A 39 5.30 1.98 -6.79
N GLU A 40 5.54 1.81 -8.08
CA GLU A 40 6.46 0.79 -8.60
C GLU A 40 7.90 1.04 -8.16
N THR A 41 8.22 2.26 -7.76
CA THR A 41 9.57 2.61 -7.35
C THR A 41 9.75 2.53 -5.84
N TYR A 42 8.72 2.92 -5.08
CA TYR A 42 8.84 2.99 -3.63
C TYR A 42 8.31 1.74 -2.95
N LEU A 43 7.03 1.46 -3.14
CA LEU A 43 6.35 0.39 -2.39
C LEU A 43 6.51 -0.97 -3.08
N PHE A 44 6.17 -1.03 -4.36
CA PHE A 44 6.16 -2.28 -5.12
C PHE A 44 7.45 -3.11 -5.00
N PRO A 45 8.65 -2.49 -5.03
CA PRO A 45 9.91 -3.24 -4.93
C PRO A 45 10.03 -4.06 -3.64
N ASP A 46 9.25 -3.69 -2.63
CA ASP A 46 9.36 -4.34 -1.33
C ASP A 46 8.13 -5.21 -1.03
N ILE A 47 6.95 -4.73 -1.39
CA ILE A 47 5.71 -5.44 -1.06
C ILE A 47 5.07 -6.04 -2.31
N GLY A 48 5.76 -5.96 -3.43
CA GLY A 48 5.20 -6.45 -4.67
C GLY A 48 5.51 -7.91 -4.91
N ASN A 49 6.67 -8.36 -4.46
CA ASN A 49 7.09 -9.74 -4.64
C ASN A 49 6.67 -10.58 -3.44
N LYS A 50 5.99 -9.94 -2.50
CA LYS A 50 5.56 -10.59 -1.28
C LYS A 50 4.05 -10.61 -1.23
N ASP A 51 3.47 -11.72 -0.76
CA ASP A 51 2.03 -11.84 -0.64
C ASP A 51 1.49 -10.75 0.28
N ILE A 52 0.45 -10.07 -0.18
CA ILE A 52 -0.10 -8.90 0.48
C ILE A 52 -0.63 -9.25 1.88
N ALA A 53 -1.00 -10.51 2.09
CA ALA A 53 -1.55 -10.94 3.37
C ALA A 53 -0.45 -11.17 4.39
N GLU A 54 0.77 -11.30 3.89
CA GLU A 54 1.93 -11.52 4.76
C GLU A 54 2.50 -10.18 5.20
N LEU A 55 1.83 -9.11 4.83
CA LEU A 55 2.30 -7.77 5.14
C LEU A 55 1.77 -7.29 6.48
N ASP A 56 2.68 -7.19 7.44
CA ASP A 56 2.36 -6.63 8.75
C ASP A 56 2.33 -5.12 8.65
N THR A 57 1.66 -4.47 9.60
CA THR A 57 1.56 -3.01 9.62
C THR A 57 2.94 -2.37 9.58
N GLY A 58 3.89 -2.96 10.30
CA GLY A 58 5.25 -2.43 10.31
C GLY A 58 6.01 -2.78 9.06
N ASP A 59 5.58 -3.84 8.40
CA ASP A 59 6.23 -4.30 7.18
C ASP A 59 5.80 -3.41 6.03
N LEU A 60 4.61 -2.85 6.17
CA LEU A 60 4.12 -1.81 5.26
C LEU A 60 4.85 -0.50 5.56
N LEU A 61 5.20 -0.32 6.82
CA LEU A 61 5.95 0.87 7.23
C LEU A 61 7.35 0.86 6.62
N VAL A 62 7.89 -0.33 6.35
CA VAL A 62 9.20 -0.42 5.72
C VAL A 62 9.28 0.44 4.46
N PRO A 63 8.42 0.21 3.43
CA PRO A 63 8.38 1.05 2.24
C PRO A 63 7.99 2.50 2.54
N ILE A 64 7.07 2.70 3.49
CA ILE A 64 6.67 4.06 3.87
C ILE A 64 7.86 4.84 4.45
N LYS A 65 8.53 4.23 5.43
CA LYS A 65 9.69 4.83 6.06
C LYS A 65 10.86 4.90 5.08
N LYS A 66 10.83 4.04 4.08
CA LYS A 66 11.79 4.06 2.98
C LYS A 66 11.70 5.39 2.23
N ILE A 67 10.48 5.90 2.10
CA ILE A 67 10.25 7.19 1.47
C ILE A 67 10.59 8.32 2.45
N GLU A 68 10.42 8.06 3.73
CA GLU A 68 10.81 9.01 4.76
C GLU A 68 12.32 9.24 4.71
N LYS A 69 13.08 8.17 4.53
CA LYS A 69 14.52 8.25 4.45
C LYS A 69 14.96 8.78 3.09
N LEU A 70 14.00 8.87 2.17
CA LEU A 70 14.24 9.44 0.86
C LEU A 70 14.29 10.96 0.97
N GLY A 71 13.64 11.49 2.00
CA GLY A 71 13.69 12.91 2.27
C GLY A 71 12.32 13.58 2.14
N TYR A 72 11.40 12.92 1.48
CA TYR A 72 10.10 13.52 1.19
C TYR A 72 9.02 12.96 2.11
N LEU A 73 8.78 13.64 3.22
CA LEU A 73 7.77 13.22 4.19
C LEU A 73 6.37 13.28 3.61
N GLU A 74 6.08 14.33 2.84
CA GLU A 74 4.77 14.47 2.21
C GLU A 74 4.53 13.32 1.25
N ILE A 75 5.54 12.99 0.45
CA ILE A 75 5.41 11.93 -0.52
C ILE A 75 5.21 10.59 0.18
N ALA A 76 5.89 10.39 1.31
CA ALA A 76 5.70 9.19 2.11
C ALA A 76 4.24 9.05 2.53
N MET A 77 3.69 10.13 3.07
CA MET A 77 2.28 10.16 3.48
C MET A 77 1.34 10.06 2.28
N ARG A 78 1.73 10.65 1.16
CA ARG A 78 0.88 10.65 -0.04
C ARG A 78 0.92 9.31 -0.76
N VAL A 79 2.07 8.64 -0.74
CA VAL A 79 2.15 7.30 -1.29
C VAL A 79 1.42 6.33 -0.36
N LYS A 80 1.48 6.61 0.95
CA LYS A 80 0.68 5.88 1.92
C LYS A 80 -0.80 6.10 1.62
N GLN A 81 -1.14 7.30 1.15
CA GLN A 81 -2.52 7.60 0.81
C GLN A 81 -2.98 6.75 -0.37
N TYR A 82 -2.15 6.66 -1.41
CA TYR A 82 -2.40 5.74 -2.52
C TYR A 82 -2.64 4.35 -1.97
N ALA A 83 -1.70 3.88 -1.15
CA ALA A 83 -1.78 2.57 -0.54
C ALA A 83 -3.02 2.42 0.33
N THR A 84 -3.44 3.51 0.96
CA THR A 84 -4.62 3.51 1.81
C THR A 84 -5.86 3.09 1.02
N ALA A 85 -6.01 3.64 -0.18
CA ALA A 85 -7.12 3.29 -1.05
C ALA A 85 -6.97 1.85 -1.54
N ILE A 86 -5.73 1.46 -1.83
CA ILE A 86 -5.42 0.11 -2.26
C ILE A 86 -5.72 -0.90 -1.15
N MET A 87 -5.33 -0.54 0.08
CA MET A 87 -5.58 -1.39 1.23
C MET A 87 -7.07 -1.55 1.46
N ARG A 88 -7.83 -0.48 1.24
CA ARG A 88 -9.28 -0.52 1.39
C ARG A 88 -9.88 -1.50 0.38
N TYR A 89 -9.36 -1.47 -0.84
CA TYR A 89 -9.76 -2.42 -1.86
C TYR A 89 -9.33 -3.83 -1.44
N ALA A 90 -8.13 -3.93 -0.88
CA ALA A 90 -7.60 -5.19 -0.37
C ALA A 90 -8.47 -5.74 0.76
N VAL A 91 -9.05 -4.85 1.54
CA VAL A 91 -9.98 -5.23 2.59
C VAL A 91 -11.20 -5.91 1.99
N GLN A 92 -11.79 -5.29 0.97
CA GLN A 92 -12.97 -5.84 0.32
C GLN A 92 -12.64 -7.16 -0.38
N GLN A 93 -11.43 -7.26 -0.90
CA GLN A 93 -10.96 -8.46 -1.57
C GLN A 93 -10.56 -9.52 -0.54
N LYS A 94 -10.69 -9.16 0.74
CA LYS A 94 -10.46 -10.06 1.87
C LYS A 94 -9.01 -10.51 1.92
N MET A 95 -8.11 -9.70 1.39
CA MET A 95 -6.70 -10.05 1.37
C MET A 95 -6.06 -9.77 2.71
N ILE A 96 -6.30 -8.58 3.24
CA ILE A 96 -5.70 -8.18 4.51
C ILE A 96 -6.75 -8.15 5.62
N ARG A 97 -8.01 -8.38 5.25
CA ARG A 97 -9.12 -8.45 6.20
C ARG A 97 -9.47 -7.07 6.77
N PHE A 98 -8.53 -6.44 7.45
CA PHE A 98 -8.72 -5.09 7.98
C PHE A 98 -7.66 -4.14 7.44
N ASN A 99 -7.82 -2.86 7.71
CA ASN A 99 -6.90 -1.85 7.17
C ASN A 99 -5.83 -1.52 8.21
N PRO A 100 -4.57 -1.95 7.97
CA PRO A 100 -3.46 -1.74 8.90
C PRO A 100 -3.17 -0.26 9.13
N ALA A 101 -3.15 0.51 8.05
CA ALA A 101 -2.86 1.94 8.12
C ALA A 101 -3.85 2.66 9.03
N TYR A 102 -5.14 2.34 8.87
CA TYR A 102 -6.20 2.96 9.66
C TYR A 102 -6.16 2.50 11.12
N ASP A 103 -6.04 1.20 11.31
CA ASP A 103 -6.19 0.60 12.64
C ASP A 103 -4.96 0.88 13.50
N LEU A 104 -3.85 1.20 12.85
CA LEU A 104 -2.60 1.54 13.53
C LEU A 104 -2.83 2.69 14.50
N GLU A 105 -3.58 3.68 14.05
CA GLU A 105 -3.81 4.91 14.82
C GLU A 105 -4.88 4.70 15.90
N GLY A 106 -5.34 3.46 16.06
CA GLY A 106 -6.35 3.17 17.06
C GLY A 106 -6.10 1.87 17.81
N ALA A 107 -4.93 1.28 17.58
CA ALA A 107 -4.58 0.01 18.21
C ALA A 107 -4.25 0.21 19.69
N VAL A 108 -3.86 1.43 20.04
CA VAL A 108 -3.53 1.76 21.41
C VAL A 108 -4.67 2.54 22.06
N GLN A 109 -4.88 2.30 23.36
CA GLN A 109 -5.96 2.94 24.11
C GLN A 109 -7.32 2.57 23.53
N LYS A 110 -7.86 1.44 23.96
CA LYS A 110 -9.13 0.96 23.46
C LYS A 110 -10.22 1.07 24.53
N LEU A 111 -11.20 1.91 24.25
CA LEU A 111 -12.37 2.00 25.11
C LEU A 111 -13.38 0.96 24.67
N GLU A 112 -14.04 0.33 25.63
CA GLU A 112 -15.02 -0.70 25.31
C GLU A 112 -16.20 -0.09 24.57
N HIS A 113 -16.82 -0.88 23.71
CA HIS A 113 -17.91 -0.42 22.87
C HIS A 113 -19.09 -0.01 23.74
N HIS A 114 -19.18 -0.62 24.91
CA HIS A 114 -20.08 -0.15 25.95
C HIS A 114 -19.27 0.68 26.94
N HIS A 115 -19.46 2.00 26.91
CA HIS A 115 -18.67 2.90 27.73
C HIS A 115 -19.07 2.84 29.21
N HIS A 116 -18.76 1.71 29.82
CA HIS A 116 -19.00 1.53 31.25
C HIS A 116 -17.84 0.78 31.88
N HIS A 117 -16.93 0.30 31.03
CA HIS A 117 -15.79 -0.48 31.50
C HIS A 117 -14.50 -0.06 30.81
N HIS A 118 -13.54 0.35 31.62
CA HIS A 118 -12.18 0.60 31.16
C HIS A 118 -11.30 0.82 32.38
N LYS A 1 5.45 -16.67 -15.77
CA LYS A 1 4.60 -17.88 -15.65
C LYS A 1 3.79 -17.83 -14.36
N SER A 2 2.74 -18.64 -14.30
CA SER A 2 1.89 -18.72 -13.12
C SER A 2 1.38 -20.13 -12.93
N VAL A 3 1.84 -20.78 -11.88
CA VAL A 3 1.44 -22.15 -11.60
C VAL A 3 0.13 -22.18 -10.83
N GLN A 4 -0.35 -23.37 -10.52
CA GLN A 4 -1.63 -23.55 -9.86
C GLN A 4 -1.43 -23.86 -8.38
N GLU A 5 -0.19 -23.70 -7.93
CA GLU A 5 0.16 -24.02 -6.55
C GLU A 5 -0.15 -22.86 -5.61
N LYS A 6 -0.21 -23.16 -4.31
CA LYS A 6 -0.51 -22.14 -3.30
C LYS A 6 0.61 -21.11 -3.21
N ARG A 7 1.81 -21.51 -3.64
CA ARG A 7 2.96 -20.61 -3.66
C ARG A 7 2.71 -19.45 -4.61
N ASN A 8 1.89 -19.68 -5.63
CA ASN A 8 1.54 -18.64 -6.57
C ASN A 8 0.38 -17.81 -6.01
N ASN A 9 0.74 -16.80 -5.25
CA ASN A 9 -0.26 -15.95 -4.61
C ASN A 9 -0.72 -14.85 -5.57
N THR A 10 -1.93 -15.01 -6.06
CA THR A 10 -2.52 -14.07 -7.01
C THR A 10 -3.15 -12.88 -6.30
N ARG A 11 -2.71 -12.66 -5.08
CA ARG A 11 -3.17 -11.55 -4.27
C ARG A 11 -2.02 -10.61 -4.00
N ALA A 12 -0.99 -10.71 -4.82
CA ALA A 12 0.20 -9.91 -4.68
C ALA A 12 -0.11 -8.44 -4.94
N PHE A 13 0.54 -7.57 -4.19
CA PHE A 13 0.34 -6.13 -4.30
C PHE A 13 0.52 -5.67 -5.74
N LYS A 14 1.43 -6.32 -6.46
CA LYS A 14 1.69 -5.99 -7.87
C LYS A 14 0.41 -6.08 -8.69
N THR A 15 -0.24 -7.24 -8.65
CA THR A 15 -1.42 -7.51 -9.45
C THR A 15 -2.59 -6.65 -9.00
N VAL A 16 -2.74 -6.52 -7.69
CA VAL A 16 -3.87 -5.81 -7.11
C VAL A 16 -3.75 -4.31 -7.31
N ALA A 17 -2.56 -3.77 -7.14
CA ALA A 17 -2.33 -2.35 -7.39
C ALA A 17 -2.55 -2.03 -8.88
N LYS A 18 -2.22 -2.99 -9.73
CA LYS A 18 -2.38 -2.79 -11.16
C LYS A 18 -3.86 -2.85 -11.57
N SER A 19 -4.60 -3.79 -10.99
CA SER A 19 -6.03 -3.88 -11.25
C SER A 19 -6.76 -2.70 -10.60
N TRP A 20 -6.21 -2.22 -9.49
CA TRP A 20 -6.69 -0.99 -8.87
C TRP A 20 -6.50 0.18 -9.81
N PHE A 21 -5.31 0.28 -10.39
CA PHE A 21 -4.98 1.35 -11.33
C PHE A 21 -5.84 1.24 -12.59
N ALA A 22 -6.26 0.03 -12.93
CA ALA A 22 -7.07 -0.22 -14.10
C ALA A 22 -8.55 0.12 -13.85
N THR A 23 -8.95 0.08 -12.59
CA THR A 23 -10.34 0.35 -12.24
C THR A 23 -10.52 1.79 -11.75
N LYS A 24 -9.57 2.26 -10.96
CA LYS A 24 -9.64 3.58 -10.35
C LYS A 24 -9.39 4.67 -11.37
N THR A 25 -10.34 5.58 -11.50
CA THR A 25 -10.15 6.77 -12.32
C THR A 25 -10.58 8.00 -11.54
N THR A 26 -9.63 8.64 -10.87
CA THR A 26 -9.93 9.76 -10.01
C THR A 26 -9.08 10.97 -10.34
N TRP A 27 -7.81 10.73 -10.56
CA TRP A 27 -6.89 11.80 -10.91
C TRP A 27 -6.80 11.96 -12.42
N SER A 28 -6.06 12.96 -12.86
CA SER A 28 -5.79 13.13 -14.27
C SER A 28 -4.86 12.01 -14.72
N GLU A 29 -4.95 11.64 -15.99
CA GLU A 29 -4.14 10.56 -16.54
C GLU A 29 -2.67 10.82 -16.26
N ASP A 30 -2.23 12.04 -16.51
CA ASP A 30 -0.86 12.47 -16.24
C ASP A 30 -0.45 12.19 -14.79
N TYR A 31 -1.25 12.69 -13.86
CA TYR A 31 -0.91 12.59 -12.44
C TYR A 31 -1.04 11.16 -11.95
N GLN A 32 -2.10 10.48 -12.33
CA GLN A 32 -2.35 9.12 -11.85
C GLN A 32 -1.36 8.15 -12.47
N ARG A 33 -0.91 8.44 -13.69
CA ARG A 33 0.15 7.66 -14.30
C ARG A 33 1.43 7.82 -13.48
N SER A 34 1.66 9.04 -13.03
CA SER A 34 2.79 9.35 -12.17
C SER A 34 2.64 8.62 -10.83
N VAL A 35 1.39 8.48 -10.37
CA VAL A 35 1.09 7.72 -9.17
C VAL A 35 1.48 6.25 -9.37
N TRP A 36 1.09 5.70 -10.51
CA TRP A 36 1.42 4.33 -10.86
C TRP A 36 2.92 4.11 -10.86
N THR A 37 3.64 4.99 -11.53
CA THR A 37 5.10 4.91 -11.59
C THR A 37 5.71 5.14 -10.21
N ARG A 38 5.06 6.00 -9.42
CA ARG A 38 5.49 6.26 -8.05
C ARG A 38 5.36 5.00 -7.21
N LEU A 39 4.30 4.24 -7.46
CA LEU A 39 4.12 2.94 -6.82
C LEU A 39 5.27 2.02 -7.21
N GLU A 40 5.47 1.85 -8.52
CA GLU A 40 6.51 0.98 -9.05
C GLU A 40 7.88 1.32 -8.45
N THR A 41 8.12 2.62 -8.28
CA THR A 41 9.40 3.10 -7.76
C THR A 41 9.58 2.72 -6.29
N TYR A 42 8.66 3.16 -5.43
CA TYR A 42 8.85 3.02 -4.00
C TYR A 42 8.09 1.83 -3.44
N LEU A 43 6.77 1.84 -3.61
CA LEU A 43 5.90 0.90 -2.91
C LEU A 43 5.49 -0.25 -3.82
N PHE A 44 6.49 -0.93 -4.37
CA PHE A 44 6.25 -2.02 -5.30
C PHE A 44 7.27 -3.16 -5.13
N PRO A 45 8.58 -2.86 -5.08
CA PRO A 45 9.61 -3.92 -4.97
C PRO A 45 9.57 -4.65 -3.63
N ASP A 46 9.44 -3.89 -2.55
CA ASP A 46 9.48 -4.44 -1.20
C ASP A 46 8.33 -5.42 -0.96
N ILE A 47 7.12 -4.98 -1.25
CA ILE A 47 5.93 -5.76 -0.99
C ILE A 47 5.45 -6.49 -2.24
N GLY A 48 6.25 -6.44 -3.30
CA GLY A 48 5.83 -6.97 -4.59
C GLY A 48 5.51 -8.44 -4.57
N ASN A 49 6.38 -9.23 -3.95
CA ASN A 49 6.21 -10.67 -3.94
C ASN A 49 5.69 -11.15 -2.59
N LYS A 50 5.12 -10.24 -1.82
CA LYS A 50 4.53 -10.60 -0.54
C LYS A 50 3.07 -10.98 -0.73
N ASP A 51 2.58 -11.82 0.18
CA ASP A 51 1.22 -12.36 0.07
C ASP A 51 0.17 -11.31 0.40
N ILE A 52 0.61 -10.12 0.79
CA ILE A 52 -0.28 -9.01 1.17
C ILE A 52 -0.93 -9.28 2.54
N ALA A 53 -1.37 -10.51 2.77
CA ALA A 53 -1.92 -10.91 4.06
C ALA A 53 -0.80 -11.09 5.07
N GLU A 54 0.42 -11.25 4.54
CA GLU A 54 1.61 -11.34 5.37
C GLU A 54 1.98 -9.97 5.94
N LEU A 55 1.56 -8.93 5.22
CA LEU A 55 1.95 -7.57 5.56
C LEU A 55 1.37 -7.11 6.88
N ASP A 56 2.25 -7.01 7.86
CA ASP A 56 1.91 -6.45 9.16
C ASP A 56 1.93 -4.93 9.05
N THR A 57 1.28 -4.23 9.98
CA THR A 57 1.27 -2.78 9.98
C THR A 57 2.70 -2.23 9.89
N GLY A 58 3.59 -2.79 10.69
CA GLY A 58 4.96 -2.33 10.71
C GLY A 58 5.73 -2.72 9.46
N ASP A 59 5.29 -3.81 8.82
CA ASP A 59 5.94 -4.33 7.62
C ASP A 59 5.57 -3.46 6.42
N LEU A 60 4.47 -2.72 6.56
CA LEU A 60 4.08 -1.71 5.58
C LEU A 60 4.74 -0.37 5.91
N LEU A 61 4.92 -0.13 7.21
CA LEU A 61 5.53 1.10 7.67
C LEU A 61 6.97 1.22 7.20
N VAL A 62 7.66 0.10 7.05
CA VAL A 62 9.06 0.13 6.64
C VAL A 62 9.23 0.68 5.22
N PRO A 63 8.46 0.20 4.21
CA PRO A 63 8.43 0.84 2.89
C PRO A 63 8.14 2.35 2.97
N ILE A 64 7.13 2.71 3.76
CA ILE A 64 6.82 4.12 3.98
C ILE A 64 8.02 4.84 4.61
N LYS A 65 8.65 4.15 5.55
CA LYS A 65 9.81 4.66 6.25
C LYS A 65 11.04 4.68 5.35
N LYS A 66 11.00 3.86 4.32
CA LYS A 66 12.02 3.83 3.28
C LYS A 66 11.94 5.13 2.49
N ILE A 67 10.73 5.68 2.41
CA ILE A 67 10.53 6.99 1.80
C ILE A 67 10.88 8.10 2.79
N GLU A 68 10.68 7.83 4.09
CA GLU A 68 11.21 8.71 5.14
C GLU A 68 12.73 8.78 5.00
N LYS A 69 13.32 7.62 4.79
CA LYS A 69 14.76 7.47 4.59
C LYS A 69 15.21 8.16 3.30
N LEU A 70 14.26 8.38 2.39
CA LEU A 70 14.54 9.08 1.16
C LEU A 70 14.63 10.58 1.43
N GLY A 71 14.16 11.00 2.59
CA GLY A 71 14.19 12.40 2.96
C GLY A 71 12.97 13.14 2.47
N TYR A 72 11.93 12.39 2.14
CA TYR A 72 10.69 12.99 1.64
C TYR A 72 9.49 12.54 2.44
N LEU A 73 9.17 13.29 3.49
CA LEU A 73 7.98 13.02 4.30
C LEU A 73 6.74 13.24 3.47
N GLU A 74 6.66 14.40 2.82
CA GLU A 74 5.51 14.75 1.99
C GLU A 74 5.18 13.63 1.00
N ILE A 75 6.20 13.11 0.33
CA ILE A 75 6.02 12.02 -0.62
C ILE A 75 5.54 10.77 0.09
N ALA A 76 6.12 10.48 1.26
CA ALA A 76 5.73 9.31 2.05
C ALA A 76 4.26 9.37 2.43
N MET A 77 3.81 10.55 2.88
CA MET A 77 2.41 10.73 3.25
C MET A 77 1.51 10.46 2.05
N ARG A 78 1.91 11.01 0.90
CA ARG A 78 1.16 10.84 -0.34
C ARG A 78 1.13 9.38 -0.77
N VAL A 79 2.27 8.71 -0.66
CA VAL A 79 2.36 7.29 -1.02
C VAL A 79 1.49 6.45 -0.08
N LYS A 80 1.45 6.83 1.20
CA LYS A 80 0.57 6.18 2.15
C LYS A 80 -0.87 6.34 1.72
N GLN A 81 -1.20 7.53 1.23
CA GLN A 81 -2.55 7.84 0.77
C GLN A 81 -2.93 6.95 -0.42
N TYR A 82 -2.00 6.82 -1.37
CA TYR A 82 -2.19 5.91 -2.50
C TYR A 82 -2.41 4.49 -2.00
N ALA A 83 -1.52 4.05 -1.12
CA ALA A 83 -1.59 2.71 -0.55
C ALA A 83 -2.92 2.49 0.16
N THR A 84 -3.36 3.50 0.90
CA THR A 84 -4.62 3.45 1.61
C THR A 84 -5.78 3.12 0.65
N ALA A 85 -5.75 3.72 -0.53
CA ALA A 85 -6.77 3.47 -1.52
C ALA A 85 -6.68 2.04 -2.04
N ILE A 86 -5.46 1.56 -2.22
CA ILE A 86 -5.23 0.20 -2.68
C ILE A 86 -5.62 -0.81 -1.60
N MET A 87 -5.33 -0.48 -0.35
CA MET A 87 -5.70 -1.32 0.78
C MET A 87 -7.22 -1.43 0.88
N ARG A 88 -7.90 -0.34 0.57
CA ARG A 88 -9.35 -0.31 0.55
C ARG A 88 -9.87 -1.31 -0.48
N TYR A 89 -9.20 -1.37 -1.61
CA TYR A 89 -9.52 -2.32 -2.67
C TYR A 89 -9.16 -3.74 -2.21
N ALA A 90 -8.09 -3.84 -1.43
CA ALA A 90 -7.62 -5.12 -0.90
C ALA A 90 -8.60 -5.68 0.13
N VAL A 91 -9.18 -4.79 0.95
CA VAL A 91 -10.20 -5.19 1.92
C VAL A 91 -11.43 -5.73 1.22
N GLN A 92 -11.79 -5.10 0.10
CA GLN A 92 -12.92 -5.54 -0.71
C GLN A 92 -12.64 -6.91 -1.33
N GLN A 93 -11.37 -7.16 -1.65
CA GLN A 93 -10.98 -8.46 -2.19
C GLN A 93 -10.70 -9.47 -1.07
N LYS A 94 -10.87 -8.99 0.17
CA LYS A 94 -10.71 -9.83 1.37
C LYS A 94 -9.28 -10.32 1.54
N MET A 95 -8.33 -9.61 0.94
CA MET A 95 -6.94 -10.02 1.02
C MET A 95 -6.38 -9.69 2.40
N ILE A 96 -6.70 -8.50 2.89
CA ILE A 96 -6.25 -8.08 4.20
C ILE A 96 -7.43 -7.90 5.13
N ARG A 97 -7.16 -7.96 6.42
CA ARG A 97 -8.16 -7.73 7.45
C ARG A 97 -8.80 -6.36 7.27
N PHE A 98 -7.95 -5.34 7.32
CA PHE A 98 -8.37 -3.96 7.14
C PHE A 98 -7.12 -3.14 6.83
N ASN A 99 -7.28 -1.85 6.62
CA ASN A 99 -6.13 -0.97 6.39
C ASN A 99 -5.31 -0.83 7.67
N PRO A 100 -4.12 -1.45 7.73
CA PRO A 100 -3.27 -1.42 8.92
C PRO A 100 -2.86 0.00 9.27
N ALA A 101 -2.81 0.84 8.24
CA ALA A 101 -2.47 2.23 8.40
C ALA A 101 -3.53 2.96 9.25
N TYR A 102 -4.73 2.39 9.30
CA TYR A 102 -5.80 2.92 10.13
C TYR A 102 -5.96 2.13 11.42
N ASP A 103 -5.64 0.84 11.37
CA ASP A 103 -5.67 0.01 12.57
C ASP A 103 -4.76 0.59 13.64
N LEU A 104 -3.52 0.90 13.24
CA LEU A 104 -2.56 1.50 14.14
C LEU A 104 -2.79 3.00 14.24
N GLU A 105 -3.31 3.58 13.16
CA GLU A 105 -3.60 5.02 13.06
C GLU A 105 -2.32 5.85 13.16
N GLY A 106 -1.87 6.09 14.38
CA GLY A 106 -0.67 6.86 14.59
C GLY A 106 -0.10 6.61 15.97
N ALA A 107 -0.37 5.43 16.50
CA ALA A 107 0.11 5.06 17.82
C ALA A 107 1.58 4.71 17.77
N VAL A 108 2.41 5.58 18.33
CA VAL A 108 3.83 5.38 18.37
C VAL A 108 4.23 4.65 19.64
N GLN A 109 4.63 3.39 19.48
CA GLN A 109 5.02 2.56 20.62
C GLN A 109 6.33 3.07 21.23
N LYS A 110 7.29 3.37 20.36
CA LYS A 110 8.56 3.96 20.81
C LYS A 110 8.57 5.43 20.45
N LEU A 111 8.20 6.26 21.43
CA LEU A 111 8.00 7.69 21.21
C LEU A 111 9.29 8.37 20.77
N GLU A 112 10.40 8.02 21.42
CA GLU A 112 11.68 8.62 21.11
C GLU A 112 12.19 8.12 19.76
N HIS A 113 11.94 8.92 18.73
CA HIS A 113 12.32 8.55 17.37
C HIS A 113 13.82 8.55 17.19
N HIS A 114 14.38 7.36 17.01
CA HIS A 114 15.80 7.21 16.74
C HIS A 114 16.04 7.11 15.25
N HIS A 115 16.72 8.11 14.71
CA HIS A 115 16.91 8.21 13.27
C HIS A 115 17.94 7.21 12.77
N HIS A 116 18.94 6.92 13.59
CA HIS A 116 19.93 5.90 13.26
C HIS A 116 19.37 4.53 13.61
N HIS A 117 18.58 3.99 12.70
CA HIS A 117 17.92 2.71 12.91
C HIS A 117 18.86 1.55 12.64
N HIS A 118 19.20 0.82 13.68
CA HIS A 118 19.92 -0.42 13.54
C HIS A 118 19.29 -1.47 14.44
N LYS A 1 -5.29 -27.48 -19.45
CA LYS A 1 -4.08 -27.84 -18.67
C LYS A 1 -3.16 -26.64 -18.54
N SER A 2 -3.32 -25.91 -17.44
CA SER A 2 -2.52 -24.72 -17.19
C SER A 2 -2.25 -24.55 -15.70
N VAL A 3 -1.20 -23.81 -15.38
CA VAL A 3 -0.86 -23.50 -14.00
C VAL A 3 -1.25 -22.07 -13.67
N GLN A 4 -0.80 -21.13 -14.49
CA GLN A 4 -1.14 -19.73 -14.29
C GLN A 4 -2.34 -19.31 -15.14
N GLU A 5 -2.88 -18.14 -14.84
CA GLU A 5 -4.08 -17.64 -15.47
C GLU A 5 -3.79 -16.90 -16.77
N LYS A 6 -4.81 -16.73 -17.60
CA LYS A 6 -4.72 -15.88 -18.78
C LYS A 6 -4.89 -14.43 -18.35
N ARG A 7 -5.79 -14.22 -17.40
CA ARG A 7 -6.09 -12.90 -16.87
C ARG A 7 -5.05 -12.50 -15.84
N ASN A 8 -4.17 -13.45 -15.51
CA ASN A 8 -3.11 -13.27 -14.52
C ASN A 8 -3.72 -12.90 -13.16
N ASN A 9 -4.37 -13.87 -12.53
CA ASN A 9 -4.95 -13.65 -11.22
C ASN A 9 -3.95 -14.00 -10.14
N THR A 10 -3.51 -13.00 -9.42
CA THR A 10 -2.55 -13.20 -8.34
C THR A 10 -2.89 -12.31 -7.15
N ARG A 11 -3.04 -12.91 -5.99
CA ARG A 11 -3.34 -12.16 -4.78
C ARG A 11 -2.07 -11.55 -4.22
N ALA A 12 -1.46 -10.70 -5.02
CA ALA A 12 -0.26 -9.99 -4.64
C ALA A 12 -0.47 -8.50 -4.82
N PHE A 13 0.18 -7.71 -3.99
CA PHE A 13 0.03 -6.24 -4.03
C PHE A 13 0.26 -5.71 -5.44
N LYS A 14 1.21 -6.30 -6.14
CA LYS A 14 1.60 -5.88 -7.48
C LYS A 14 0.42 -5.97 -8.45
N THR A 15 -0.16 -7.15 -8.56
CA THR A 15 -1.23 -7.41 -9.51
C THR A 15 -2.50 -6.66 -9.13
N VAL A 16 -2.73 -6.54 -7.82
CA VAL A 16 -3.92 -5.87 -7.32
C VAL A 16 -3.80 -4.36 -7.50
N ALA A 17 -2.60 -3.83 -7.31
CA ALA A 17 -2.35 -2.41 -7.56
C ALA A 17 -2.68 -2.05 -9.01
N LYS A 18 -2.36 -2.97 -9.91
CA LYS A 18 -2.71 -2.83 -11.32
C LYS A 18 -4.22 -2.70 -11.48
N SER A 19 -4.95 -3.58 -10.82
CA SER A 19 -6.41 -3.56 -10.88
C SER A 19 -6.95 -2.28 -10.25
N TRP A 20 -6.33 -1.86 -9.16
CA TRP A 20 -6.68 -0.62 -8.48
C TRP A 20 -6.47 0.57 -9.41
N PHE A 21 -5.33 0.58 -10.09
CA PHE A 21 -4.98 1.63 -11.03
C PHE A 21 -6.05 1.77 -12.13
N ALA A 22 -6.63 0.64 -12.52
CA ALA A 22 -7.65 0.63 -13.57
C ALA A 22 -9.04 0.88 -12.99
N THR A 23 -9.13 1.00 -11.69
CA THR A 23 -10.40 1.24 -11.02
C THR A 23 -10.48 2.66 -10.46
N LYS A 24 -9.37 3.13 -9.93
CA LYS A 24 -9.32 4.42 -9.26
C LYS A 24 -8.95 5.53 -10.25
N THR A 25 -9.86 5.83 -11.15
CA THR A 25 -9.64 6.88 -12.15
C THR A 25 -10.01 8.25 -11.59
N THR A 26 -9.50 8.55 -10.41
CA THR A 26 -9.79 9.80 -9.73
C THR A 26 -8.92 10.93 -10.25
N TRP A 27 -7.82 10.57 -10.89
CA TRP A 27 -6.89 11.54 -11.42
C TRP A 27 -6.72 11.34 -12.92
N SER A 28 -6.03 12.26 -13.57
CA SER A 28 -5.76 12.14 -14.99
C SER A 28 -4.79 11.00 -15.24
N GLU A 29 -4.80 10.45 -16.45
CA GLU A 29 -3.89 9.36 -16.81
C GLU A 29 -2.44 9.78 -16.58
N ASP A 30 -2.16 11.05 -16.85
CA ASP A 30 -0.83 11.60 -16.65
C ASP A 30 -0.42 11.51 -15.19
N TYR A 31 -1.28 12.02 -14.31
CA TYR A 31 -0.98 12.01 -12.88
C TYR A 31 -1.04 10.57 -12.36
N GLN A 32 -1.96 9.78 -12.90
CA GLN A 32 -2.07 8.38 -12.54
C GLN A 32 -0.77 7.65 -12.84
N ARG A 33 -0.15 7.97 -13.98
CA ARG A 33 1.10 7.35 -14.36
C ARG A 33 2.20 7.76 -13.39
N SER A 34 2.16 9.01 -12.94
CA SER A 34 3.09 9.48 -11.93
C SER A 34 2.91 8.69 -10.63
N VAL A 35 1.65 8.52 -10.24
CA VAL A 35 1.31 7.70 -9.08
C VAL A 35 1.80 6.27 -9.29
N TRP A 36 1.46 5.72 -10.45
CA TRP A 36 1.84 4.36 -10.80
C TRP A 36 3.36 4.19 -10.76
N THR A 37 4.07 5.16 -11.31
CA THR A 37 5.53 5.11 -11.32
C THR A 37 6.10 5.11 -9.91
N ARG A 38 5.63 6.01 -9.05
CA ARG A 38 6.13 6.08 -7.68
C ARG A 38 5.65 4.88 -6.88
N LEU A 39 4.50 4.32 -7.25
CA LEU A 39 4.06 3.07 -6.67
C LEU A 39 5.06 1.96 -7.00
N GLU A 40 5.39 1.84 -8.27
CA GLU A 40 6.35 0.81 -8.72
C GLU A 40 7.76 1.08 -8.18
N THR A 41 8.01 2.32 -7.77
CA THR A 41 9.33 2.69 -7.26
C THR A 41 9.44 2.47 -5.74
N TYR A 42 8.50 3.02 -4.99
CA TYR A 42 8.59 2.99 -3.54
C TYR A 42 7.74 1.88 -2.92
N LEU A 43 6.61 1.59 -3.54
CA LEU A 43 5.60 0.74 -2.92
C LEU A 43 5.41 -0.55 -3.71
N PHE A 44 6.47 -1.03 -4.34
CA PHE A 44 6.40 -2.23 -5.16
C PHE A 44 7.54 -3.22 -4.88
N PRO A 45 8.82 -2.79 -4.84
CA PRO A 45 9.94 -3.72 -4.68
C PRO A 45 10.07 -4.28 -3.26
N ASP A 46 9.41 -3.63 -2.32
CA ASP A 46 9.54 -3.99 -0.92
C ASP A 46 8.40 -4.92 -0.48
N ILE A 47 7.23 -4.73 -1.06
CA ILE A 47 6.07 -5.56 -0.76
C ILE A 47 5.75 -6.48 -1.93
N GLY A 48 6.49 -6.33 -3.01
CA GLY A 48 6.35 -7.22 -4.14
C GLY A 48 6.91 -8.58 -3.83
N ASN A 49 6.39 -9.61 -4.50
CA ASN A 49 6.74 -11.02 -4.24
C ASN A 49 6.71 -11.34 -2.74
N LYS A 50 5.93 -10.57 -2.00
CA LYS A 50 5.79 -10.74 -0.56
C LYS A 50 4.33 -11.00 -0.24
N ASP A 51 3.64 -11.59 -1.24
CA ASP A 51 2.22 -11.88 -1.16
C ASP A 51 1.43 -10.58 -1.02
N ILE A 52 0.63 -10.48 0.02
CA ILE A 52 -0.12 -9.27 0.32
C ILE A 52 -0.85 -9.46 1.66
N ALA A 53 -1.23 -10.71 1.92
CA ALA A 53 -1.87 -11.05 3.19
C ALA A 53 -0.82 -11.12 4.28
N GLU A 54 0.44 -11.22 3.87
CA GLU A 54 1.57 -11.18 4.80
C GLU A 54 1.80 -9.77 5.30
N LEU A 55 1.42 -8.80 4.50
CA LEU A 55 1.76 -7.41 4.73
C LEU A 55 1.07 -6.87 5.97
N ASP A 56 1.78 -6.93 7.08
CA ASP A 56 1.29 -6.38 8.34
C ASP A 56 1.74 -4.93 8.45
N THR A 57 1.54 -4.34 9.61
CA THR A 57 1.94 -2.97 9.84
C THR A 57 3.43 -2.79 9.56
N GLY A 58 4.23 -3.72 10.06
CA GLY A 58 5.67 -3.66 9.86
C GLY A 58 6.06 -3.73 8.38
N ASP A 59 5.44 -4.65 7.65
CA ASP A 59 5.74 -4.84 6.23
C ASP A 59 5.50 -3.57 5.44
N LEU A 60 4.45 -2.85 5.81
CA LEU A 60 4.08 -1.63 5.10
C LEU A 60 4.86 -0.42 5.61
N LEU A 61 5.27 -0.47 6.88
CA LEU A 61 6.08 0.59 7.46
C LEU A 61 7.42 0.69 6.75
N VAL A 62 7.93 -0.44 6.25
CA VAL A 62 9.21 -0.46 5.56
C VAL A 62 9.23 0.53 4.37
N PRO A 63 8.36 0.35 3.33
CA PRO A 63 8.33 1.26 2.18
C PRO A 63 7.96 2.69 2.57
N ILE A 64 7.08 2.84 3.56
CA ILE A 64 6.72 4.18 4.04
C ILE A 64 7.92 4.87 4.68
N LYS A 65 8.64 4.13 5.51
CA LYS A 65 9.85 4.64 6.17
C LYS A 65 10.94 4.87 5.14
N LYS A 66 10.92 4.03 4.11
CA LYS A 66 11.84 4.13 2.99
C LYS A 66 11.77 5.51 2.34
N ILE A 67 10.56 6.04 2.21
CA ILE A 67 10.36 7.39 1.67
C ILE A 67 10.59 8.44 2.76
N GLU A 68 10.19 8.11 3.97
CA GLU A 68 10.37 8.99 5.13
C GLU A 68 11.85 9.36 5.29
N LYS A 69 12.68 8.33 5.40
CA LYS A 69 14.12 8.53 5.59
C LYS A 69 14.78 8.94 4.28
N LEU A 70 14.00 8.93 3.20
CA LEU A 70 14.48 9.36 1.90
C LEU A 70 14.54 10.89 1.85
N GLY A 71 13.74 11.53 2.69
CA GLY A 71 13.74 12.97 2.76
C GLY A 71 12.47 13.59 2.22
N TYR A 72 11.45 12.76 1.98
CA TYR A 72 10.20 13.24 1.46
C TYR A 72 9.04 12.83 2.37
N LEU A 73 8.58 13.75 3.20
CA LEU A 73 7.54 13.46 4.16
C LEU A 73 6.15 13.46 3.51
N GLU A 74 5.86 14.47 2.71
CA GLU A 74 4.58 14.55 2.04
C GLU A 74 4.46 13.48 0.98
N ILE A 75 5.56 13.20 0.29
CA ILE A 75 5.58 12.13 -0.71
C ILE A 75 5.22 10.80 -0.04
N ALA A 76 5.84 10.53 1.09
CA ALA A 76 5.54 9.33 1.86
C ALA A 76 4.08 9.31 2.30
N MET A 77 3.60 10.47 2.73
CA MET A 77 2.22 10.60 3.18
C MET A 77 1.25 10.40 2.01
N ARG A 78 1.62 10.92 0.85
CA ARG A 78 0.79 10.78 -0.34
C ARG A 78 0.80 9.35 -0.86
N VAL A 79 1.95 8.71 -0.82
CA VAL A 79 2.05 7.30 -1.21
C VAL A 79 1.28 6.45 -0.20
N LYS A 80 1.30 6.87 1.05
CA LYS A 80 0.49 6.24 2.09
C LYS A 80 -0.99 6.32 1.71
N GLN A 81 -1.40 7.48 1.19
CA GLN A 81 -2.78 7.69 0.75
C GLN A 81 -3.12 6.74 -0.40
N TYR A 82 -2.24 6.68 -1.40
CA TYR A 82 -2.41 5.76 -2.51
C TYR A 82 -2.48 4.33 -2.00
N ALA A 83 -1.56 3.99 -1.11
CA ALA A 83 -1.52 2.67 -0.49
C ALA A 83 -2.81 2.37 0.26
N THR A 84 -3.26 3.33 1.06
CA THR A 84 -4.49 3.18 1.83
C THR A 84 -5.67 2.91 0.91
N ALA A 85 -5.69 3.57 -0.23
CA ALA A 85 -6.75 3.36 -1.22
C ALA A 85 -6.69 1.94 -1.78
N ILE A 86 -5.48 1.47 -2.05
CA ILE A 86 -5.27 0.10 -2.51
C ILE A 86 -5.65 -0.88 -1.41
N MET A 87 -5.27 -0.56 -0.18
CA MET A 87 -5.60 -1.40 0.97
C MET A 87 -7.10 -1.51 1.14
N ARG A 88 -7.81 -0.41 0.94
CA ARG A 88 -9.27 -0.39 1.02
C ARG A 88 -9.85 -1.38 0.02
N TYR A 89 -9.30 -1.36 -1.19
CA TYR A 89 -9.71 -2.27 -2.25
C TYR A 89 -9.36 -3.70 -1.86
N ALA A 90 -8.19 -3.86 -1.23
CA ALA A 90 -7.71 -5.16 -0.78
C ALA A 90 -8.62 -5.74 0.31
N VAL A 91 -9.13 -4.88 1.18
CA VAL A 91 -10.04 -5.30 2.24
C VAL A 91 -11.34 -5.84 1.64
N GLN A 92 -11.80 -5.18 0.59
CA GLN A 92 -13.03 -5.60 -0.10
C GLN A 92 -12.79 -6.90 -0.88
N GLN A 93 -11.55 -7.11 -1.30
CA GLN A 93 -11.18 -8.36 -1.97
C GLN A 93 -10.80 -9.43 -0.95
N LYS A 94 -10.92 -9.08 0.34
CA LYS A 94 -10.68 -10.03 1.44
C LYS A 94 -9.22 -10.47 1.50
N MET A 95 -8.33 -9.68 0.93
CA MET A 95 -6.92 -10.05 0.91
C MET A 95 -6.26 -9.74 2.25
N ILE A 96 -6.68 -8.65 2.88
CA ILE A 96 -6.12 -8.25 4.15
C ILE A 96 -7.23 -8.06 5.18
N ARG A 97 -6.83 -7.86 6.43
CA ARG A 97 -7.77 -7.71 7.53
C ARG A 97 -8.26 -6.27 7.61
N PHE A 98 -7.34 -5.37 7.91
CA PHE A 98 -7.65 -3.95 8.04
C PHE A 98 -6.55 -3.14 7.36
N ASN A 99 -6.56 -1.83 7.57
CA ASN A 99 -5.56 -0.96 6.97
C ASN A 99 -4.52 -0.55 8.01
N PRO A 100 -3.36 -1.22 8.02
CA PRO A 100 -2.30 -0.96 9.01
C PRO A 100 -1.69 0.43 8.90
N ALA A 101 -1.92 1.09 7.77
CA ALA A 101 -1.33 2.40 7.49
C ALA A 101 -1.80 3.45 8.49
N TYR A 102 -3.07 3.37 8.90
CA TYR A 102 -3.60 4.29 9.90
C TYR A 102 -4.13 3.51 11.10
N ASP A 103 -3.72 2.24 11.18
CA ASP A 103 -4.13 1.36 12.27
C ASP A 103 -3.54 1.83 13.60
N LEU A 104 -2.57 2.74 13.49
CA LEU A 104 -1.90 3.30 14.66
C LEU A 104 -2.83 4.28 15.37
N GLU A 105 -3.95 4.61 14.72
CA GLU A 105 -4.95 5.55 15.24
C GLU A 105 -4.43 6.99 15.17
N GLY A 106 -3.31 7.25 15.83
CA GLY A 106 -2.77 8.59 15.85
C GLY A 106 -1.54 8.68 16.74
N ALA A 107 -0.68 7.67 16.66
CA ALA A 107 0.52 7.62 17.49
C ALA A 107 1.53 8.70 17.09
N VAL A 108 1.39 9.22 15.88
CA VAL A 108 2.27 10.27 15.39
C VAL A 108 1.79 11.62 15.89
N GLN A 109 2.35 12.05 17.01
CA GLN A 109 1.95 13.30 17.63
C GLN A 109 3.14 14.25 17.72
N LYS A 110 2.86 15.54 17.79
CA LYS A 110 3.90 16.54 17.95
C LYS A 110 4.09 16.87 19.43
N LEU A 111 3.21 16.30 20.25
CA LEU A 111 3.29 16.46 21.70
C LEU A 111 4.43 15.62 22.27
N GLU A 112 4.67 14.48 21.63
CA GLU A 112 5.77 13.62 22.01
C GLU A 112 6.80 13.62 20.89
N HIS A 113 7.93 14.25 21.15
CA HIS A 113 8.92 14.52 20.11
C HIS A 113 9.49 13.22 19.54
N HIS A 114 9.62 12.24 20.40
CA HIS A 114 9.99 10.90 19.98
C HIS A 114 9.13 9.91 20.74
N HIS A 115 8.07 9.45 20.10
CA HIS A 115 7.11 8.55 20.73
C HIS A 115 7.81 7.34 21.30
N HIS A 116 7.58 7.09 22.58
CA HIS A 116 8.19 5.97 23.27
C HIS A 116 7.66 4.66 22.72
N HIS A 117 8.54 3.69 22.56
CA HIS A 117 8.17 2.39 22.02
C HIS A 117 7.62 1.49 23.12
N HIS A 118 7.55 2.03 24.33
CA HIS A 118 7.03 1.30 25.47
C HIS A 118 6.27 2.25 26.38
N LYS A 1 -0.92 -16.59 -30.34
CA LYS A 1 -1.50 -16.29 -29.02
C LYS A 1 -3.02 -16.36 -29.10
N SER A 2 -3.66 -16.55 -27.95
CA SER A 2 -5.11 -16.59 -27.89
C SER A 2 -5.68 -15.18 -27.72
N VAL A 3 -6.97 -15.02 -27.97
CA VAL A 3 -7.62 -13.72 -27.89
C VAL A 3 -7.54 -13.16 -26.47
N GLN A 4 -8.15 -13.87 -25.52
CA GLN A 4 -8.20 -13.40 -24.15
C GLN A 4 -6.99 -13.87 -23.36
N GLU A 5 -6.33 -12.93 -22.70
CA GLU A 5 -5.22 -13.26 -21.81
C GLU A 5 -5.74 -13.91 -20.54
N LYS A 6 -4.89 -14.67 -19.88
CA LYS A 6 -5.28 -15.34 -18.66
C LYS A 6 -5.32 -14.35 -17.51
N ARG A 7 -4.28 -13.50 -17.46
CA ARG A 7 -4.10 -12.52 -16.40
C ARG A 7 -4.19 -13.20 -15.04
N ASN A 8 -3.20 -14.03 -14.72
CA ASN A 8 -3.17 -14.72 -13.44
C ASN A 8 -2.93 -13.73 -12.32
N ASN A 9 -3.98 -13.42 -11.59
CA ASN A 9 -3.92 -12.41 -10.54
C ASN A 9 -3.81 -13.07 -9.17
N THR A 10 -2.67 -12.90 -8.54
CA THR A 10 -2.46 -13.38 -7.20
C THR A 10 -2.75 -12.25 -6.20
N ARG A 11 -2.84 -12.59 -4.92
CA ARG A 11 -3.07 -11.58 -3.90
C ARG A 11 -1.77 -10.89 -3.52
N ALA A 12 -1.10 -10.32 -4.52
CA ALA A 12 0.12 -9.56 -4.31
C ALA A 12 -0.19 -8.10 -4.50
N PHE A 13 0.39 -7.27 -3.64
CA PHE A 13 0.05 -5.85 -3.61
C PHE A 13 0.27 -5.19 -4.97
N LYS A 14 1.35 -5.53 -5.66
CA LYS A 14 1.66 -4.88 -6.93
C LYS A 14 0.69 -5.34 -8.03
N THR A 15 0.27 -6.59 -7.96
CA THR A 15 -0.67 -7.13 -8.93
C THR A 15 -2.06 -6.54 -8.69
N VAL A 16 -2.44 -6.44 -7.43
CA VAL A 16 -3.71 -5.87 -7.04
C VAL A 16 -3.73 -4.36 -7.28
N ALA A 17 -2.60 -3.73 -7.05
CA ALA A 17 -2.45 -2.30 -7.36
C ALA A 17 -2.63 -2.05 -8.85
N LYS A 18 -2.25 -3.03 -9.67
CA LYS A 18 -2.45 -2.92 -11.11
C LYS A 18 -3.94 -2.88 -11.43
N SER A 19 -4.70 -3.78 -10.82
CA SER A 19 -6.14 -3.80 -11.00
C SER A 19 -6.80 -2.58 -10.33
N TRP A 20 -6.16 -2.08 -9.28
CA TRP A 20 -6.61 -0.85 -8.62
C TRP A 20 -6.41 0.33 -9.56
N PHE A 21 -5.25 0.36 -10.21
CA PHE A 21 -4.92 1.38 -11.19
C PHE A 21 -5.88 1.30 -12.38
N ALA A 22 -6.26 0.08 -12.73
CA ALA A 22 -7.16 -0.15 -13.86
C ALA A 22 -8.61 0.15 -13.50
N THR A 23 -8.89 0.29 -12.21
CA THR A 23 -10.24 0.62 -11.77
C THR A 23 -10.30 2.06 -11.25
N LYS A 24 -9.18 2.75 -11.33
CA LYS A 24 -9.11 4.12 -10.86
C LYS A 24 -9.21 5.09 -12.03
N THR A 25 -10.35 5.73 -12.15
CA THR A 25 -10.57 6.73 -13.19
C THR A 25 -10.81 8.10 -12.56
N THR A 26 -10.39 8.23 -11.31
CA THR A 26 -10.65 9.44 -10.54
C THR A 26 -9.61 10.52 -10.83
N TRP A 27 -8.37 10.11 -11.02
CA TRP A 27 -7.31 11.04 -11.38
C TRP A 27 -7.17 11.12 -12.88
N SER A 28 -6.55 12.19 -13.36
CA SER A 28 -6.24 12.34 -14.76
C SER A 28 -5.13 11.35 -15.13
N GLU A 29 -5.22 10.78 -16.33
CA GLU A 29 -4.28 9.75 -16.77
C GLU A 29 -2.82 10.20 -16.60
N ASP A 30 -2.53 11.46 -16.93
CA ASP A 30 -1.18 11.98 -16.80
C ASP A 30 -0.70 11.91 -15.34
N TYR A 31 -1.48 12.48 -14.44
CA TYR A 31 -1.13 12.51 -13.03
C TYR A 31 -1.13 11.10 -12.44
N GLN A 32 -2.10 10.29 -12.84
CA GLN A 32 -2.23 8.95 -12.29
C GLN A 32 -1.13 8.05 -12.82
N ARG A 33 -0.61 8.38 -14.00
CA ARG A 33 0.56 7.69 -14.53
C ARG A 33 1.73 7.94 -13.59
N SER A 34 1.85 9.18 -13.13
CA SER A 34 2.86 9.54 -12.15
C SER A 34 2.62 8.79 -10.84
N VAL A 35 1.34 8.64 -10.48
CA VAL A 35 0.97 7.88 -9.29
C VAL A 35 1.53 6.46 -9.36
N TRP A 36 1.21 5.76 -10.45
CA TRP A 36 1.69 4.40 -10.65
C TRP A 36 3.21 4.35 -10.70
N THR A 37 3.81 5.33 -11.37
CA THR A 37 5.26 5.41 -11.47
C THR A 37 5.90 5.62 -10.10
N ARG A 38 5.33 6.54 -9.32
CA ARG A 38 5.81 6.81 -7.97
C ARG A 38 5.67 5.54 -7.10
N LEU A 39 4.58 4.82 -7.31
CA LEU A 39 4.34 3.59 -6.60
C LEU A 39 5.45 2.58 -6.86
N GLU A 40 5.67 2.23 -8.13
CA GLU A 40 6.63 1.19 -8.48
C GLU A 40 8.07 1.57 -8.11
N THR A 41 8.33 2.87 -7.92
CA THR A 41 9.65 3.32 -7.52
C THR A 41 9.93 2.98 -6.05
N TYR A 42 9.08 3.45 -5.15
CA TYR A 42 9.33 3.33 -3.71
C TYR A 42 8.61 2.11 -3.12
N LEU A 43 7.46 1.80 -3.68
CA LEU A 43 6.61 0.73 -3.19
C LEU A 43 6.67 -0.44 -4.16
N PHE A 44 6.30 -1.64 -3.67
CA PHE A 44 6.21 -2.89 -4.48
C PHE A 44 7.39 -3.87 -4.29
N PRO A 45 8.67 -3.45 -4.15
CA PRO A 45 9.78 -4.41 -3.98
C PRO A 45 9.58 -5.30 -2.76
N ASP A 46 8.98 -4.72 -1.73
CA ASP A 46 8.67 -5.46 -0.51
C ASP A 46 7.31 -6.11 -0.61
N ILE A 47 6.27 -5.29 -0.58
CA ILE A 47 4.90 -5.76 -0.46
C ILE A 47 4.34 -6.30 -1.78
N GLY A 48 5.05 -6.03 -2.87
CA GLY A 48 4.58 -6.50 -4.17
C GLY A 48 5.08 -7.88 -4.48
N ASN A 49 6.20 -8.26 -3.90
CA ASN A 49 6.75 -9.59 -4.07
C ASN A 49 6.32 -10.48 -2.91
N LYS A 50 5.80 -9.84 -1.88
CA LYS A 50 5.27 -10.54 -0.73
C LYS A 50 3.77 -10.69 -0.87
N ASP A 51 3.21 -11.77 -0.35
CA ASP A 51 1.76 -11.94 -0.35
C ASP A 51 1.13 -10.84 0.48
N ILE A 52 0.09 -10.23 -0.06
CA ILE A 52 -0.53 -9.06 0.54
C ILE A 52 -1.15 -9.41 1.90
N ALA A 53 -1.53 -10.67 2.09
CA ALA A 53 -2.15 -11.10 3.33
C ALA A 53 -1.10 -11.46 4.37
N GLU A 54 0.16 -11.41 3.95
CA GLU A 54 1.27 -11.69 4.86
C GLU A 54 1.98 -10.39 5.21
N LEU A 55 1.27 -9.28 5.09
CA LEU A 55 1.83 -7.98 5.38
C LEU A 55 1.34 -7.46 6.73
N ASP A 56 2.28 -7.05 7.57
CA ASP A 56 1.97 -6.47 8.87
C ASP A 56 2.25 -4.96 8.81
N THR A 57 1.95 -4.25 9.89
CA THR A 57 2.22 -2.82 9.95
C THR A 57 3.69 -2.55 9.65
N GLY A 58 4.56 -3.38 10.23
CA GLY A 58 5.99 -3.24 10.01
C GLY A 58 6.39 -3.43 8.57
N ASP A 59 5.73 -4.37 7.89
CA ASP A 59 6.04 -4.66 6.49
C ASP A 59 5.78 -3.45 5.62
N LEU A 60 4.72 -2.73 5.94
CA LEU A 60 4.35 -1.53 5.20
C LEU A 60 5.22 -0.35 5.60
N LEU A 61 5.63 -0.35 6.86
CA LEU A 61 6.49 0.71 7.38
C LEU A 61 7.87 0.68 6.74
N VAL A 62 8.30 -0.49 6.30
CA VAL A 62 9.63 -0.62 5.68
C VAL A 62 9.77 0.34 4.47
N PRO A 63 8.92 0.20 3.42
CA PRO A 63 8.96 1.11 2.28
C PRO A 63 8.61 2.56 2.66
N ILE A 64 7.69 2.74 3.60
CA ILE A 64 7.34 4.08 4.07
C ILE A 64 8.54 4.74 4.74
N LYS A 65 9.21 3.99 5.60
CA LYS A 65 10.41 4.43 6.29
C LYS A 65 11.51 4.77 5.29
N LYS A 66 11.58 3.97 4.23
CA LYS A 66 12.51 4.21 3.13
C LYS A 66 12.37 5.64 2.60
N ILE A 67 11.12 6.05 2.36
CA ILE A 67 10.85 7.39 1.84
C ILE A 67 10.98 8.44 2.95
N GLU A 68 10.59 8.07 4.15
CA GLU A 68 10.65 8.96 5.31
C GLU A 68 12.11 9.33 5.59
N LYS A 69 12.99 8.34 5.51
CA LYS A 69 14.43 8.58 5.66
C LYS A 69 15.00 9.28 4.43
N LEU A 70 14.30 9.16 3.31
CA LEU A 70 14.74 9.76 2.07
C LEU A 70 14.63 11.28 2.15
N GLY A 71 13.77 11.74 3.06
CA GLY A 71 13.63 13.17 3.29
C GLY A 71 12.38 13.73 2.64
N TYR A 72 11.76 12.94 1.78
CA TYR A 72 10.58 13.39 1.06
C TYR A 72 9.31 12.97 1.79
N LEU A 73 8.90 13.79 2.74
CA LEU A 73 7.73 13.50 3.55
C LEU A 73 6.46 13.56 2.71
N GLU A 74 6.40 14.51 1.79
CA GLU A 74 5.24 14.64 0.91
C GLU A 74 5.01 13.37 0.11
N ILE A 75 6.06 12.89 -0.53
CA ILE A 75 5.98 11.65 -1.30
C ILE A 75 5.56 10.49 -0.41
N ALA A 76 6.17 10.40 0.77
CA ALA A 76 5.85 9.34 1.72
C ALA A 76 4.38 9.39 2.13
N MET A 77 3.89 10.57 2.44
CA MET A 77 2.51 10.74 2.88
C MET A 77 1.54 10.44 1.74
N ARG A 78 1.88 10.90 0.54
CA ARG A 78 1.02 10.69 -0.61
C ARG A 78 0.98 9.21 -0.99
N VAL A 79 2.13 8.54 -0.95
CA VAL A 79 2.19 7.10 -1.22
C VAL A 79 1.38 6.36 -0.15
N LYS A 80 1.49 6.81 1.08
CA LYS A 80 0.72 6.24 2.18
C LYS A 80 -0.78 6.38 1.91
N GLN A 81 -1.17 7.51 1.33
CA GLN A 81 -2.55 7.75 0.94
C GLN A 81 -2.98 6.79 -0.17
N TYR A 82 -2.15 6.68 -1.20
CA TYR A 82 -2.41 5.76 -2.31
C TYR A 82 -2.55 4.34 -1.79
N ALA A 83 -1.63 3.94 -0.92
CA ALA A 83 -1.65 2.62 -0.33
C ALA A 83 -2.93 2.40 0.47
N THR A 84 -3.31 3.40 1.27
CA THR A 84 -4.52 3.31 2.08
C THR A 84 -5.76 3.07 1.21
N ALA A 85 -5.79 3.68 0.03
CA ALA A 85 -6.88 3.47 -0.91
C ALA A 85 -6.87 2.03 -1.42
N ILE A 86 -5.68 1.52 -1.72
CA ILE A 86 -5.52 0.15 -2.17
C ILE A 86 -5.87 -0.83 -1.05
N MET A 87 -5.54 -0.45 0.18
CA MET A 87 -5.85 -1.27 1.36
C MET A 87 -7.34 -1.56 1.43
N ARG A 88 -8.17 -0.52 1.27
CA ARG A 88 -9.61 -0.69 1.37
C ARG A 88 -10.14 -1.49 0.19
N TYR A 89 -9.49 -1.33 -0.95
CA TYR A 89 -9.81 -2.13 -2.13
C TYR A 89 -9.48 -3.60 -1.85
N ALA A 90 -8.37 -3.80 -1.16
CA ALA A 90 -7.95 -5.14 -0.74
C ALA A 90 -8.95 -5.76 0.24
N VAL A 91 -9.52 -4.91 1.09
CA VAL A 91 -10.54 -5.34 2.03
C VAL A 91 -11.78 -5.83 1.29
N GLN A 92 -12.12 -5.12 0.21
CA GLN A 92 -13.26 -5.51 -0.62
C GLN A 92 -13.01 -6.88 -1.26
N GLN A 93 -11.79 -7.11 -1.68
CA GLN A 93 -11.41 -8.40 -2.28
C GLN A 93 -11.14 -9.45 -1.20
N LYS A 94 -11.32 -9.05 0.05
CA LYS A 94 -11.16 -9.96 1.20
C LYS A 94 -9.72 -10.47 1.30
N MET A 95 -8.76 -9.64 0.91
CA MET A 95 -7.37 -10.04 1.00
C MET A 95 -6.83 -9.83 2.40
N ILE A 96 -7.02 -8.62 2.92
CA ILE A 96 -6.54 -8.30 4.26
C ILE A 96 -7.70 -8.19 5.24
N ARG A 97 -7.38 -8.24 6.52
CA ARG A 97 -8.37 -8.11 7.57
C ARG A 97 -8.92 -6.69 7.60
N PHE A 98 -8.03 -5.74 7.75
CA PHE A 98 -8.39 -4.33 7.79
C PHE A 98 -7.14 -3.48 7.52
N ASN A 99 -7.33 -2.21 7.21
CA ASN A 99 -6.22 -1.31 6.91
C ASN A 99 -5.24 -1.22 8.07
N PRO A 100 -4.02 -1.76 7.91
CA PRO A 100 -2.99 -1.74 8.95
C PRO A 100 -2.38 -0.36 9.13
N ALA A 101 -2.68 0.55 8.21
CA ALA A 101 -2.15 1.91 8.26
C ALA A 101 -2.81 2.72 9.37
N TYR A 102 -3.89 2.20 9.94
CA TYR A 102 -4.51 2.85 11.08
C TYR A 102 -3.79 2.47 12.36
N ASP A 103 -3.14 1.31 12.34
CA ASP A 103 -2.41 0.82 13.49
C ASP A 103 -1.18 1.68 13.75
N LEU A 104 -0.58 2.18 12.69
CA LEU A 104 0.61 3.02 12.80
C LEU A 104 0.25 4.44 13.18
N GLU A 105 -1.05 4.75 13.18
CA GLU A 105 -1.50 6.06 13.66
C GLU A 105 -1.62 6.01 15.17
N GLY A 106 -1.67 4.80 15.70
CA GLY A 106 -1.61 4.61 17.13
C GLY A 106 -0.22 4.88 17.66
N ALA A 107 0.74 4.85 16.76
CA ALA A 107 2.13 5.17 17.08
C ALA A 107 2.23 6.65 17.42
N VAL A 108 2.50 6.95 18.68
CA VAL A 108 2.51 8.33 19.15
C VAL A 108 3.90 8.94 19.10
N GLN A 109 3.94 10.23 18.82
CA GLN A 109 5.19 10.98 18.79
C GLN A 109 5.51 11.48 20.19
N LYS A 110 4.46 11.70 20.97
CA LYS A 110 4.61 12.18 22.33
C LYS A 110 4.04 11.15 23.30
N LEU A 111 4.85 10.75 24.26
CA LEU A 111 4.47 9.73 25.21
C LEU A 111 4.00 10.34 26.52
N GLU A 112 2.93 9.79 27.07
CA GLU A 112 2.49 10.18 28.39
C GLU A 112 3.43 9.58 29.43
N HIS A 113 3.80 10.39 30.42
CA HIS A 113 4.80 9.97 31.41
C HIS A 113 4.40 8.68 32.09
N HIS A 114 3.20 8.66 32.65
CA HIS A 114 2.69 7.47 33.29
C HIS A 114 1.53 6.93 32.49
N HIS A 115 1.49 5.62 32.30
CA HIS A 115 0.54 5.00 31.37
C HIS A 115 -0.82 4.76 32.02
N HIS A 116 -1.13 5.58 33.04
CA HIS A 116 -2.42 5.54 33.73
C HIS A 116 -2.60 4.25 34.53
N HIS A 117 -2.90 3.17 33.82
CA HIS A 117 -3.15 1.86 34.43
C HIS A 117 -3.59 0.87 33.37
N HIS A 118 -4.23 1.39 32.32
CA HIS A 118 -4.79 0.58 31.24
C HIS A 118 -5.98 -0.24 31.75
N LYS A 1 -4.09 -8.58 -25.73
CA LYS A 1 -4.34 -8.49 -24.27
C LYS A 1 -4.65 -9.86 -23.67
N SER A 2 -4.97 -10.84 -24.51
CA SER A 2 -5.28 -12.19 -24.03
C SER A 2 -3.99 -12.96 -23.78
N VAL A 3 -3.28 -12.58 -22.72
CA VAL A 3 -1.97 -13.14 -22.42
C VAL A 3 -2.01 -14.11 -21.24
N GLN A 4 -0.83 -14.55 -20.83
CA GLN A 4 -0.70 -15.52 -19.74
C GLN A 4 -0.81 -14.83 -18.39
N GLU A 5 -0.29 -13.61 -18.33
CA GLU A 5 -0.16 -12.87 -17.08
C GLU A 5 -1.52 -12.59 -16.45
N LYS A 6 -2.54 -12.44 -17.28
CA LYS A 6 -3.88 -12.11 -16.78
C LYS A 6 -4.63 -13.37 -16.34
N ARG A 7 -3.94 -14.51 -16.35
CA ARG A 7 -4.53 -15.75 -15.89
C ARG A 7 -4.23 -15.94 -14.41
N ASN A 8 -3.21 -15.25 -13.92
CA ASN A 8 -2.83 -15.35 -12.53
C ASN A 8 -3.11 -14.06 -11.80
N ASN A 9 -4.35 -13.89 -11.35
CA ASN A 9 -4.71 -12.74 -10.53
C ASN A 9 -4.25 -12.97 -9.10
N THR A 10 -2.98 -12.67 -8.86
CA THR A 10 -2.39 -12.89 -7.54
C THR A 10 -2.76 -11.77 -6.59
N ARG A 11 -2.69 -12.06 -5.31
CA ARG A 11 -3.01 -11.07 -4.30
C ARG A 11 -1.75 -10.33 -3.87
N ALA A 12 -0.79 -10.26 -4.79
CA ALA A 12 0.42 -9.47 -4.59
C ALA A 12 0.10 -8.00 -4.71
N PHE A 13 0.77 -7.18 -3.92
CA PHE A 13 0.55 -5.73 -3.93
C PHE A 13 0.67 -5.20 -5.36
N LYS A 14 1.64 -5.71 -6.10
CA LYS A 14 1.87 -5.28 -7.48
C LYS A 14 0.63 -5.50 -8.34
N THR A 15 0.16 -6.73 -8.36
CA THR A 15 -0.98 -7.12 -9.18
C THR A 15 -2.24 -6.36 -8.77
N VAL A 16 -2.47 -6.29 -7.46
CA VAL A 16 -3.65 -5.64 -6.93
C VAL A 16 -3.59 -4.12 -7.12
N ALA A 17 -2.40 -3.56 -7.01
CA ALA A 17 -2.20 -2.13 -7.24
C ALA A 17 -2.62 -1.76 -8.66
N LYS A 18 -2.34 -2.63 -9.63
CA LYS A 18 -2.71 -2.36 -11.01
C LYS A 18 -4.20 -2.63 -11.21
N SER A 19 -4.74 -3.55 -10.42
CA SER A 19 -6.18 -3.78 -10.42
C SER A 19 -6.89 -2.55 -9.88
N TRP A 20 -6.32 -1.99 -8.82
CA TRP A 20 -6.80 -0.74 -8.25
C TRP A 20 -6.64 0.40 -9.25
N PHE A 21 -5.50 0.42 -9.94
CA PHE A 21 -5.22 1.40 -10.97
C PHE A 21 -6.28 1.35 -12.08
N ALA A 22 -6.85 0.17 -12.28
CA ALA A 22 -7.86 -0.03 -13.30
C ALA A 22 -9.24 0.36 -12.79
N THR A 23 -9.52 0.04 -11.53
CA THR A 23 -10.81 0.35 -10.92
C THR A 23 -10.90 1.84 -10.57
N LYS A 24 -9.77 2.41 -10.18
CA LYS A 24 -9.72 3.80 -9.74
C LYS A 24 -9.04 4.66 -10.80
N THR A 25 -9.84 5.33 -11.61
CA THR A 25 -9.31 6.22 -12.65
C THR A 25 -9.86 7.64 -12.50
N THR A 26 -10.09 8.03 -11.25
CA THR A 26 -10.61 9.37 -10.94
C THR A 26 -9.62 10.46 -11.33
N TRP A 27 -8.33 10.17 -11.12
CA TRP A 27 -7.29 11.14 -11.40
C TRP A 27 -7.06 11.28 -12.90
N SER A 28 -6.46 12.38 -13.29
CA SER A 28 -6.05 12.58 -14.67
C SER A 28 -4.91 11.63 -15.00
N GLU A 29 -4.84 11.17 -16.24
CA GLU A 29 -3.80 10.23 -16.66
C GLU A 29 -2.41 10.82 -16.46
N ASP A 30 -2.33 12.14 -16.33
CA ASP A 30 -1.06 12.80 -16.04
C ASP A 30 -0.59 12.43 -14.64
N TYR A 31 -1.40 12.79 -13.66
CA TYR A 31 -1.06 12.57 -12.26
C TYR A 31 -1.11 11.09 -11.92
N GLN A 32 -2.12 10.39 -12.41
CA GLN A 32 -2.32 9.00 -12.06
C GLN A 32 -1.23 8.10 -12.65
N ARG A 33 -0.77 8.43 -13.85
CA ARG A 33 0.35 7.68 -14.45
C ARG A 33 1.61 7.91 -13.63
N SER A 34 1.76 9.14 -13.13
CA SER A 34 2.85 9.46 -12.22
C SER A 34 2.72 8.61 -10.95
N VAL A 35 1.49 8.42 -10.50
CA VAL A 35 1.21 7.56 -9.35
C VAL A 35 1.69 6.13 -9.61
N TRP A 36 1.34 5.62 -10.79
CA TRP A 36 1.72 4.25 -11.17
C TRP A 36 3.23 4.06 -11.12
N THR A 37 3.96 4.90 -11.84
CA THR A 37 5.41 4.80 -11.89
C THR A 37 6.02 5.06 -10.50
N ARG A 38 5.36 5.89 -9.70
CA ARG A 38 5.78 6.17 -8.34
C ARG A 38 5.64 4.92 -7.48
N LEU A 39 4.53 4.21 -7.66
CA LEU A 39 4.28 2.97 -6.94
C LEU A 39 5.32 1.92 -7.35
N GLU A 40 5.54 1.79 -8.66
CA GLU A 40 6.53 0.86 -9.21
C GLU A 40 7.89 1.06 -8.56
N THR A 41 8.23 2.33 -8.31
CA THR A 41 9.53 2.69 -7.80
C THR A 41 9.68 2.34 -6.31
N TYR A 42 8.74 2.77 -5.48
CA TYR A 42 8.91 2.69 -4.04
C TYR A 42 8.10 1.56 -3.40
N LEU A 43 6.83 1.43 -3.79
CA LEU A 43 5.89 0.63 -3.02
C LEU A 43 5.69 -0.76 -3.62
N PHE A 44 6.59 -1.15 -4.52
CA PHE A 44 6.52 -2.45 -5.18
C PHE A 44 7.62 -3.43 -4.73
N PRO A 45 8.91 -2.99 -4.66
CA PRO A 45 10.05 -3.90 -4.47
C PRO A 45 9.91 -4.84 -3.25
N ASP A 46 9.50 -4.29 -2.12
CA ASP A 46 9.47 -5.06 -0.88
C ASP A 46 8.14 -5.80 -0.71
N ILE A 47 7.08 -5.04 -0.53
CA ILE A 47 5.78 -5.59 -0.20
C ILE A 47 5.08 -6.20 -1.42
N GLY A 48 5.57 -5.89 -2.60
CA GLY A 48 4.93 -6.34 -3.82
C GLY A 48 5.25 -7.79 -4.13
N ASN A 49 6.40 -8.26 -3.69
CA ASN A 49 6.84 -9.62 -3.99
C ASN A 49 6.31 -10.59 -2.93
N LYS A 50 5.90 -10.05 -1.81
CA LYS A 50 5.38 -10.85 -0.72
C LYS A 50 3.85 -10.82 -0.72
N ASP A 51 3.23 -11.89 -0.23
CA ASP A 51 1.79 -11.94 -0.06
C ASP A 51 1.34 -10.77 0.80
N ILE A 52 0.57 -9.86 0.20
CA ILE A 52 0.16 -8.65 0.87
C ILE A 52 -0.79 -8.96 2.04
N ALA A 53 -1.39 -10.14 2.00
CA ALA A 53 -2.31 -10.57 3.05
C ALA A 53 -1.54 -11.21 4.20
N GLU A 54 -0.22 -11.30 4.07
CA GLU A 54 0.62 -11.89 5.09
C GLU A 54 1.64 -10.85 5.56
N LEU A 55 1.45 -9.61 5.13
CA LEU A 55 2.29 -8.51 5.54
C LEU A 55 1.75 -7.87 6.81
N ASP A 56 2.65 -7.41 7.65
CA ASP A 56 2.25 -6.70 8.86
C ASP A 56 2.20 -5.21 8.59
N THR A 57 1.54 -4.47 9.45
CA THR A 57 1.53 -3.03 9.37
C THR A 57 2.95 -2.50 9.38
N GLY A 58 3.83 -3.21 10.09
CA GLY A 58 5.23 -2.85 10.14
C GLY A 58 5.91 -3.01 8.80
N ASP A 59 5.55 -4.06 8.06
CA ASP A 59 6.13 -4.31 6.74
C ASP A 59 5.74 -3.22 5.76
N LEU A 60 4.59 -2.61 5.99
CA LEU A 60 4.14 -1.49 5.19
C LEU A 60 4.85 -0.20 5.62
N LEU A 61 5.02 -0.06 6.93
CA LEU A 61 5.64 1.13 7.50
C LEU A 61 7.09 1.27 7.05
N VAL A 62 7.79 0.16 6.85
CA VAL A 62 9.20 0.21 6.49
C VAL A 62 9.44 0.94 5.16
N PRO A 63 8.80 0.52 4.03
CA PRO A 63 8.91 1.24 2.76
C PRO A 63 8.45 2.69 2.87
N ILE A 64 7.35 2.93 3.59
CA ILE A 64 6.88 4.30 3.80
C ILE A 64 7.96 5.12 4.54
N LYS A 65 8.47 4.52 5.60
CA LYS A 65 9.53 5.12 6.40
C LYS A 65 10.81 5.30 5.58
N LYS A 66 11.01 4.39 4.65
CA LYS A 66 12.19 4.42 3.77
C LYS A 66 12.18 5.67 2.91
N ILE A 67 11.00 6.11 2.52
CA ILE A 67 10.86 7.34 1.75
C ILE A 67 11.08 8.56 2.64
N GLU A 68 10.63 8.48 3.89
CA GLU A 68 10.91 9.51 4.88
C GLU A 68 12.41 9.59 5.13
N LYS A 69 13.02 8.42 5.18
CA LYS A 69 14.48 8.30 5.31
C LYS A 69 15.17 8.86 4.07
N LEU A 70 14.47 8.83 2.94
CA LEU A 70 15.00 9.38 1.69
C LEU A 70 15.08 10.90 1.80
N GLY A 71 14.18 11.47 2.59
CA GLY A 71 14.19 12.91 2.80
C GLY A 71 12.94 13.58 2.27
N TYR A 72 11.98 12.79 1.80
CA TYR A 72 10.76 13.34 1.25
C TYR A 72 9.54 12.85 2.01
N LEU A 73 9.07 13.67 2.93
CA LEU A 73 7.95 13.33 3.79
C LEU A 73 6.64 13.30 3.01
N GLU A 74 6.42 14.33 2.18
CA GLU A 74 5.19 14.40 1.39
C GLU A 74 5.07 13.20 0.47
N ILE A 75 6.16 12.84 -0.18
CA ILE A 75 6.17 11.69 -1.08
C ILE A 75 5.77 10.43 -0.31
N ALA A 76 6.37 10.24 0.86
CA ALA A 76 6.05 9.09 1.70
C ALA A 76 4.58 9.08 2.09
N MET A 77 4.09 10.21 2.61
CA MET A 77 2.70 10.33 3.03
C MET A 77 1.74 10.15 1.86
N ARG A 78 2.14 10.65 0.69
CA ARG A 78 1.32 10.51 -0.51
C ARG A 78 1.28 9.07 -0.98
N VAL A 79 2.43 8.40 -0.98
CA VAL A 79 2.50 6.99 -1.33
C VAL A 79 1.67 6.16 -0.36
N LYS A 80 1.78 6.49 0.92
CA LYS A 80 0.97 5.86 1.95
C LYS A 80 -0.51 6.16 1.75
N GLN A 81 -0.81 7.34 1.22
CA GLN A 81 -2.19 7.73 0.95
C GLN A 81 -2.76 6.88 -0.18
N TYR A 82 -1.99 6.72 -1.26
CA TYR A 82 -2.36 5.81 -2.33
C TYR A 82 -2.57 4.41 -1.76
N ALA A 83 -1.61 3.98 -0.95
CA ALA A 83 -1.65 2.67 -0.32
C ALA A 83 -2.90 2.49 0.52
N THR A 84 -3.30 3.55 1.23
CA THR A 84 -4.49 3.51 2.06
C THR A 84 -5.72 3.18 1.23
N ALA A 85 -5.82 3.78 0.05
CA ALA A 85 -6.92 3.52 -0.86
C ALA A 85 -6.84 2.09 -1.40
N ILE A 86 -5.62 1.65 -1.66
CA ILE A 86 -5.39 0.28 -2.14
C ILE A 86 -5.72 -0.73 -1.04
N MET A 87 -5.43 -0.37 0.20
CA MET A 87 -5.74 -1.24 1.33
C MET A 87 -7.24 -1.44 1.50
N ARG A 88 -7.99 -0.34 1.38
CA ARG A 88 -9.45 -0.43 1.48
C ARG A 88 -9.98 -1.27 0.32
N TYR A 89 -9.35 -1.11 -0.84
CA TYR A 89 -9.66 -1.90 -2.02
C TYR A 89 -9.34 -3.38 -1.75
N ALA A 90 -8.23 -3.61 -1.05
CA ALA A 90 -7.78 -4.95 -0.71
C ALA A 90 -8.76 -5.64 0.23
N VAL A 91 -9.33 -4.89 1.16
CA VAL A 91 -10.33 -5.44 2.08
C VAL A 91 -11.57 -5.89 1.29
N GLN A 92 -11.93 -5.09 0.29
CA GLN A 92 -13.06 -5.43 -0.58
C GLN A 92 -12.69 -6.59 -1.50
N GLN A 93 -11.40 -6.69 -1.79
CA GLN A 93 -10.88 -7.73 -2.68
C GLN A 93 -10.71 -9.07 -1.96
N LYS A 94 -11.14 -9.13 -0.70
CA LYS A 94 -11.06 -10.36 0.10
C LYS A 94 -9.59 -10.72 0.38
N MET A 95 -8.74 -9.70 0.36
CA MET A 95 -7.31 -9.89 0.55
C MET A 95 -6.93 -9.78 2.01
N ILE A 96 -6.98 -8.56 2.53
CA ILE A 96 -6.60 -8.31 3.91
C ILE A 96 -7.84 -8.24 4.79
N ARG A 97 -7.71 -8.72 6.02
CA ARG A 97 -8.83 -8.84 6.94
C ARG A 97 -9.22 -7.47 7.49
N PHE A 98 -8.23 -6.59 7.64
CA PHE A 98 -8.47 -5.25 8.14
C PHE A 98 -7.56 -4.27 7.42
N ASN A 99 -7.75 -2.98 7.67
CA ASN A 99 -6.94 -1.94 7.05
C ASN A 99 -5.81 -1.53 7.99
N PRO A 100 -4.57 -1.95 7.69
CA PRO A 100 -3.41 -1.71 8.56
C PRO A 100 -3.12 -0.23 8.79
N ALA A 101 -3.33 0.59 7.76
CA ALA A 101 -3.11 2.02 7.86
C ALA A 101 -4.07 2.65 8.90
N TYR A 102 -5.12 1.93 9.25
CA TYR A 102 -6.09 2.40 10.23
C TYR A 102 -5.93 1.66 11.56
N ASP A 103 -4.94 0.79 11.65
CA ASP A 103 -4.75 -0.01 12.85
C ASP A 103 -3.40 -0.70 12.82
N LEU A 104 -2.50 -0.19 13.63
CA LEU A 104 -1.17 -0.76 13.76
C LEU A 104 -1.21 -2.02 14.62
N GLU A 105 -2.33 -2.21 15.33
CA GLU A 105 -2.50 -3.27 16.32
C GLU A 105 -1.58 -3.05 17.52
N GLY A 106 -0.28 -3.05 17.29
CA GLY A 106 0.67 -2.89 18.37
C GLY A 106 2.09 -2.65 17.86
N ALA A 107 2.24 -1.65 17.00
CA ALA A 107 3.56 -1.28 16.49
C ALA A 107 4.19 -0.23 17.39
N VAL A 108 3.53 0.92 17.46
CA VAL A 108 3.94 1.97 18.38
C VAL A 108 2.90 2.10 19.48
N GLN A 109 3.10 3.06 20.39
CA GLN A 109 2.17 3.31 21.50
C GLN A 109 2.12 2.11 22.45
N LYS A 110 3.10 1.22 22.31
CA LYS A 110 3.22 0.06 23.17
C LYS A 110 3.67 0.50 24.57
N LEU A 111 2.91 0.10 25.58
CA LEU A 111 3.22 0.46 26.95
C LEU A 111 4.05 -0.63 27.62
N GLU A 112 4.57 -1.54 26.81
CA GLU A 112 5.46 -2.58 27.30
C GLU A 112 6.81 -1.97 27.69
N HIS A 113 7.42 -2.51 28.73
CA HIS A 113 8.61 -1.92 29.34
C HIS A 113 9.80 -1.95 28.38
N HIS A 114 9.77 -2.87 27.42
CA HIS A 114 10.84 -2.97 26.44
C HIS A 114 10.76 -1.82 25.45
N HIS A 115 9.58 -1.25 25.29
CA HIS A 115 9.36 -0.19 24.32
C HIS A 115 9.28 1.16 25.02
N HIS A 116 10.14 2.08 24.62
CA HIS A 116 10.17 3.41 25.22
C HIS A 116 9.36 4.38 24.36
N HIS A 117 9.10 5.56 24.89
CA HIS A 117 8.36 6.58 24.16
C HIS A 117 9.33 7.43 23.35
N HIS A 118 10.22 8.13 24.04
CA HIS A 118 11.24 8.92 23.38
C HIS A 118 12.61 8.53 23.91
N LYS A 1 9.88 -36.26 -20.29
CA LYS A 1 8.81 -35.36 -19.81
C LYS A 1 9.14 -34.83 -18.42
N SER A 2 8.65 -33.64 -18.11
CA SER A 2 8.83 -33.05 -16.80
C SER A 2 7.61 -32.23 -16.42
N VAL A 3 7.32 -32.17 -15.13
CA VAL A 3 6.19 -31.40 -14.62
C VAL A 3 6.66 -30.40 -13.57
N GLN A 4 6.57 -29.14 -13.91
CA GLN A 4 7.06 -28.08 -13.03
C GLN A 4 5.89 -27.36 -12.37
N GLU A 5 6.20 -26.55 -11.36
CA GLU A 5 5.19 -25.81 -10.62
C GLU A 5 4.43 -24.87 -11.55
N LYS A 6 5.17 -23.98 -12.21
CA LYS A 6 4.60 -23.03 -13.17
C LYS A 6 3.44 -22.26 -12.56
N ARG A 7 3.67 -21.69 -11.39
CA ARG A 7 2.64 -20.98 -10.66
C ARG A 7 2.56 -19.52 -11.13
N ASN A 8 1.74 -18.73 -10.44
CA ASN A 8 1.54 -17.33 -10.79
C ASN A 8 1.34 -16.50 -9.53
N ASN A 9 1.14 -15.20 -9.71
CA ASN A 9 0.95 -14.31 -8.58
C ASN A 9 -0.51 -14.29 -8.14
N THR A 10 -0.75 -14.71 -6.90
CA THR A 10 -2.09 -14.67 -6.35
C THR A 10 -2.17 -13.71 -5.17
N ARG A 11 -3.13 -12.78 -5.25
CA ARG A 11 -3.32 -11.76 -4.21
C ARG A 11 -2.12 -10.84 -4.07
N ALA A 12 -1.18 -10.93 -5.01
CA ALA A 12 0.01 -10.10 -4.99
C ALA A 12 -0.35 -8.64 -5.17
N PHE A 13 0.27 -7.78 -4.38
CA PHE A 13 0.00 -6.35 -4.40
C PHE A 13 0.11 -5.79 -5.82
N LYS A 14 1.02 -6.36 -6.61
CA LYS A 14 1.25 -5.94 -7.98
C LYS A 14 -0.04 -6.03 -8.80
N THR A 15 -0.60 -7.24 -8.87
CA THR A 15 -1.78 -7.51 -9.68
C THR A 15 -3.01 -6.79 -9.13
N VAL A 16 -3.07 -6.67 -7.81
CA VAL A 16 -4.20 -6.03 -7.16
C VAL A 16 -4.17 -4.52 -7.34
N ALA A 17 -2.97 -3.94 -7.21
CA ALA A 17 -2.77 -2.51 -7.47
C ALA A 17 -3.13 -2.19 -8.92
N LYS A 18 -2.84 -3.13 -9.82
CA LYS A 18 -3.23 -3.01 -11.22
C LYS A 18 -4.75 -2.82 -11.33
N SER A 19 -5.49 -3.66 -10.61
CA SER A 19 -6.94 -3.61 -10.63
C SER A 19 -7.44 -2.27 -10.06
N TRP A 20 -6.75 -1.81 -9.02
CA TRP A 20 -7.06 -0.53 -8.39
C TRP A 20 -6.80 0.62 -9.37
N PHE A 21 -5.64 0.59 -10.00
CA PHE A 21 -5.23 1.61 -10.96
C PHE A 21 -6.16 1.61 -12.18
N ALA A 22 -6.59 0.44 -12.60
CA ALA A 22 -7.49 0.31 -13.73
C ALA A 22 -8.88 0.84 -13.39
N THR A 23 -9.28 0.64 -12.14
CA THR A 23 -10.60 1.07 -11.69
C THR A 23 -10.65 2.59 -11.51
N LYS A 24 -9.57 3.17 -11.02
CA LYS A 24 -9.52 4.61 -10.79
C LYS A 24 -9.14 5.37 -12.04
N THR A 25 -9.98 6.34 -12.39
CA THR A 25 -9.74 7.21 -13.52
C THR A 25 -10.15 8.63 -13.18
N THR A 26 -10.27 8.90 -11.89
CA THR A 26 -10.65 10.22 -11.41
C THR A 26 -9.47 11.17 -11.44
N TRP A 27 -8.27 10.60 -11.48
CA TRP A 27 -7.06 11.39 -11.64
C TRP A 27 -6.75 11.55 -13.13
N SER A 28 -5.88 12.49 -13.45
CA SER A 28 -5.48 12.72 -14.82
C SER A 28 -4.42 11.71 -15.24
N GLU A 29 -4.33 11.44 -16.54
CA GLU A 29 -3.36 10.49 -17.10
C GLU A 29 -1.94 10.83 -16.64
N ASP A 30 -1.60 12.10 -16.72
CA ASP A 30 -0.27 12.56 -16.34
C ASP A 30 -0.01 12.30 -14.87
N TYR A 31 -1.02 12.55 -14.04
CA TYR A 31 -0.88 12.36 -12.62
C TYR A 31 -0.86 10.88 -12.27
N GLN A 32 -1.74 10.11 -12.91
CA GLN A 32 -1.81 8.68 -12.66
C GLN A 32 -0.51 7.98 -13.04
N ARG A 33 0.10 8.42 -14.13
CA ARG A 33 1.39 7.87 -14.53
C ARG A 33 2.43 8.18 -13.47
N SER A 34 2.41 9.42 -12.99
CA SER A 34 3.32 9.87 -11.95
C SER A 34 3.10 9.05 -10.67
N VAL A 35 1.84 8.75 -10.39
CA VAL A 35 1.49 7.90 -9.24
C VAL A 35 2.00 6.48 -9.45
N TRP A 36 1.63 5.88 -10.57
CA TRP A 36 1.96 4.49 -10.88
C TRP A 36 3.48 4.27 -10.89
N THR A 37 4.20 5.10 -11.62
CA THR A 37 5.65 4.99 -11.69
C THR A 37 6.29 5.19 -10.31
N ARG A 38 5.76 6.14 -9.53
CA ARG A 38 6.25 6.39 -8.18
C ARG A 38 5.97 5.20 -7.29
N LEU A 39 4.79 4.60 -7.44
CA LEU A 39 4.44 3.41 -6.69
C LEU A 39 5.38 2.27 -7.03
N GLU A 40 5.62 2.06 -8.32
CA GLU A 40 6.53 1.01 -8.79
C GLU A 40 7.94 1.21 -8.21
N THR A 41 8.30 2.46 -7.97
CA THR A 41 9.64 2.79 -7.55
C THR A 41 9.84 2.60 -6.04
N TYR A 42 8.98 3.23 -5.23
CA TYR A 42 9.20 3.27 -3.79
C TYR A 42 8.33 2.26 -3.02
N LEU A 43 7.19 1.90 -3.57
CA LEU A 43 6.20 1.13 -2.82
C LEU A 43 6.17 -0.34 -3.25
N PHE A 44 5.96 -0.56 -4.54
CA PHE A 44 5.79 -1.90 -5.09
C PHE A 44 6.96 -2.87 -4.80
N PRO A 45 8.24 -2.45 -4.91
CA PRO A 45 9.37 -3.39 -4.84
C PRO A 45 9.54 -4.07 -3.48
N ASP A 46 8.85 -3.57 -2.46
CA ASP A 46 9.00 -4.11 -1.12
C ASP A 46 7.76 -4.89 -0.67
N ILE A 47 6.64 -4.68 -1.33
CA ILE A 47 5.40 -5.37 -0.95
C ILE A 47 4.80 -6.15 -2.11
N GLY A 48 5.18 -5.82 -3.33
CA GLY A 48 4.66 -6.51 -4.49
C GLY A 48 5.24 -7.90 -4.62
N ASN A 49 6.45 -8.06 -4.12
CA ASN A 49 7.12 -9.36 -4.10
C ASN A 49 6.79 -10.10 -2.81
N LYS A 50 5.94 -9.48 -2.01
CA LYS A 50 5.53 -10.06 -0.74
C LYS A 50 4.22 -10.81 -0.95
N ASP A 51 3.76 -11.53 0.06
CA ASP A 51 2.59 -12.38 -0.08
C ASP A 51 1.31 -11.62 0.29
N ILE A 52 1.47 -10.33 0.60
CA ILE A 52 0.34 -9.42 0.92
C ILE A 52 -0.35 -9.75 2.25
N ALA A 53 -0.61 -11.02 2.53
CA ALA A 53 -1.30 -11.42 3.74
C ALA A 53 -0.50 -11.05 4.99
N GLU A 54 0.82 -11.06 4.85
CA GLU A 54 1.69 -10.74 5.97
C GLU A 54 2.10 -9.28 5.96
N LEU A 55 1.42 -8.48 5.16
CA LEU A 55 1.68 -7.05 5.13
C LEU A 55 0.92 -6.36 6.25
N ASP A 56 1.51 -6.36 7.44
CA ASP A 56 0.91 -5.70 8.59
C ASP A 56 1.40 -4.27 8.68
N THR A 57 1.03 -3.60 9.76
CA THR A 57 1.38 -2.21 9.98
C THR A 57 2.89 -1.97 9.81
N GLY A 58 3.68 -2.86 10.40
CA GLY A 58 5.13 -2.69 10.39
C GLY A 58 5.73 -2.94 9.02
N ASP A 59 5.24 -3.97 8.32
CA ASP A 59 5.84 -4.36 7.05
C ASP A 59 5.47 -3.35 5.96
N LEU A 60 4.35 -2.67 6.15
CA LEU A 60 3.95 -1.59 5.26
C LEU A 60 4.69 -0.31 5.61
N LEU A 61 5.01 -0.14 6.90
CA LEU A 61 5.81 0.98 7.33
C LEU A 61 7.21 0.90 6.75
N VAL A 62 7.65 -0.31 6.40
CA VAL A 62 8.96 -0.48 5.78
C VAL A 62 9.13 0.43 4.56
N PRO A 63 8.31 0.27 3.49
CA PRO A 63 8.37 1.18 2.34
C PRO A 63 8.06 2.63 2.71
N ILE A 64 7.16 2.84 3.68
CA ILE A 64 6.82 4.18 4.13
C ILE A 64 8.03 4.89 4.77
N LYS A 65 8.67 4.22 5.73
CA LYS A 65 9.82 4.79 6.42
C LYS A 65 11.04 4.82 5.49
N LYS A 66 10.97 4.00 4.45
CA LYS A 66 11.97 4.02 3.39
C LYS A 66 11.97 5.36 2.69
N ILE A 67 10.76 5.89 2.45
CA ILE A 67 10.63 7.22 1.85
C ILE A 67 10.88 8.30 2.91
N GLU A 68 10.53 7.98 4.16
CA GLU A 68 10.84 8.87 5.29
C GLU A 68 12.34 9.12 5.35
N LYS A 69 13.12 8.04 5.26
CA LYS A 69 14.57 8.12 5.31
C LYS A 69 15.12 8.78 4.05
N LEU A 70 14.30 8.81 3.00
CA LEU A 70 14.67 9.47 1.75
C LEU A 70 14.65 10.99 1.94
N GLY A 71 13.92 11.44 2.95
CA GLY A 71 13.84 12.85 3.26
C GLY A 71 12.56 13.46 2.76
N TYR A 72 11.64 12.62 2.29
CA TYR A 72 10.39 13.09 1.72
C TYR A 72 9.20 12.58 2.51
N LEU A 73 8.76 13.34 3.49
CA LEU A 73 7.65 12.95 4.33
C LEU A 73 6.32 13.13 3.61
N GLU A 74 6.23 14.20 2.81
CA GLU A 74 5.03 14.44 2.02
C GLU A 74 4.84 13.31 1.01
N ILE A 75 5.94 12.95 0.34
CA ILE A 75 5.91 11.86 -0.63
C ILE A 75 5.49 10.56 0.06
N ALA A 76 6.05 10.31 1.24
CA ALA A 76 5.69 9.14 2.03
C ALA A 76 4.19 9.12 2.33
N MET A 77 3.66 10.28 2.73
CA MET A 77 2.23 10.39 3.02
C MET A 77 1.41 10.19 1.76
N ARG A 78 1.83 10.81 0.66
CA ARG A 78 1.13 10.69 -0.61
C ARG A 78 1.12 9.24 -1.08
N VAL A 79 2.29 8.60 -1.08
CA VAL A 79 2.42 7.22 -1.51
C VAL A 79 1.59 6.31 -0.61
N LYS A 80 1.63 6.57 0.69
CA LYS A 80 0.85 5.80 1.64
C LYS A 80 -0.64 5.95 1.36
N GLN A 81 -1.06 7.16 1.01
CA GLN A 81 -2.46 7.44 0.74
C GLN A 81 -2.97 6.60 -0.43
N TYR A 82 -2.23 6.58 -1.54
CA TYR A 82 -2.56 5.70 -2.66
C TYR A 82 -2.68 4.27 -2.17
N ALA A 83 -1.66 3.81 -1.46
CA ALA A 83 -1.61 2.46 -0.95
C ALA A 83 -2.76 2.17 0.02
N THR A 84 -3.11 3.15 0.84
CA THR A 84 -4.18 2.99 1.82
C THR A 84 -5.50 2.66 1.12
N ALA A 85 -5.74 3.29 -0.01
CA ALA A 85 -6.92 3.00 -0.81
C ALA A 85 -6.86 1.58 -1.36
N ILE A 86 -5.66 1.14 -1.72
CA ILE A 86 -5.44 -0.20 -2.22
C ILE A 86 -5.60 -1.22 -1.09
N MET A 87 -5.20 -0.82 0.11
CA MET A 87 -5.24 -1.70 1.28
C MET A 87 -6.68 -2.03 1.66
N ARG A 88 -7.53 -1.03 1.73
CA ARG A 88 -8.93 -1.26 2.06
C ARG A 88 -9.63 -1.96 0.90
N TYR A 89 -9.12 -1.75 -0.30
CA TYR A 89 -9.57 -2.47 -1.47
C TYR A 89 -9.19 -3.95 -1.34
N ALA A 90 -8.01 -4.19 -0.77
CA ALA A 90 -7.53 -5.53 -0.51
C ALA A 90 -8.36 -6.22 0.57
N VAL A 91 -8.82 -5.43 1.53
CA VAL A 91 -9.72 -5.93 2.58
C VAL A 91 -11.04 -6.38 1.96
N GLN A 92 -11.51 -5.61 0.98
CA GLN A 92 -12.74 -5.93 0.27
C GLN A 92 -12.57 -7.19 -0.56
N GLN A 93 -11.36 -7.41 -1.08
CA GLN A 93 -11.06 -8.62 -1.81
C GLN A 93 -10.65 -9.74 -0.85
N LYS A 94 -10.69 -9.43 0.44
CA LYS A 94 -10.44 -10.40 1.51
C LYS A 94 -9.03 -11.00 1.40
N MET A 95 -8.06 -10.16 1.08
CA MET A 95 -6.68 -10.62 0.95
C MET A 95 -5.93 -10.41 2.26
N ILE A 96 -6.21 -9.31 2.92
CA ILE A 96 -5.56 -8.99 4.17
C ILE A 96 -6.57 -8.97 5.31
N ARG A 97 -6.09 -8.84 6.53
CA ARG A 97 -6.95 -8.90 7.70
C ARG A 97 -7.69 -7.59 7.90
N PHE A 98 -6.95 -6.49 7.78
CA PHE A 98 -7.51 -5.16 7.99
C PHE A 98 -6.61 -4.12 7.34
N ASN A 99 -7.01 -2.86 7.36
CA ASN A 99 -6.21 -1.79 6.78
C ASN A 99 -5.33 -1.16 7.86
N PRO A 100 -4.05 -1.57 7.93
CA PRO A 100 -3.13 -1.17 9.01
C PRO A 100 -2.83 0.33 9.02
N ALA A 101 -2.98 0.96 7.86
CA ALA A 101 -2.71 2.38 7.72
C ALA A 101 -3.75 3.22 8.49
N TYR A 102 -4.84 2.59 8.88
CA TYR A 102 -5.86 3.27 9.68
C TYR A 102 -5.70 2.93 11.16
N ASP A 103 -5.08 1.79 11.44
CA ASP A 103 -4.84 1.37 12.82
C ASP A 103 -3.96 2.37 13.55
N LEU A 104 -3.04 2.99 12.81
CA LEU A 104 -2.15 3.99 13.35
C LEU A 104 -2.91 5.25 13.77
N GLU A 105 -4.02 5.52 13.08
CA GLU A 105 -4.79 6.75 13.25
C GLU A 105 -4.00 7.97 12.75
N GLY A 106 -2.87 8.20 13.38
CA GLY A 106 -2.01 9.32 13.02
C GLY A 106 -0.74 9.32 13.85
N ALA A 107 -0.39 8.14 14.35
CA ALA A 107 0.78 8.01 15.22
C ALA A 107 2.06 7.81 14.41
N VAL A 108 1.99 8.09 13.11
CA VAL A 108 3.13 7.90 12.23
C VAL A 108 4.27 8.86 12.58
N GLN A 109 3.92 10.02 13.11
CA GLN A 109 4.91 11.02 13.48
C GLN A 109 5.02 11.13 14.99
N LYS A 110 4.48 10.15 15.69
CA LYS A 110 4.52 10.13 17.15
C LYS A 110 5.65 9.23 17.60
N LEU A 111 6.63 9.81 18.27
CA LEU A 111 7.80 9.07 18.70
C LEU A 111 7.51 8.26 19.95
N GLU A 112 7.66 6.93 19.84
CA GLU A 112 7.43 6.04 20.98
C GLU A 112 8.40 6.36 22.10
N HIS A 113 7.87 6.60 23.28
CA HIS A 113 8.70 6.86 24.44
C HIS A 113 9.21 5.55 25.01
N HIS A 114 10.27 5.03 24.39
CA HIS A 114 10.89 3.80 24.84
C HIS A 114 11.66 4.05 26.13
N HIS A 115 11.50 3.15 27.08
CA HIS A 115 12.12 3.29 28.39
C HIS A 115 13.62 3.09 28.28
N HIS A 116 14.37 4.19 28.35
CA HIS A 116 15.80 4.15 28.13
C HIS A 116 16.55 3.70 29.37
N HIS A 117 16.76 2.40 29.48
CA HIS A 117 17.64 1.86 30.50
C HIS A 117 19.04 1.78 29.92
N HIS A 118 19.11 1.29 28.69
CA HIS A 118 20.34 1.26 27.93
C HIS A 118 19.99 1.30 26.44
N LYS A 1 -8.18 -10.19 -18.80
CA LYS A 1 -8.14 -9.62 -17.43
C LYS A 1 -8.46 -10.70 -16.42
N SER A 2 -7.41 -11.35 -15.92
CA SER A 2 -7.54 -12.48 -15.03
C SER A 2 -8.15 -12.08 -13.68
N VAL A 3 -7.89 -10.85 -13.25
CA VAL A 3 -8.42 -10.37 -11.97
C VAL A 3 -9.94 -10.18 -12.05
N GLN A 4 -10.45 -9.96 -13.26
CA GLN A 4 -11.89 -9.81 -13.47
C GLN A 4 -12.49 -11.14 -13.91
N GLU A 5 -11.76 -12.21 -13.69
CA GLU A 5 -12.19 -13.53 -14.13
C GLU A 5 -11.78 -14.57 -13.09
N LYS A 6 -12.20 -15.81 -13.28
CA LYS A 6 -11.88 -16.88 -12.35
C LYS A 6 -10.66 -17.67 -12.80
N ARG A 7 -9.99 -17.17 -13.84
CA ARG A 7 -8.80 -17.84 -14.36
C ARG A 7 -7.54 -17.14 -13.90
N ASN A 8 -6.91 -17.71 -12.87
CA ASN A 8 -5.64 -17.22 -12.33
C ASN A 8 -5.72 -15.81 -11.79
N ASN A 9 -6.13 -15.69 -10.54
CA ASN A 9 -6.14 -14.39 -9.87
C ASN A 9 -5.06 -14.37 -8.80
N THR A 10 -4.27 -13.31 -8.80
CA THR A 10 -3.15 -13.19 -7.88
C THR A 10 -3.36 -12.01 -6.94
N ARG A 11 -3.26 -12.26 -5.64
CA ARG A 11 -3.49 -11.23 -4.63
C ARG A 11 -2.23 -10.41 -4.37
N ALA A 12 -1.26 -10.53 -5.27
CA ALA A 12 -0.02 -9.78 -5.15
C ALA A 12 -0.30 -8.28 -5.27
N PHE A 13 0.36 -7.50 -4.42
CA PHE A 13 0.13 -6.07 -4.35
C PHE A 13 0.24 -5.41 -5.72
N LYS A 14 1.25 -5.79 -6.50
CA LYS A 14 1.47 -5.18 -7.81
C LYS A 14 0.33 -5.53 -8.78
N THR A 15 -0.20 -6.74 -8.67
CA THR A 15 -1.29 -7.18 -9.53
C THR A 15 -2.60 -6.51 -9.14
N VAL A 16 -2.84 -6.45 -7.84
CA VAL A 16 -4.05 -5.84 -7.32
C VAL A 16 -4.03 -4.33 -7.50
N ALA A 17 -2.88 -3.71 -7.23
CA ALA A 17 -2.73 -2.28 -7.42
C ALA A 17 -2.89 -1.91 -8.89
N LYS A 18 -2.51 -2.82 -9.78
CA LYS A 18 -2.65 -2.60 -11.21
C LYS A 18 -4.13 -2.58 -11.59
N SER A 19 -4.91 -3.45 -10.95
CA SER A 19 -6.34 -3.50 -11.19
C SER A 19 -7.02 -2.28 -10.56
N TRP A 20 -6.51 -1.88 -9.40
CA TRP A 20 -6.95 -0.68 -8.72
C TRP A 20 -6.66 0.55 -9.58
N PHE A 21 -5.46 0.58 -10.14
CA PHE A 21 -5.00 1.66 -11.01
C PHE A 21 -5.93 1.83 -12.21
N ALA A 22 -6.42 0.72 -12.74
CA ALA A 22 -7.28 0.74 -13.91
C ALA A 22 -8.74 0.98 -13.53
N THR A 23 -8.98 1.27 -12.26
CA THR A 23 -10.33 1.49 -11.77
C THR A 23 -10.46 2.86 -11.10
N LYS A 24 -9.39 3.30 -10.44
CA LYS A 24 -9.41 4.55 -9.69
C LYS A 24 -9.32 5.75 -10.62
N THR A 25 -10.46 6.29 -11.01
CA THR A 25 -10.51 7.45 -11.90
C THR A 25 -10.49 8.77 -11.13
N THR A 26 -9.90 8.74 -9.95
CA THR A 26 -9.87 9.89 -9.06
C THR A 26 -8.94 10.99 -9.58
N TRP A 27 -7.84 10.60 -10.17
CA TRP A 27 -6.84 11.55 -10.62
C TRP A 27 -6.74 11.54 -12.14
N SER A 28 -5.99 12.50 -12.67
CA SER A 28 -5.69 12.54 -14.09
C SER A 28 -4.74 11.41 -14.44
N GLU A 29 -4.81 10.91 -15.66
CA GLU A 29 -3.95 9.80 -16.07
C GLU A 29 -2.48 10.21 -16.04
N ASP A 30 -2.24 11.51 -16.21
CA ASP A 30 -0.91 12.08 -16.02
C ASP A 30 -0.42 11.79 -14.61
N TYR A 31 -1.19 12.26 -13.63
CA TYR A 31 -0.87 12.06 -12.23
C TYR A 31 -0.87 10.57 -11.89
N GLN A 32 -1.80 9.83 -12.50
CA GLN A 32 -1.90 8.39 -12.29
C GLN A 32 -0.61 7.67 -12.68
N ARG A 33 -0.02 8.06 -13.80
CA ARG A 33 1.22 7.44 -14.24
C ARG A 33 2.32 7.73 -13.23
N SER A 34 2.33 8.95 -12.71
CA SER A 34 3.27 9.31 -11.65
C SER A 34 3.02 8.46 -10.42
N VAL A 35 1.75 8.25 -10.09
CA VAL A 35 1.37 7.37 -8.98
C VAL A 35 1.91 5.96 -9.21
N TRP A 36 1.57 5.42 -10.38
CA TRP A 36 1.96 4.05 -10.74
C TRP A 36 3.48 3.87 -10.67
N THR A 37 4.21 4.77 -11.32
CA THR A 37 5.67 4.71 -11.32
C THR A 37 6.23 4.87 -9.91
N ARG A 38 5.61 5.76 -9.12
CA ARG A 38 6.02 5.96 -7.75
C ARG A 38 5.82 4.68 -6.94
N LEU A 39 4.71 4.00 -7.20
CA LEU A 39 4.45 2.71 -6.56
C LEU A 39 5.53 1.70 -6.95
N GLU A 40 5.82 1.62 -8.23
CA GLU A 40 6.83 0.70 -8.75
C GLU A 40 8.19 0.96 -8.11
N THR A 41 8.52 2.22 -7.93
CA THR A 41 9.84 2.62 -7.47
C THR A 41 10.03 2.38 -5.97
N TYR A 42 9.07 2.77 -5.16
CA TYR A 42 9.25 2.78 -3.71
C TYR A 42 8.43 1.70 -2.99
N LEU A 43 7.23 1.43 -3.50
CA LEU A 43 6.27 0.63 -2.77
C LEU A 43 6.32 -0.85 -3.19
N PHE A 44 6.40 -1.10 -4.49
CA PHE A 44 6.41 -2.46 -5.04
C PHE A 44 7.64 -3.31 -4.65
N PRO A 45 8.87 -2.73 -4.48
CA PRO A 45 10.09 -3.51 -4.21
C PRO A 45 9.92 -4.64 -3.19
N ASP A 46 9.19 -4.36 -2.12
CA ASP A 46 8.98 -5.35 -1.08
C ASP A 46 7.60 -6.00 -1.18
N ILE A 47 6.56 -5.19 -0.98
CA ILE A 47 5.20 -5.72 -0.85
C ILE A 47 4.63 -6.12 -2.20
N GLY A 48 5.19 -5.59 -3.27
CA GLY A 48 4.74 -5.93 -4.60
C GLY A 48 4.98 -7.39 -4.93
N ASN A 49 5.99 -7.96 -4.29
CA ASN A 49 6.34 -9.36 -4.49
C ASN A 49 5.81 -10.22 -3.35
N LYS A 50 5.10 -9.57 -2.43
CA LYS A 50 4.48 -10.28 -1.31
C LYS A 50 3.08 -10.73 -1.69
N ASP A 51 2.53 -11.64 -0.89
CA ASP A 51 1.19 -12.17 -1.13
C ASP A 51 0.12 -11.29 -0.50
N ILE A 52 0.55 -10.17 0.08
CA ILE A 52 -0.35 -9.20 0.71
C ILE A 52 -0.91 -9.73 2.04
N ALA A 53 -1.30 -11.00 2.07
CA ALA A 53 -1.79 -11.63 3.30
C ALA A 53 -0.62 -12.00 4.21
N GLU A 54 0.56 -11.52 3.85
CA GLU A 54 1.77 -11.76 4.61
C GLU A 54 2.31 -10.44 5.15
N LEU A 55 1.48 -9.41 5.09
CA LEU A 55 1.93 -8.07 5.41
C LEU A 55 1.35 -7.56 6.72
N ASP A 56 2.20 -6.96 7.52
CA ASP A 56 1.81 -6.32 8.77
C ASP A 56 1.95 -4.81 8.60
N THR A 57 1.35 -4.05 9.50
CA THR A 57 1.43 -2.60 9.47
C THR A 57 2.89 -2.12 9.40
N GLY A 58 3.77 -2.80 10.14
CA GLY A 58 5.17 -2.45 10.14
C GLY A 58 5.83 -2.70 8.79
N ASP A 59 5.39 -3.75 8.11
CA ASP A 59 5.92 -4.11 6.79
C ASP A 59 5.61 -3.03 5.78
N LEU A 60 4.45 -2.39 5.95
CA LEU A 60 4.03 -1.31 5.07
C LEU A 60 4.78 -0.03 5.43
N LEU A 61 5.05 0.12 6.73
CA LEU A 61 5.78 1.27 7.21
C LEU A 61 7.22 1.26 6.72
N VAL A 62 7.74 0.08 6.36
CA VAL A 62 9.11 -0.01 5.85
C VAL A 62 9.27 0.84 4.57
N PRO A 63 8.50 0.57 3.50
CA PRO A 63 8.53 1.39 2.28
C PRO A 63 8.24 2.87 2.57
N ILE A 64 7.24 3.11 3.42
CA ILE A 64 6.90 4.49 3.79
C ILE A 64 8.09 5.19 4.46
N LYS A 65 8.68 4.51 5.43
CA LYS A 65 9.83 5.02 6.17
C LYS A 65 11.05 5.13 5.26
N LYS A 66 11.17 4.20 4.32
CA LYS A 66 12.22 4.24 3.31
C LYS A 66 12.18 5.56 2.54
N ILE A 67 10.97 6.08 2.33
CA ILE A 67 10.80 7.36 1.65
C ILE A 67 10.95 8.52 2.65
N GLU A 68 10.57 8.27 3.89
CA GLU A 68 10.77 9.24 4.96
C GLU A 68 12.27 9.52 5.12
N LYS A 69 13.06 8.45 5.07
CA LYS A 69 14.51 8.55 5.16
C LYS A 69 15.08 9.23 3.91
N LEU A 70 14.28 9.25 2.85
CA LEU A 70 14.66 9.89 1.61
C LEU A 70 14.54 11.41 1.75
N GLY A 71 13.81 11.86 2.77
CA GLY A 71 13.69 13.27 3.05
C GLY A 71 12.33 13.83 2.65
N TYR A 72 11.66 13.14 1.73
CA TYR A 72 10.39 13.62 1.20
C TYR A 72 9.23 13.10 2.03
N LEU A 73 8.69 13.98 2.87
CA LEU A 73 7.61 13.61 3.77
C LEU A 73 6.28 13.56 3.04
N GLU A 74 6.03 14.55 2.19
CA GLU A 74 4.80 14.57 1.41
C GLU A 74 4.72 13.37 0.49
N ILE A 75 5.85 12.98 -0.09
CA ILE A 75 5.87 11.81 -0.96
C ILE A 75 5.61 10.54 -0.16
N ALA A 76 6.21 10.45 1.02
CA ALA A 76 5.97 9.31 1.91
C ALA A 76 4.49 9.21 2.27
N MET A 77 3.89 10.35 2.61
CA MET A 77 2.47 10.40 2.93
C MET A 77 1.63 10.09 1.69
N ARG A 78 2.06 10.58 0.54
CA ARG A 78 1.36 10.34 -0.72
C ARG A 78 1.34 8.86 -1.05
N VAL A 79 2.49 8.21 -0.95
CA VAL A 79 2.59 6.78 -1.21
C VAL A 79 1.71 6.01 -0.24
N LYS A 80 1.73 6.42 1.02
CA LYS A 80 0.85 5.84 2.03
C LYS A 80 -0.60 6.03 1.63
N GLN A 81 -0.93 7.23 1.18
CA GLN A 81 -2.30 7.55 0.78
C GLN A 81 -2.74 6.71 -0.41
N TYR A 82 -1.88 6.58 -1.41
CA TYR A 82 -2.16 5.71 -2.55
C TYR A 82 -2.44 4.30 -2.05
N ALA A 83 -1.53 3.80 -1.23
CA ALA A 83 -1.62 2.45 -0.69
C ALA A 83 -2.88 2.28 0.15
N THR A 84 -3.23 3.30 0.92
CA THR A 84 -4.43 3.25 1.77
C THR A 84 -5.68 2.97 0.94
N ALA A 85 -5.76 3.58 -0.24
CA ALA A 85 -6.87 3.36 -1.15
C ALA A 85 -6.83 1.94 -1.70
N ILE A 86 -5.62 1.48 -2.01
CA ILE A 86 -5.42 0.12 -2.50
C ILE A 86 -5.78 -0.90 -1.43
N MET A 87 -5.40 -0.61 -0.19
CA MET A 87 -5.68 -1.49 0.94
C MET A 87 -7.18 -1.64 1.15
N ARG A 88 -7.92 -0.56 0.96
CA ARG A 88 -9.37 -0.61 1.12
C ARG A 88 -9.97 -1.49 0.02
N TYR A 89 -9.35 -1.44 -1.16
CA TYR A 89 -9.75 -2.30 -2.27
C TYR A 89 -9.42 -3.75 -1.94
N ALA A 90 -8.28 -3.94 -1.28
CA ALA A 90 -7.84 -5.25 -0.83
C ALA A 90 -8.78 -5.81 0.24
N VAL A 91 -9.28 -4.93 1.09
CA VAL A 91 -10.27 -5.28 2.10
C VAL A 91 -11.50 -5.89 1.43
N GLN A 92 -11.96 -5.22 0.38
CA GLN A 92 -13.17 -5.63 -0.34
C GLN A 92 -12.92 -6.90 -1.18
N GLN A 93 -11.66 -7.35 -1.19
CA GLN A 93 -11.30 -8.59 -1.86
C GLN A 93 -10.90 -9.66 -0.83
N LYS A 94 -11.11 -9.34 0.45
CA LYS A 94 -10.85 -10.27 1.55
C LYS A 94 -9.36 -10.57 1.70
N MET A 95 -8.51 -9.76 1.07
CA MET A 95 -7.08 -10.03 1.06
C MET A 95 -6.46 -9.76 2.43
N ILE A 96 -6.69 -8.56 2.95
CA ILE A 96 -6.09 -8.17 4.23
C ILE A 96 -7.13 -8.10 5.34
N ARG A 97 -8.40 -8.35 4.98
CA ARG A 97 -9.52 -8.29 5.93
C ARG A 97 -9.83 -6.86 6.35
N PHE A 98 -8.88 -6.24 7.04
CA PHE A 98 -9.05 -4.88 7.53
C PHE A 98 -7.89 -4.02 7.03
N ASN A 99 -8.06 -2.71 7.09
CA ASN A 99 -7.03 -1.79 6.62
C ASN A 99 -6.04 -1.48 7.75
N PRO A 100 -4.80 -1.96 7.61
CA PRO A 100 -3.79 -1.85 8.67
C PRO A 100 -3.13 -0.47 8.75
N ALA A 101 -3.19 0.29 7.66
CA ALA A 101 -2.57 1.61 7.62
C ALA A 101 -3.56 2.68 8.09
N TYR A 102 -4.80 2.52 7.68
CA TYR A 102 -5.88 3.41 8.09
C TYR A 102 -6.22 3.16 9.56
N ASP A 103 -5.73 2.04 10.08
CA ASP A 103 -5.96 1.65 11.46
C ASP A 103 -5.27 2.61 12.42
N LEU A 104 -4.16 3.17 11.99
CA LEU A 104 -3.37 4.08 12.81
C LEU A 104 -4.20 5.26 13.28
N GLU A 105 -4.91 5.88 12.35
CA GLU A 105 -5.70 7.05 12.66
C GLU A 105 -7.03 6.67 13.28
N GLY A 106 -7.17 5.39 13.61
CA GLY A 106 -8.36 4.92 14.28
C GLY A 106 -8.12 4.75 15.77
N ALA A 107 -6.86 4.73 16.15
CA ALA A 107 -6.47 4.57 17.54
C ALA A 107 -6.60 5.89 18.31
N VAL A 108 -6.70 5.81 19.63
CA VAL A 108 -6.89 7.00 20.46
C VAL A 108 -5.62 7.86 20.49
N GLN A 109 -4.52 7.25 20.07
CA GLN A 109 -3.22 7.93 20.05
C GLN A 109 -3.23 9.11 19.06
N LYS A 110 -4.20 9.11 18.17
CA LYS A 110 -4.29 10.15 17.15
C LYS A 110 -5.27 11.24 17.59
N LEU A 111 -5.76 11.12 18.81
CA LEU A 111 -6.51 12.20 19.45
C LEU A 111 -5.54 13.06 20.23
N GLU A 112 -4.44 12.43 20.64
CA GLU A 112 -3.39 13.13 21.35
C GLU A 112 -2.54 13.92 20.37
N HIS A 113 -2.09 15.09 20.78
CA HIS A 113 -1.27 15.92 19.92
C HIS A 113 0.20 15.73 20.24
N HIS A 114 0.74 14.61 19.79
CA HIS A 114 2.14 14.29 20.02
C HIS A 114 2.94 14.44 18.73
N HIS A 115 2.24 14.46 17.60
CA HIS A 115 2.89 14.59 16.30
C HIS A 115 2.11 15.55 15.42
N HIS A 116 2.82 16.28 14.57
CA HIS A 116 2.18 17.25 13.68
C HIS A 116 1.53 16.56 12.48
N HIS A 117 2.16 15.48 12.01
CA HIS A 117 1.57 14.68 10.92
C HIS A 117 0.23 14.13 11.37
N HIS A 118 0.29 13.21 12.34
CA HIS A 118 -0.87 12.60 12.96
C HIS A 118 -0.40 11.54 13.92
N LYS A 1 3.73 -23.20 -13.17
CA LYS A 1 4.58 -22.08 -12.74
C LYS A 1 4.66 -21.03 -13.83
N SER A 2 5.24 -19.89 -13.50
CA SER A 2 5.46 -18.83 -14.47
C SER A 2 6.96 -18.68 -14.72
N VAL A 3 7.32 -18.22 -15.91
CA VAL A 3 8.73 -18.04 -16.26
C VAL A 3 9.26 -16.76 -15.65
N GLN A 4 8.48 -15.70 -15.78
CA GLN A 4 8.85 -14.39 -15.23
C GLN A 4 8.90 -14.46 -13.70
N GLU A 5 7.74 -14.38 -13.07
CA GLU A 5 7.67 -14.54 -11.63
C GLU A 5 7.67 -16.01 -11.27
N LYS A 6 8.79 -16.48 -10.73
CA LYS A 6 9.00 -17.89 -10.48
C LYS A 6 8.34 -18.34 -9.18
N ARG A 7 7.51 -17.48 -8.62
CA ARG A 7 6.67 -17.84 -7.49
C ARG A 7 5.33 -17.16 -7.65
N ASN A 8 4.31 -17.95 -7.96
CA ASN A 8 2.98 -17.43 -8.25
C ASN A 8 2.31 -16.91 -6.99
N ASN A 9 2.23 -15.60 -6.88
CA ASN A 9 1.58 -14.97 -5.73
C ASN A 9 0.21 -14.45 -6.13
N THR A 10 -0.82 -15.19 -5.78
CA THR A 10 -2.18 -14.75 -6.02
C THR A 10 -2.58 -13.71 -4.99
N ARG A 11 -3.29 -12.68 -5.45
CA ARG A 11 -3.69 -11.57 -4.59
C ARG A 11 -2.48 -10.73 -4.20
N ALA A 12 -1.43 -10.79 -5.03
CA ALA A 12 -0.23 -10.02 -4.80
C ALA A 12 -0.52 -8.52 -4.89
N PHE A 13 0.06 -7.76 -3.96
CA PHE A 13 -0.20 -6.33 -3.85
C PHE A 13 -0.04 -5.61 -5.18
N LYS A 14 1.07 -5.84 -5.87
CA LYS A 14 1.36 -5.10 -7.10
C LYS A 14 0.35 -5.42 -8.19
N THR A 15 -0.13 -6.66 -8.22
CA THR A 15 -1.10 -7.09 -9.21
C THR A 15 -2.47 -6.46 -8.91
N VAL A 16 -2.84 -6.50 -7.64
CA VAL A 16 -4.11 -5.95 -7.19
C VAL A 16 -4.09 -4.42 -7.24
N ALA A 17 -2.93 -3.84 -6.99
CA ALA A 17 -2.77 -2.41 -7.10
C ALA A 17 -2.86 -1.97 -8.56
N LYS A 18 -2.50 -2.87 -9.47
CA LYS A 18 -2.58 -2.58 -10.89
C LYS A 18 -4.04 -2.50 -11.33
N SER A 19 -4.86 -3.41 -10.82
CA SER A 19 -6.29 -3.39 -11.13
C SER A 19 -6.96 -2.21 -10.42
N TRP A 20 -6.48 -1.92 -9.22
CA TRP A 20 -6.89 -0.72 -8.48
C TRP A 20 -6.56 0.52 -9.28
N PHE A 21 -5.36 0.53 -9.86
CA PHE A 21 -4.89 1.62 -10.71
C PHE A 21 -5.76 1.76 -11.95
N ALA A 22 -6.08 0.63 -12.57
CA ALA A 22 -6.90 0.61 -13.78
C ALA A 22 -8.34 1.05 -13.47
N THR A 23 -8.75 0.88 -12.22
CA THR A 23 -10.08 1.27 -11.79
C THR A 23 -10.07 2.68 -11.19
N LYS A 24 -8.92 3.34 -11.29
CA LYS A 24 -8.80 4.71 -10.80
C LYS A 24 -9.10 5.73 -11.90
N THR A 25 -10.31 6.26 -11.85
CA THR A 25 -10.70 7.32 -12.77
C THR A 25 -10.89 8.63 -12.00
N THR A 26 -10.41 8.64 -10.77
CA THR A 26 -10.51 9.80 -9.91
C THR A 26 -9.53 10.89 -10.37
N TRP A 27 -8.31 10.49 -10.64
CA TRP A 27 -7.29 11.40 -11.13
C TRP A 27 -7.21 11.32 -12.65
N SER A 28 -6.47 12.23 -13.24
CA SER A 28 -6.22 12.19 -14.66
C SER A 28 -4.98 11.34 -14.95
N GLU A 29 -4.84 10.86 -16.17
CA GLU A 29 -3.78 9.92 -16.50
C GLU A 29 -2.38 10.50 -16.30
N ASP A 30 -2.25 11.82 -16.36
CA ASP A 30 -0.96 12.46 -16.13
C ASP A 30 -0.55 12.24 -14.66
N TYR A 31 -1.51 12.41 -13.77
CA TYR A 31 -1.27 12.20 -12.35
C TYR A 31 -1.20 10.71 -12.06
N GLN A 32 -2.01 9.94 -12.77
CA GLN A 32 -1.96 8.48 -12.66
C GLN A 32 -0.58 7.97 -13.05
N ARG A 33 -0.01 8.57 -14.09
CA ARG A 33 1.34 8.23 -14.51
C ARG A 33 2.33 8.45 -13.38
N SER A 34 2.26 9.59 -12.71
CA SER A 34 3.13 9.83 -11.56
C SER A 34 2.80 8.88 -10.41
N VAL A 35 1.50 8.63 -10.19
CA VAL A 35 1.07 7.67 -9.17
C VAL A 35 1.72 6.31 -9.42
N TRP A 36 1.54 5.80 -10.62
CA TRP A 36 2.07 4.50 -11.02
C TRP A 36 3.59 4.47 -10.88
N THR A 37 4.24 5.54 -11.33
CA THR A 37 5.70 5.64 -11.25
C THR A 37 6.17 5.64 -9.78
N ARG A 38 5.47 6.39 -8.94
CA ARG A 38 5.79 6.44 -7.51
C ARG A 38 5.61 5.06 -6.88
N LEU A 39 4.57 4.36 -7.29
CA LEU A 39 4.27 3.03 -6.77
C LEU A 39 5.39 2.06 -7.10
N GLU A 40 5.74 1.94 -8.38
CA GLU A 40 6.74 0.97 -8.81
C GLU A 40 8.14 1.32 -8.29
N THR A 41 8.36 2.60 -8.03
CA THR A 41 9.66 3.05 -7.56
C THR A 41 9.83 2.86 -6.06
N TYR A 42 8.80 3.17 -5.29
CA TYR A 42 8.93 3.20 -3.84
C TYR A 42 8.24 2.03 -3.14
N LEU A 43 6.98 1.79 -3.47
CA LEU A 43 6.15 0.90 -2.66
C LEU A 43 6.14 -0.54 -3.19
N PHE A 44 5.95 -0.69 -4.50
CA PHE A 44 5.83 -2.01 -5.14
C PHE A 44 7.04 -2.94 -4.91
N PRO A 45 8.30 -2.45 -4.97
CA PRO A 45 9.48 -3.32 -4.92
C PRO A 45 9.59 -4.15 -3.63
N ASP A 46 8.87 -3.72 -2.60
CA ASP A 46 8.92 -4.39 -1.32
C ASP A 46 7.76 -5.36 -1.14
N ILE A 47 6.55 -4.81 -1.20
CA ILE A 47 5.33 -5.57 -0.90
C ILE A 47 4.76 -6.27 -2.13
N GLY A 48 5.21 -5.85 -3.30
CA GLY A 48 4.65 -6.38 -4.54
C GLY A 48 4.87 -7.87 -4.71
N ASN A 49 5.91 -8.38 -4.07
CA ASN A 49 6.25 -9.79 -4.19
C ASN A 49 5.95 -10.52 -2.90
N LYS A 50 5.14 -9.90 -2.05
CA LYS A 50 4.77 -10.50 -0.77
C LYS A 50 3.36 -11.09 -0.86
N ASP A 51 3.02 -11.88 0.16
CA ASP A 51 1.75 -12.60 0.18
C ASP A 51 0.56 -11.68 0.41
N ILE A 52 0.84 -10.44 0.80
CA ILE A 52 -0.19 -9.42 1.07
C ILE A 52 -0.97 -9.73 2.36
N ALA A 53 -1.36 -10.98 2.55
CA ALA A 53 -2.13 -11.39 3.73
C ALA A 53 -1.31 -11.22 5.00
N GLU A 54 -0.01 -11.40 4.89
CA GLU A 54 0.87 -11.30 6.04
C GLU A 54 1.65 -9.99 6.03
N LEU A 55 1.00 -8.92 5.61
CA LEU A 55 1.62 -7.61 5.65
C LEU A 55 1.29 -6.91 6.97
N ASP A 56 2.27 -6.87 7.85
CA ASP A 56 2.14 -6.22 9.15
C ASP A 56 2.10 -4.72 8.97
N THR A 57 1.45 -4.03 9.92
CA THR A 57 1.40 -2.57 9.91
C THR A 57 2.79 -1.98 9.75
N GLY A 58 3.74 -2.53 10.51
CA GLY A 58 5.09 -2.03 10.48
C GLY A 58 5.84 -2.44 9.23
N ASP A 59 5.44 -3.57 8.65
CA ASP A 59 6.12 -4.10 7.47
C ASP A 59 5.80 -3.25 6.25
N LEU A 60 4.64 -2.60 6.29
CA LEU A 60 4.25 -1.63 5.26
C LEU A 60 4.85 -0.26 5.58
N LEU A 61 5.04 0.01 6.86
CA LEU A 61 5.63 1.26 7.30
C LEU A 61 7.09 1.36 6.87
N VAL A 62 7.74 0.21 6.67
CA VAL A 62 9.13 0.20 6.24
C VAL A 62 9.30 0.80 4.83
N PRO A 63 8.54 0.35 3.82
CA PRO A 63 8.50 1.02 2.51
C PRO A 63 8.24 2.52 2.64
N ILE A 64 7.23 2.87 3.42
CA ILE A 64 6.93 4.28 3.68
C ILE A 64 8.13 4.97 4.31
N LYS A 65 8.75 4.27 5.25
CA LYS A 65 9.90 4.78 6.00
C LYS A 65 11.15 4.83 5.12
N LYS A 66 11.16 4.02 4.07
CA LYS A 66 12.24 4.05 3.09
C LYS A 66 12.23 5.39 2.37
N ILE A 67 11.03 5.87 2.08
CA ILE A 67 10.85 7.20 1.50
C ILE A 67 11.15 8.27 2.55
N GLU A 68 10.77 7.98 3.79
CA GLU A 68 11.11 8.82 4.93
C GLU A 68 12.63 9.01 5.00
N LYS A 69 13.33 7.88 4.94
CA LYS A 69 14.78 7.84 4.99
C LYS A 69 15.38 8.48 3.73
N LEU A 70 14.56 8.57 2.69
CA LEU A 70 14.98 9.20 1.44
C LEU A 70 15.00 10.72 1.60
N GLY A 71 14.15 11.22 2.49
CA GLY A 71 14.10 12.64 2.77
C GLY A 71 12.77 13.26 2.36
N TYR A 72 11.99 12.52 1.60
CA TYR A 72 10.72 13.03 1.10
C TYR A 72 9.55 12.55 1.95
N LEU A 73 9.13 13.39 2.89
CA LEU A 73 8.02 13.04 3.77
C LEU A 73 6.69 13.12 3.02
N GLU A 74 6.55 14.12 2.17
CA GLU A 74 5.35 14.26 1.36
C GLU A 74 5.11 13.05 0.48
N ILE A 75 6.14 12.62 -0.25
CA ILE A 75 6.01 11.47 -1.12
C ILE A 75 5.62 10.24 -0.31
N ALA A 76 6.25 10.08 0.86
CA ALA A 76 5.91 8.98 1.76
C ALA A 76 4.43 9.01 2.12
N MET A 77 3.94 10.16 2.56
CA MET A 77 2.53 10.32 2.90
C MET A 77 1.63 10.10 1.69
N ARG A 78 2.03 10.63 0.54
CA ARG A 78 1.21 10.55 -0.68
C ARG A 78 1.15 9.12 -1.21
N VAL A 79 2.26 8.40 -1.12
CA VAL A 79 2.28 6.99 -1.50
C VAL A 79 1.44 6.20 -0.51
N LYS A 80 1.48 6.62 0.75
CA LYS A 80 0.65 6.02 1.79
C LYS A 80 -0.83 6.26 1.49
N GLN A 81 -1.15 7.41 0.89
CA GLN A 81 -2.53 7.70 0.48
C GLN A 81 -3.00 6.63 -0.51
N TYR A 82 -2.18 6.39 -1.52
CA TYR A 82 -2.46 5.37 -2.52
C TYR A 82 -2.61 4.01 -1.83
N ALA A 83 -1.63 3.67 -1.02
CA ALA A 83 -1.58 2.40 -0.31
C ALA A 83 -2.85 2.18 0.51
N THR A 84 -3.27 3.21 1.24
CA THR A 84 -4.47 3.13 2.06
C THR A 84 -5.69 2.77 1.22
N ALA A 85 -5.80 3.37 0.04
CA ALA A 85 -6.90 3.09 -0.86
C ALA A 85 -6.81 1.68 -1.41
N ILE A 86 -5.58 1.23 -1.68
CA ILE A 86 -5.36 -0.12 -2.17
C ILE A 86 -5.71 -1.15 -1.09
N MET A 87 -5.34 -0.83 0.15
CA MET A 87 -5.61 -1.71 1.27
C MET A 87 -7.10 -1.97 1.43
N ARG A 88 -7.91 -0.94 1.22
CA ARG A 88 -9.36 -1.09 1.32
C ARG A 88 -9.88 -1.95 0.17
N TYR A 89 -9.27 -1.80 -0.99
CA TYR A 89 -9.60 -2.62 -2.14
C TYR A 89 -9.20 -4.07 -1.86
N ALA A 90 -8.10 -4.23 -1.13
CA ALA A 90 -7.65 -5.53 -0.67
C ALA A 90 -8.66 -6.15 0.29
N VAL A 91 -9.16 -5.34 1.22
CA VAL A 91 -10.19 -5.77 2.16
C VAL A 91 -11.47 -6.13 1.41
N GLN A 92 -11.76 -5.35 0.37
CA GLN A 92 -12.94 -5.57 -0.45
C GLN A 92 -12.85 -6.92 -1.16
N GLN A 93 -11.65 -7.31 -1.55
CA GLN A 93 -11.43 -8.63 -2.16
C GLN A 93 -11.14 -9.68 -1.09
N LYS A 94 -11.22 -9.24 0.17
CA LYS A 94 -11.07 -10.12 1.34
C LYS A 94 -9.66 -10.70 1.42
N MET A 95 -8.68 -9.96 0.91
CA MET A 95 -7.30 -10.40 0.93
C MET A 95 -6.70 -10.15 2.30
N ILE A 96 -7.09 -9.05 2.91
CA ILE A 96 -6.66 -8.72 4.27
C ILE A 96 -7.88 -8.40 5.12
N ARG A 97 -7.67 -8.32 6.43
CA ARG A 97 -8.77 -8.06 7.35
C ARG A 97 -9.13 -6.58 7.38
N PHE A 98 -8.16 -5.76 7.73
CA PHE A 98 -8.36 -4.32 7.82
C PHE A 98 -7.13 -3.58 7.32
N ASN A 99 -7.28 -2.29 7.09
CA ASN A 99 -6.18 -1.48 6.58
C ASN A 99 -5.17 -1.17 7.69
N PRO A 100 -3.94 -1.69 7.57
CA PRO A 100 -2.87 -1.40 8.52
C PRO A 100 -2.52 0.10 8.56
N ALA A 101 -2.84 0.79 7.47
CA ALA A 101 -2.58 2.22 7.38
C ALA A 101 -3.53 3.03 8.26
N TYR A 102 -4.60 2.39 8.71
CA TYR A 102 -5.55 3.02 9.63
C TYR A 102 -5.25 2.59 11.07
N ASP A 103 -4.23 1.76 11.24
CA ASP A 103 -3.90 1.23 12.57
C ASP A 103 -3.01 2.21 13.32
N LEU A 104 -2.13 2.89 12.61
CA LEU A 104 -1.19 3.79 13.26
C LEU A 104 -1.73 5.21 13.32
N GLU A 105 -2.21 5.60 14.48
CA GLU A 105 -2.59 6.99 14.73
C GLU A 105 -1.66 7.58 15.79
N GLY A 106 -0.91 6.73 16.45
CA GLY A 106 -0.02 7.19 17.50
C GLY A 106 1.44 7.02 17.13
N ALA A 107 1.70 6.72 15.86
CA ALA A 107 3.05 6.53 15.37
C ALA A 107 3.61 7.82 14.78
N VAL A 108 2.81 8.87 14.82
CA VAL A 108 3.21 10.16 14.32
C VAL A 108 2.32 11.26 14.89
N GLN A 109 2.94 12.32 15.39
CA GLN A 109 2.20 13.43 16.00
C GLN A 109 1.46 14.24 14.93
N LYS A 110 2.14 14.49 13.82
CA LYS A 110 1.59 15.35 12.79
C LYS A 110 0.49 14.65 12.00
N LEU A 111 -0.42 15.45 11.45
CA LEU A 111 -1.49 14.91 10.61
C LEU A 111 -1.03 14.94 9.16
N GLU A 112 -1.67 14.14 8.32
CA GLU A 112 -1.34 14.13 6.90
C GLU A 112 -1.98 15.34 6.24
N HIS A 113 -1.24 15.98 5.34
CA HIS A 113 -1.71 17.21 4.70
C HIS A 113 -2.80 16.90 3.67
N HIS A 114 -3.96 16.53 4.17
CA HIS A 114 -5.10 16.14 3.34
C HIS A 114 -6.31 15.87 4.21
N HIS A 115 -6.06 15.44 5.44
CA HIS A 115 -7.14 15.08 6.35
C HIS A 115 -7.47 16.25 7.28
N HIS A 116 -8.48 16.06 8.10
CA HIS A 116 -8.80 16.99 9.16
C HIS A 116 -8.77 16.27 10.51
N HIS A 117 -8.88 14.94 10.46
CA HIS A 117 -8.77 14.12 11.65
C HIS A 117 -7.30 13.76 11.90
N HIS A 118 -6.71 13.03 10.96
CA HIS A 118 -5.30 12.68 11.03
C HIS A 118 -4.79 12.32 9.65
N LYS A 1 13.49 -18.19 -10.12
CA LYS A 1 14.82 -17.57 -10.31
C LYS A 1 15.31 -16.96 -9.00
N SER A 2 15.53 -15.66 -8.99
CA SER A 2 15.85 -14.95 -7.77
C SER A 2 14.64 -14.99 -6.83
N VAL A 3 13.51 -14.54 -7.36
CA VAL A 3 12.23 -14.74 -6.70
C VAL A 3 11.82 -16.20 -6.84
N GLN A 4 11.02 -16.69 -5.89
CA GLN A 4 10.68 -18.11 -5.85
C GLN A 4 9.74 -18.51 -6.98
N GLU A 5 8.92 -17.56 -7.43
CA GLU A 5 7.96 -17.82 -8.52
C GLU A 5 7.02 -18.96 -8.13
N LYS A 6 6.51 -19.65 -9.16
CA LYS A 6 5.64 -20.82 -8.97
C LYS A 6 4.40 -20.46 -8.15
N ARG A 7 3.95 -19.22 -8.30
CA ARG A 7 2.77 -18.74 -7.61
C ARG A 7 1.91 -17.93 -8.57
N ASN A 8 0.61 -17.94 -8.33
CA ASN A 8 -0.32 -17.27 -9.23
C ASN A 8 -0.26 -15.76 -9.07
N ASN A 9 -0.04 -15.31 -7.83
CA ASN A 9 0.11 -13.89 -7.53
C ASN A 9 -1.18 -13.13 -7.81
N THR A 10 -2.30 -13.85 -7.91
CA THR A 10 -3.57 -13.25 -8.28
C THR A 10 -4.27 -12.63 -7.09
N ARG A 11 -3.51 -12.46 -6.02
CA ARG A 11 -4.00 -11.82 -4.82
C ARG A 11 -2.84 -11.12 -4.12
N ALA A 12 -1.78 -10.85 -4.89
CA ALA A 12 -0.60 -10.21 -4.37
C ALA A 12 -0.66 -8.70 -4.56
N PHE A 13 0.05 -7.96 -3.71
CA PHE A 13 0.00 -6.50 -3.72
C PHE A 13 0.20 -5.92 -5.12
N LYS A 14 1.21 -6.39 -5.83
CA LYS A 14 1.55 -5.85 -7.14
C LYS A 14 0.41 -6.04 -8.14
N THR A 15 -0.24 -7.20 -8.08
CA THR A 15 -1.30 -7.54 -9.01
C THR A 15 -2.58 -6.81 -8.64
N VAL A 16 -2.78 -6.62 -7.35
CA VAL A 16 -3.94 -5.91 -6.85
C VAL A 16 -3.83 -4.43 -7.16
N ALA A 17 -2.68 -3.85 -6.84
CA ALA A 17 -2.39 -2.47 -7.20
C ALA A 17 -2.54 -2.26 -8.71
N LYS A 18 -2.10 -3.25 -9.48
CA LYS A 18 -2.26 -3.23 -10.93
C LYS A 18 -3.73 -3.10 -11.32
N SER A 19 -4.57 -3.90 -10.68
CA SER A 19 -6.00 -3.86 -10.93
C SER A 19 -6.60 -2.57 -10.39
N TRP A 20 -6.08 -2.12 -9.26
CA TRP A 20 -6.51 -0.88 -8.63
C TRP A 20 -6.29 0.29 -9.58
N PHE A 21 -5.10 0.37 -10.16
CA PHE A 21 -4.77 1.42 -11.11
C PHE A 21 -5.71 1.37 -12.33
N ALA A 22 -6.05 0.16 -12.75
CA ALA A 22 -6.91 -0.03 -13.91
C ALA A 22 -8.39 0.17 -13.55
N THR A 23 -8.66 0.44 -12.29
CA THR A 23 -10.02 0.68 -11.84
C THR A 23 -10.14 2.06 -11.17
N LYS A 24 -9.05 2.82 -11.21
CA LYS A 24 -9.04 4.14 -10.61
C LYS A 24 -9.25 5.20 -11.67
N THR A 25 -10.23 6.07 -11.45
CA THR A 25 -10.58 7.10 -12.41
C THR A 25 -10.66 8.48 -11.76
N THR A 26 -10.11 8.59 -10.55
CA THR A 26 -10.25 9.80 -9.76
C THR A 26 -9.18 10.84 -10.11
N TRP A 27 -8.09 10.39 -10.73
CA TRP A 27 -6.99 11.29 -11.06
C TRP A 27 -6.83 11.45 -12.56
N SER A 28 -6.12 12.50 -12.96
CA SER A 28 -5.78 12.73 -14.35
C SER A 28 -4.86 11.61 -14.83
N GLU A 29 -4.96 11.25 -16.11
CA GLU A 29 -4.20 10.12 -16.63
C GLU A 29 -2.70 10.30 -16.41
N ASP A 30 -2.21 11.52 -16.58
CA ASP A 30 -0.79 11.79 -16.41
C ASP A 30 -0.37 11.65 -14.95
N TYR A 31 -1.12 12.28 -14.06
CA TYR A 31 -0.82 12.22 -12.64
C TYR A 31 -0.96 10.79 -12.11
N GLN A 32 -1.99 10.09 -12.55
CA GLN A 32 -2.24 8.74 -12.11
C GLN A 32 -1.19 7.80 -12.67
N ARG A 33 -0.73 8.08 -13.89
CA ARG A 33 0.38 7.36 -14.49
C ARG A 33 1.65 7.56 -13.66
N SER A 34 1.80 8.77 -13.15
CA SER A 34 2.88 9.10 -12.24
C SER A 34 2.71 8.34 -10.92
N VAL A 35 1.47 8.28 -10.44
CA VAL A 35 1.12 7.51 -9.24
C VAL A 35 1.58 6.06 -9.40
N TRP A 36 1.22 5.46 -10.53
CA TRP A 36 1.59 4.09 -10.81
C TRP A 36 3.10 3.92 -10.81
N THR A 37 3.80 4.81 -11.52
CA THR A 37 5.24 4.77 -11.61
C THR A 37 5.87 4.95 -10.22
N ARG A 38 5.27 5.83 -9.42
CA ARG A 38 5.73 6.08 -8.07
C ARG A 38 5.60 4.81 -7.22
N LEU A 39 4.51 4.08 -7.41
CA LEU A 39 4.31 2.82 -6.70
C LEU A 39 5.39 1.81 -7.10
N GLU A 40 5.67 1.73 -8.40
CA GLU A 40 6.68 0.81 -8.93
C GLU A 40 8.08 1.14 -8.42
N THR A 41 8.29 2.40 -8.06
CA THR A 41 9.62 2.87 -7.68
C THR A 41 9.89 2.67 -6.19
N TYR A 42 8.86 2.79 -5.36
CA TYR A 42 9.05 2.72 -3.91
C TYR A 42 8.49 1.42 -3.31
N LEU A 43 7.24 1.13 -3.60
CA LEU A 43 6.54 0.03 -2.94
C LEU A 43 6.79 -1.31 -3.62
N PHE A 44 6.71 -1.32 -4.94
CA PHE A 44 6.91 -2.54 -5.73
C PHE A 44 8.22 -3.29 -5.40
N PRO A 45 9.37 -2.59 -5.26
CA PRO A 45 10.63 -3.25 -4.89
C PRO A 45 10.57 -4.00 -3.55
N ASP A 46 9.53 -3.75 -2.76
CA ASP A 46 9.41 -4.39 -1.45
C ASP A 46 8.22 -5.35 -1.39
N ILE A 47 7.01 -4.81 -1.34
CA ILE A 47 5.79 -5.62 -1.27
C ILE A 47 5.26 -5.98 -2.66
N GLY A 48 5.97 -5.55 -3.70
CA GLY A 48 5.50 -5.78 -5.06
C GLY A 48 5.81 -7.17 -5.57
N ASN A 49 5.34 -8.17 -4.82
CA ASN A 49 5.53 -9.59 -5.15
C ASN A 49 5.02 -10.43 -4.00
N LYS A 50 5.17 -9.88 -2.81
CA LYS A 50 4.76 -10.54 -1.58
C LYS A 50 3.24 -10.61 -1.50
N ASP A 51 2.71 -11.69 -0.93
CA ASP A 51 1.28 -11.82 -0.69
C ASP A 51 0.86 -10.75 0.31
N ILE A 52 -0.19 -10.01 -0.01
CA ILE A 52 -0.61 -8.90 0.84
C ILE A 52 -1.30 -9.40 2.11
N ALA A 53 -1.85 -10.60 2.05
CA ALA A 53 -2.44 -11.22 3.23
C ALA A 53 -1.34 -11.85 4.09
N GLU A 54 -0.13 -11.79 3.57
CA GLU A 54 1.04 -12.28 4.27
C GLU A 54 1.88 -11.09 4.75
N LEU A 55 1.35 -9.90 4.52
CA LEU A 55 2.01 -8.66 4.94
C LEU A 55 1.45 -8.19 6.26
N ASP A 56 2.27 -7.54 7.06
CA ASP A 56 1.84 -6.95 8.31
C ASP A 56 2.05 -5.44 8.27
N THR A 57 1.46 -4.73 9.24
CA THR A 57 1.65 -3.29 9.36
C THR A 57 3.13 -2.94 9.33
N GLY A 58 3.95 -3.77 9.98
CA GLY A 58 5.39 -3.56 9.98
C GLY A 58 5.96 -3.59 8.57
N ASP A 59 5.55 -4.58 7.79
CA ASP A 59 6.05 -4.75 6.42
C ASP A 59 5.74 -3.55 5.56
N LEU A 60 4.63 -2.89 5.84
CA LEU A 60 4.21 -1.72 5.06
C LEU A 60 4.90 -0.44 5.54
N LEU A 61 5.07 -0.33 6.85
CA LEU A 61 5.64 0.87 7.44
C LEU A 61 7.10 1.05 7.03
N VAL A 62 7.80 -0.05 6.80
CA VAL A 62 9.21 0.01 6.42
C VAL A 62 9.42 0.79 5.10
N PRO A 63 8.76 0.38 3.99
CA PRO A 63 8.84 1.11 2.71
C PRO A 63 8.41 2.56 2.85
N ILE A 64 7.32 2.80 3.60
CA ILE A 64 6.87 4.16 3.84
C ILE A 64 7.92 4.97 4.60
N LYS A 65 8.50 4.32 5.61
CA LYS A 65 9.52 4.95 6.43
C LYS A 65 10.78 5.24 5.63
N LYS A 66 11.11 4.33 4.71
CA LYS A 66 12.20 4.55 3.77
C LYS A 66 12.03 5.87 3.03
N ILE A 67 10.82 6.13 2.56
CA ILE A 67 10.52 7.37 1.84
C ILE A 67 10.60 8.55 2.80
N GLU A 68 10.13 8.34 4.02
CA GLU A 68 10.22 9.34 5.08
C GLU A 68 11.69 9.69 5.35
N LYS A 69 12.50 8.65 5.43
CA LYS A 69 13.93 8.78 5.65
C LYS A 69 14.62 9.43 4.44
N LEU A 70 13.97 9.33 3.30
CA LEU A 70 14.49 9.90 2.05
C LEU A 70 14.47 11.43 2.12
N GLY A 71 13.64 11.95 3.02
CA GLY A 71 13.57 13.38 3.23
C GLY A 71 12.27 13.96 2.69
N TYR A 72 11.60 13.19 1.86
CA TYR A 72 10.35 13.63 1.25
C TYR A 72 9.18 13.24 2.14
N LEU A 73 8.73 14.18 2.96
CA LEU A 73 7.69 13.90 3.94
C LEU A 73 6.31 13.84 3.30
N GLU A 74 5.96 14.87 2.52
CA GLU A 74 4.66 14.88 1.86
C GLU A 74 4.55 13.74 0.87
N ILE A 75 5.65 13.44 0.19
CA ILE A 75 5.72 12.30 -0.71
C ILE A 75 5.42 11.01 0.04
N ALA A 76 6.12 10.79 1.15
CA ALA A 76 5.91 9.60 1.98
C ALA A 76 4.46 9.49 2.42
N MET A 77 3.91 10.58 2.93
CA MET A 77 2.53 10.61 3.38
C MET A 77 1.55 10.35 2.24
N ARG A 78 1.83 10.92 1.07
CA ARG A 78 0.93 10.78 -0.06
C ARG A 78 1.09 9.43 -0.75
N VAL A 79 2.28 8.85 -0.68
CA VAL A 79 2.49 7.49 -1.14
C VAL A 79 1.75 6.54 -0.21
N LYS A 80 1.77 6.85 1.09
CA LYS A 80 0.99 6.11 2.06
C LYS A 80 -0.49 6.22 1.71
N GLN A 81 -0.91 7.40 1.27
CA GLN A 81 -2.29 7.63 0.86
C GLN A 81 -2.65 6.73 -0.32
N TYR A 82 -1.74 6.62 -1.29
CA TYR A 82 -1.94 5.71 -2.41
C TYR A 82 -2.12 4.29 -1.89
N ALA A 83 -1.19 3.86 -1.04
CA ALA A 83 -1.21 2.53 -0.46
C ALA A 83 -2.48 2.30 0.34
N THR A 84 -2.94 3.33 1.05
CA THR A 84 -4.16 3.23 1.84
C THR A 84 -5.37 2.99 0.94
N ALA A 85 -5.39 3.64 -0.22
CA ALA A 85 -6.48 3.45 -1.18
C ALA A 85 -6.46 2.03 -1.73
N ILE A 86 -5.28 1.53 -2.04
CA ILE A 86 -5.10 0.17 -2.50
C ILE A 86 -5.46 -0.82 -1.38
N MET A 87 -5.05 -0.46 -0.18
CA MET A 87 -5.28 -1.28 1.00
C MET A 87 -6.78 -1.37 1.31
N ARG A 88 -7.47 -0.24 1.19
CA ARG A 88 -8.91 -0.20 1.34
C ARG A 88 -9.60 -1.03 0.26
N TYR A 89 -9.02 -1.00 -0.93
CA TYR A 89 -9.49 -1.84 -2.03
C TYR A 89 -9.24 -3.32 -1.70
N ALA A 90 -8.15 -3.57 -0.99
CA ALA A 90 -7.80 -4.92 -0.55
C ALA A 90 -8.79 -5.45 0.48
N VAL A 91 -9.19 -4.58 1.41
CA VAL A 91 -10.18 -4.94 2.41
C VAL A 91 -11.49 -5.36 1.76
N GLN A 92 -11.90 -4.60 0.75
CA GLN A 92 -13.14 -4.87 0.04
C GLN A 92 -13.06 -6.15 -0.78
N GLN A 93 -11.84 -6.58 -1.11
CA GLN A 93 -11.63 -7.80 -1.87
C GLN A 93 -11.46 -9.01 -0.96
N LYS A 94 -11.65 -8.79 0.34
CA LYS A 94 -11.59 -9.86 1.33
C LYS A 94 -10.17 -10.42 1.47
N MET A 95 -9.20 -9.70 0.94
CA MET A 95 -7.81 -10.16 0.98
C MET A 95 -7.22 -9.91 2.36
N ILE A 96 -7.47 -8.73 2.90
CA ILE A 96 -6.99 -8.38 4.22
C ILE A 96 -8.16 -8.05 5.14
N ARG A 97 -7.90 -8.08 6.44
CA ARG A 97 -8.94 -7.85 7.44
C ARG A 97 -9.30 -6.37 7.54
N PHE A 98 -8.35 -5.56 7.98
CA PHE A 98 -8.55 -4.12 8.10
C PHE A 98 -7.41 -3.38 7.40
N ASN A 99 -7.46 -2.06 7.47
CA ASN A 99 -6.46 -1.22 6.81
C ASN A 99 -5.31 -0.88 7.75
N PRO A 100 -4.14 -1.52 7.56
CA PRO A 100 -2.98 -1.33 8.43
C PRO A 100 -2.20 -0.06 8.07
N ALA A 101 -2.66 0.63 7.05
CA ALA A 101 -1.97 1.82 6.55
C ALA A 101 -2.35 3.07 7.34
N TYR A 102 -3.04 2.88 8.46
CA TYR A 102 -3.42 4.00 9.31
C TYR A 102 -2.46 4.14 10.49
N ASP A 103 -1.28 3.54 10.34
CA ASP A 103 -0.20 3.63 11.32
C ASP A 103 -0.62 3.08 12.68
N LEU A 104 -0.51 1.76 12.84
CA LEU A 104 -0.86 1.11 14.10
C LEU A 104 0.13 1.48 15.18
N GLU A 105 1.42 1.49 14.82
CA GLU A 105 2.47 1.86 15.77
C GLU A 105 2.45 3.36 16.04
N GLY A 106 1.51 4.06 15.42
CA GLY A 106 1.34 5.48 15.68
C GLY A 106 0.17 5.72 16.60
N ALA A 107 -0.54 4.65 16.95
CA ALA A 107 -1.67 4.74 17.86
C ALA A 107 -1.19 4.55 19.30
N VAL A 108 -1.26 5.63 20.08
CA VAL A 108 -0.78 5.60 21.44
C VAL A 108 -1.90 5.91 22.43
N GLN A 109 -1.98 5.11 23.48
CA GLN A 109 -2.98 5.30 24.52
C GLN A 109 -2.33 5.82 25.78
N LYS A 110 -3.13 6.30 26.72
CA LYS A 110 -2.62 6.72 28.01
C LYS A 110 -2.95 5.66 29.05
N LEU A 111 -2.02 5.46 29.98
CA LEU A 111 -2.12 4.36 30.93
C LEU A 111 -3.17 4.63 31.99
N GLU A 112 -3.30 5.90 32.36
CA GLU A 112 -4.25 6.34 33.41
C GLU A 112 -3.78 5.90 34.79
N HIS A 113 -3.48 4.61 34.94
CA HIS A 113 -2.91 4.09 36.16
C HIS A 113 -1.45 4.50 36.26
N HIS A 114 -0.98 4.72 37.49
CA HIS A 114 0.40 5.16 37.72
C HIS A 114 0.61 6.57 37.20
N HIS A 115 -0.48 7.33 37.15
CA HIS A 115 -0.44 8.68 36.63
C HIS A 115 -1.24 9.62 37.51
N HIS A 116 -0.56 10.54 38.16
CA HIS A 116 -1.21 11.52 39.01
C HIS A 116 -1.24 12.88 38.33
N HIS A 117 -1.97 13.82 38.91
CA HIS A 117 -1.91 15.20 38.47
C HIS A 117 -0.85 15.91 39.29
N HIS A 118 -0.71 15.49 40.53
CA HIS A 118 0.33 15.99 41.41
C HIS A 118 1.22 14.85 41.85
N LYS A 1 -17.16 -31.48 -11.73
CA LYS A 1 -17.29 -30.75 -10.44
C LYS A 1 -16.41 -29.52 -10.43
N SER A 2 -15.13 -29.71 -10.66
CA SER A 2 -14.15 -28.63 -10.55
C SER A 2 -13.95 -27.95 -11.91
N VAL A 3 -14.25 -26.66 -11.96
CA VAL A 3 -14.00 -25.87 -13.16
C VAL A 3 -12.86 -24.89 -12.91
N GLN A 4 -12.15 -24.53 -13.97
CA GLN A 4 -11.00 -23.65 -13.85
C GLN A 4 -11.23 -22.32 -14.52
N GLU A 5 -10.84 -21.25 -13.83
CA GLU A 5 -10.90 -19.90 -14.39
C GLU A 5 -9.76 -19.69 -15.37
N LYS A 6 -10.05 -18.98 -16.45
CA LYS A 6 -9.09 -18.80 -17.53
C LYS A 6 -8.54 -17.37 -17.52
N ARG A 7 -9.10 -16.54 -16.66
CA ARG A 7 -8.64 -15.18 -16.50
C ARG A 7 -8.03 -15.02 -15.10
N ASN A 8 -6.73 -15.19 -15.01
CA ASN A 8 -6.05 -15.27 -13.72
C ASN A 8 -5.74 -13.90 -13.15
N ASN A 9 -6.25 -13.65 -11.95
CA ASN A 9 -5.89 -12.46 -11.18
C ASN A 9 -5.32 -12.88 -9.84
N THR A 10 -4.01 -12.84 -9.72
CA THR A 10 -3.33 -13.28 -8.51
C THR A 10 -3.48 -12.27 -7.38
N ARG A 11 -3.62 -12.78 -6.16
CA ARG A 11 -3.75 -11.93 -4.98
C ARG A 11 -2.38 -11.50 -4.47
N ALA A 12 -1.68 -10.76 -5.30
CA ALA A 12 -0.41 -10.14 -4.95
C ALA A 12 -0.57 -8.63 -5.07
N PHE A 13 0.26 -7.89 -4.33
CA PHE A 13 0.15 -6.44 -4.30
C PHE A 13 0.24 -5.86 -5.71
N LYS A 14 0.97 -6.55 -6.58
CA LYS A 14 1.20 -6.10 -7.94
C LYS A 14 -0.07 -6.19 -8.77
N THR A 15 -0.65 -7.39 -8.87
CA THR A 15 -1.87 -7.60 -9.66
C THR A 15 -3.03 -6.78 -9.11
N VAL A 16 -3.04 -6.57 -7.80
CA VAL A 16 -4.07 -5.80 -7.14
C VAL A 16 -3.90 -4.31 -7.44
N ALA A 17 -2.68 -3.80 -7.33
CA ALA A 17 -2.38 -2.43 -7.72
C ALA A 17 -2.68 -2.23 -9.20
N LYS A 18 -2.37 -3.25 -9.99
CA LYS A 18 -2.70 -3.30 -11.41
C LYS A 18 -4.20 -3.10 -11.61
N SER A 19 -5.00 -3.83 -10.82
CA SER A 19 -6.45 -3.72 -10.88
C SER A 19 -6.89 -2.37 -10.35
N TRP A 20 -6.29 -1.94 -9.26
CA TRP A 20 -6.59 -0.65 -8.62
C TRP A 20 -6.38 0.49 -9.60
N PHE A 21 -5.27 0.46 -10.31
CA PHE A 21 -4.95 1.47 -11.33
C PHE A 21 -6.03 1.49 -12.40
N ALA A 22 -6.46 0.30 -12.81
CA ALA A 22 -7.49 0.18 -13.85
C ALA A 22 -8.89 0.43 -13.28
N THR A 23 -8.96 0.83 -12.02
CA THR A 23 -10.22 1.16 -11.38
C THR A 23 -10.17 2.57 -10.81
N LYS A 24 -9.10 3.30 -11.12
CA LYS A 24 -8.93 4.64 -10.61
C LYS A 24 -9.27 5.70 -11.64
N THR A 25 -10.41 6.35 -11.42
CA THR A 25 -10.84 7.47 -12.24
C THR A 25 -10.86 8.76 -11.40
N THR A 26 -10.22 8.68 -10.23
CA THR A 26 -10.23 9.77 -9.27
C THR A 26 -9.25 10.88 -9.66
N TRP A 27 -8.24 10.53 -10.46
CA TRP A 27 -7.22 11.49 -10.82
C TRP A 27 -7.09 11.61 -12.34
N SER A 28 -6.32 12.60 -12.77
CA SER A 28 -6.09 12.85 -14.18
C SER A 28 -5.14 11.79 -14.76
N GLU A 29 -5.11 11.68 -16.08
CA GLU A 29 -4.34 10.63 -16.76
C GLU A 29 -2.87 10.68 -16.36
N ASP A 30 -2.23 11.82 -16.60
CA ASP A 30 -0.80 11.96 -16.34
C ASP A 30 -0.52 11.94 -14.84
N TYR A 31 -1.44 12.52 -14.08
CA TYR A 31 -1.35 12.54 -12.63
C TYR A 31 -1.37 11.11 -12.08
N GLN A 32 -2.31 10.31 -12.59
CA GLN A 32 -2.46 8.93 -12.17
C GLN A 32 -1.24 8.10 -12.59
N ARG A 33 -0.73 8.39 -13.77
CA ARG A 33 0.48 7.72 -14.27
C ARG A 33 1.67 8.04 -13.36
N SER A 34 1.78 9.30 -12.97
CA SER A 34 2.82 9.74 -12.04
C SER A 34 2.73 8.97 -10.72
N VAL A 35 1.51 8.72 -10.29
CA VAL A 35 1.26 7.93 -9.09
C VAL A 35 1.74 6.50 -9.29
N TRP A 36 1.28 5.88 -10.39
CA TRP A 36 1.64 4.49 -10.70
C TRP A 36 3.15 4.30 -10.77
N THR A 37 3.83 5.24 -11.43
CA THR A 37 5.27 5.18 -11.55
C THR A 37 5.95 5.16 -10.18
N ARG A 38 5.50 6.04 -9.29
CA ARG A 38 6.07 6.12 -7.95
C ARG A 38 5.66 4.92 -7.11
N LEU A 39 4.51 4.33 -7.41
CA LEU A 39 4.09 3.11 -6.75
C LEU A 39 5.08 1.98 -7.03
N GLU A 40 5.37 1.76 -8.31
CA GLU A 40 6.32 0.72 -8.71
C GLU A 40 7.72 1.00 -8.16
N THR A 41 8.03 2.26 -7.97
CA THR A 41 9.35 2.66 -7.53
C THR A 41 9.54 2.46 -6.02
N TYR A 42 8.57 2.93 -5.24
CA TYR A 42 8.71 2.92 -3.78
C TYR A 42 7.86 1.83 -3.12
N LEU A 43 6.61 1.72 -3.55
CA LEU A 43 5.62 0.91 -2.85
C LEU A 43 5.49 -0.47 -3.49
N PHE A 44 6.54 -0.92 -4.17
CA PHE A 44 6.51 -2.22 -4.82
C PHE A 44 7.65 -3.14 -4.37
N PRO A 45 8.93 -2.70 -4.40
CA PRO A 45 10.08 -3.60 -4.19
C PRO A 45 10.10 -4.26 -2.80
N ASP A 46 9.38 -3.69 -1.85
CA ASP A 46 9.44 -4.19 -0.47
C ASP A 46 8.19 -4.98 -0.09
N ILE A 47 7.11 -4.82 -0.84
CA ILE A 47 5.85 -5.47 -0.50
C ILE A 47 5.25 -6.24 -1.68
N GLY A 48 5.63 -5.87 -2.89
CA GLY A 48 5.09 -6.52 -4.07
C GLY A 48 5.52 -7.97 -4.20
N ASN A 49 6.66 -8.29 -3.59
CA ASN A 49 7.17 -9.65 -3.60
C ASN A 49 6.77 -10.39 -2.33
N LYS A 50 5.79 -9.85 -1.63
CA LYS A 50 5.28 -10.46 -0.42
C LYS A 50 3.98 -11.20 -0.71
N ASP A 51 3.37 -11.75 0.33
CA ASP A 51 2.12 -12.50 0.19
C ASP A 51 0.92 -11.56 0.23
N ILE A 52 1.20 -10.29 0.54
CA ILE A 52 0.18 -9.26 0.79
C ILE A 52 -0.68 -9.58 2.03
N ALA A 53 -1.11 -10.84 2.17
CA ALA A 53 -1.94 -11.26 3.29
C ALA A 53 -1.13 -11.28 4.58
N GLU A 54 0.19 -11.38 4.44
CA GLU A 54 1.08 -11.42 5.59
C GLU A 54 1.84 -10.10 5.73
N LEU A 55 1.28 -9.04 5.17
CA LEU A 55 1.87 -7.71 5.30
C LEU A 55 1.49 -7.09 6.63
N ASP A 56 2.44 -7.10 7.55
CA ASP A 56 2.24 -6.55 8.88
C ASP A 56 2.29 -5.04 8.85
N THR A 57 1.71 -4.40 9.85
CA THR A 57 1.74 -2.95 9.98
C THR A 57 3.17 -2.42 9.83
N GLY A 58 4.12 -3.09 10.49
CA GLY A 58 5.50 -2.66 10.46
C GLY A 58 6.16 -2.96 9.13
N ASP A 59 5.69 -3.98 8.45
CA ASP A 59 6.26 -4.39 7.16
C ASP A 59 5.79 -3.44 6.07
N LEU A 60 4.62 -2.85 6.27
CA LEU A 60 4.13 -1.80 5.39
C LEU A 60 4.78 -0.47 5.77
N LEU A 61 5.14 -0.35 7.03
CA LEU A 61 5.87 0.81 7.49
C LEU A 61 7.28 0.81 6.93
N VAL A 62 7.77 -0.36 6.52
CA VAL A 62 9.09 -0.46 5.90
C VAL A 62 9.20 0.47 4.67
N PRO A 63 8.37 0.27 3.62
CA PRO A 63 8.39 1.16 2.44
C PRO A 63 7.97 2.59 2.78
N ILE A 64 7.00 2.74 3.69
CA ILE A 64 6.57 4.08 4.11
C ILE A 64 7.72 4.85 4.78
N LYS A 65 8.30 4.23 5.80
CA LYS A 65 9.45 4.78 6.51
C LYS A 65 10.62 4.98 5.56
N LYS A 66 10.72 4.07 4.60
CA LYS A 66 11.74 4.14 3.56
C LYS A 66 11.70 5.48 2.84
N ILE A 67 10.48 5.96 2.59
CA ILE A 67 10.29 7.24 1.91
C ILE A 67 10.39 8.40 2.89
N GLU A 68 9.85 8.22 4.09
CA GLU A 68 9.91 9.26 5.12
C GLU A 68 11.35 9.56 5.50
N LYS A 69 12.17 8.51 5.58
CA LYS A 69 13.59 8.66 5.85
C LYS A 69 14.33 9.18 4.61
N LEU A 70 13.75 8.92 3.45
CA LEU A 70 14.35 9.32 2.18
C LEU A 70 14.33 10.83 2.02
N GLY A 71 13.48 11.49 2.80
CA GLY A 71 13.44 12.94 2.81
C GLY A 71 12.26 13.49 2.03
N TYR A 72 11.51 12.61 1.39
CA TYR A 72 10.34 13.02 0.62
C TYR A 72 9.09 12.94 1.48
N LEU A 73 8.84 14.00 2.24
CA LEU A 73 7.71 14.03 3.16
C LEU A 73 6.38 14.00 2.41
N GLU A 74 6.27 14.79 1.36
CA GLU A 74 5.03 14.84 0.58
C GLU A 74 4.78 13.51 -0.09
N ILE A 75 5.83 12.93 -0.66
CA ILE A 75 5.70 11.65 -1.34
C ILE A 75 5.38 10.55 -0.35
N ALA A 76 5.98 10.59 0.83
CA ALA A 76 5.68 9.63 1.89
C ALA A 76 4.20 9.70 2.27
N MET A 77 3.73 10.92 2.53
CA MET A 77 2.32 11.12 2.84
C MET A 77 1.43 10.66 1.69
N ARG A 78 1.87 10.95 0.46
CA ARG A 78 1.14 10.53 -0.73
C ARG A 78 1.07 9.02 -0.84
N VAL A 79 2.24 8.39 -0.84
CA VAL A 79 2.32 6.94 -0.99
C VAL A 79 1.62 6.22 0.17
N LYS A 80 1.66 6.81 1.36
CA LYS A 80 0.94 6.26 2.50
C LYS A 80 -0.57 6.28 2.21
N GLN A 81 -1.03 7.38 1.62
CA GLN A 81 -2.43 7.52 1.24
C GLN A 81 -2.76 6.56 0.11
N TYR A 82 -1.88 6.50 -0.90
CA TYR A 82 -2.04 5.58 -2.02
C TYR A 82 -2.11 4.13 -1.51
N ALA A 83 -1.19 3.80 -0.60
CA ALA A 83 -1.14 2.47 0.00
C ALA A 83 -2.43 2.19 0.77
N THR A 84 -2.92 3.18 1.50
CA THR A 84 -4.16 3.04 2.24
C THR A 84 -5.33 2.79 1.29
N ALA A 85 -5.28 3.42 0.12
CA ALA A 85 -6.31 3.25 -0.90
C ALA A 85 -6.24 1.84 -1.49
N ILE A 86 -5.03 1.41 -1.83
CA ILE A 86 -4.81 0.07 -2.36
C ILE A 86 -5.12 -0.98 -1.29
N MET A 87 -4.81 -0.65 -0.04
CA MET A 87 -5.06 -1.53 1.09
C MET A 87 -6.55 -1.74 1.27
N ARG A 88 -7.33 -0.67 1.09
CA ARG A 88 -8.78 -0.76 1.16
C ARG A 88 -9.30 -1.59 -0.01
N TYR A 89 -8.64 -1.47 -1.14
CA TYR A 89 -8.95 -2.25 -2.32
C TYR A 89 -8.64 -3.73 -2.05
N ALA A 90 -7.58 -3.96 -1.28
CA ALA A 90 -7.17 -5.31 -0.88
C ALA A 90 -8.24 -5.99 -0.04
N VAL A 91 -8.90 -5.21 0.81
CA VAL A 91 -9.99 -5.73 1.64
C VAL A 91 -11.20 -6.03 0.78
N GLN A 92 -11.37 -5.25 -0.28
CA GLN A 92 -12.49 -5.44 -1.21
C GLN A 92 -12.28 -6.69 -2.07
N GLN A 93 -11.02 -7.10 -2.22
CA GLN A 93 -10.71 -8.35 -2.89
C GLN A 93 -10.43 -9.44 -1.86
N LYS A 94 -10.66 -9.08 -0.59
CA LYS A 94 -10.54 -9.99 0.54
C LYS A 94 -9.19 -10.69 0.57
N MET A 95 -8.12 -9.90 0.48
CA MET A 95 -6.78 -10.43 0.65
C MET A 95 -6.36 -10.26 2.11
N ILE A 96 -6.72 -9.12 2.67
CA ILE A 96 -6.39 -8.79 4.04
C ILE A 96 -7.68 -8.57 4.83
N ARG A 97 -7.55 -8.33 6.13
CA ARG A 97 -8.73 -8.15 6.97
C ARG A 97 -9.02 -6.67 7.21
N PHE A 98 -7.99 -5.92 7.53
CA PHE A 98 -8.12 -4.49 7.76
C PHE A 98 -6.90 -3.75 7.19
N ASN A 99 -6.91 -2.43 7.27
CA ASN A 99 -5.83 -1.62 6.73
C ASN A 99 -4.84 -1.26 7.83
N PRO A 100 -3.66 -1.94 7.86
CA PRO A 100 -2.66 -1.72 8.90
C PRO A 100 -2.17 -0.28 8.97
N ALA A 101 -2.00 0.34 7.81
CA ALA A 101 -1.57 1.74 7.73
C ALA A 101 -2.66 2.66 8.26
N TYR A 102 -3.91 2.22 8.11
CA TYR A 102 -5.05 3.02 8.54
C TYR A 102 -5.18 2.97 10.06
N ASP A 103 -4.91 1.81 10.64
CA ASP A 103 -4.93 1.65 12.09
C ASP A 103 -3.69 2.23 12.72
N LEU A 104 -2.65 2.43 11.91
CA LEU A 104 -1.44 3.10 12.37
C LEU A 104 -1.74 4.59 12.53
N GLU A 105 -2.41 5.16 11.54
CA GLU A 105 -2.91 6.53 11.63
C GLU A 105 -4.04 6.62 12.64
N GLY A 106 -4.77 5.52 12.78
CA GLY A 106 -5.89 5.46 13.70
C GLY A 106 -5.44 5.29 15.14
N ALA A 107 -4.13 5.16 15.35
CA ALA A 107 -3.57 5.12 16.69
C ALA A 107 -3.70 6.49 17.33
N VAL A 108 -3.78 7.51 16.48
CA VAL A 108 -4.02 8.87 16.92
C VAL A 108 -5.40 9.30 16.45
N GLN A 109 -6.26 9.67 17.38
CA GLN A 109 -7.64 10.00 17.07
C GLN A 109 -7.72 11.32 16.29
N LYS A 110 -6.79 12.23 16.61
CA LYS A 110 -6.67 13.50 15.89
C LYS A 110 -7.94 14.34 16.06
N LEU A 111 -8.10 15.35 15.22
CA LEU A 111 -9.26 16.23 15.30
C LEU A 111 -9.56 16.86 13.94
N GLU A 112 -8.51 17.09 13.15
CA GLU A 112 -8.65 17.71 11.84
C GLU A 112 -9.08 16.69 10.79
N HIS A 113 -9.39 17.18 9.60
CA HIS A 113 -9.74 16.30 8.49
C HIS A 113 -9.11 16.84 7.20
N HIS A 114 -9.33 16.14 6.10
CA HIS A 114 -8.56 16.34 4.88
C HIS A 114 -8.82 17.69 4.22
N HIS A 115 -10.07 18.15 4.18
CA HIS A 115 -10.38 19.32 3.37
C HIS A 115 -10.84 20.51 4.22
N HIS A 116 -10.54 20.50 5.51
CA HIS A 116 -10.83 21.66 6.34
C HIS A 116 -9.54 22.29 6.85
N HIS A 117 -8.86 22.98 5.96
CA HIS A 117 -7.70 23.80 6.31
C HIS A 117 -7.75 25.11 5.53
N HIS A 118 -8.30 25.02 4.33
CA HIS A 118 -8.49 26.17 3.49
C HIS A 118 -9.76 25.97 2.67
N LYS A 1 -20.92 -20.03 -12.91
CA LYS A 1 -19.61 -20.19 -12.25
C LYS A 1 -18.93 -21.46 -12.74
N SER A 2 -17.62 -21.55 -12.53
CA SER A 2 -16.87 -22.73 -12.87
C SER A 2 -16.10 -23.23 -11.66
N VAL A 3 -15.64 -24.48 -11.71
CA VAL A 3 -14.88 -25.06 -10.62
C VAL A 3 -13.50 -24.44 -10.53
N GLN A 4 -12.94 -24.10 -11.68
CA GLN A 4 -11.62 -23.47 -11.75
C GLN A 4 -11.73 -22.10 -12.40
N GLU A 5 -11.10 -21.10 -11.78
CA GLU A 5 -11.08 -19.76 -12.34
C GLU A 5 -9.98 -19.62 -13.38
N LYS A 6 -10.31 -18.97 -14.48
CA LYS A 6 -9.37 -18.77 -15.58
C LYS A 6 -8.22 -17.87 -15.17
N ARG A 7 -8.47 -17.04 -14.16
CA ARG A 7 -7.45 -16.16 -13.62
C ARG A 7 -7.40 -16.26 -12.10
N ASN A 8 -6.40 -16.93 -11.58
CA ASN A 8 -6.21 -17.03 -10.14
C ASN A 8 -5.59 -15.73 -9.62
N ASN A 9 -6.38 -14.94 -8.93
CA ASN A 9 -5.93 -13.65 -8.43
C ASN A 9 -5.10 -13.82 -7.17
N THR A 10 -3.80 -13.71 -7.32
CA THR A 10 -2.89 -13.71 -6.19
C THR A 10 -3.09 -12.43 -5.37
N ARG A 11 -3.00 -12.53 -4.05
CA ARG A 11 -3.16 -11.37 -3.18
C ARG A 11 -1.87 -10.57 -3.12
N ALA A 12 -1.00 -10.77 -4.10
CA ALA A 12 0.23 -10.00 -4.21
C ALA A 12 -0.10 -8.57 -4.58
N PHE A 13 0.57 -7.63 -3.92
CA PHE A 13 0.32 -6.22 -4.13
C PHE A 13 0.43 -5.83 -5.60
N LYS A 14 1.31 -6.51 -6.33
CA LYS A 14 1.50 -6.25 -7.75
C LYS A 14 0.20 -6.44 -8.51
N THR A 15 -0.36 -7.62 -8.39
CA THR A 15 -1.58 -7.98 -9.12
C THR A 15 -2.74 -7.11 -8.69
N VAL A 16 -2.81 -6.79 -7.42
CA VAL A 16 -3.91 -6.01 -6.88
C VAL A 16 -3.77 -4.53 -7.20
N ALA A 17 -2.55 -4.00 -7.10
CA ALA A 17 -2.30 -2.60 -7.44
C ALA A 17 -2.58 -2.35 -8.91
N LYS A 18 -2.26 -3.32 -9.75
CA LYS A 18 -2.53 -3.22 -11.18
C LYS A 18 -4.03 -3.21 -11.42
N SER A 19 -4.74 -4.08 -10.72
CA SER A 19 -6.19 -4.16 -10.82
C SER A 19 -6.82 -2.88 -10.28
N TRP A 20 -6.22 -2.33 -9.24
CA TRP A 20 -6.66 -1.07 -8.67
C TRP A 20 -6.43 0.07 -9.66
N PHE A 21 -5.24 0.14 -10.20
CA PHE A 21 -4.87 1.19 -11.16
C PHE A 21 -5.75 1.12 -12.41
N ALA A 22 -6.13 -0.10 -12.81
CA ALA A 22 -6.98 -0.29 -13.98
C ALA A 22 -8.45 -0.06 -13.65
N THR A 23 -8.73 0.37 -12.43
CA THR A 23 -10.09 0.65 -12.02
C THR A 23 -10.22 2.07 -11.47
N LYS A 24 -9.14 2.57 -10.86
CA LYS A 24 -9.15 3.87 -10.22
C LYS A 24 -8.82 4.97 -11.22
N THR A 25 -9.85 5.53 -11.83
CA THR A 25 -9.69 6.64 -12.73
C THR A 25 -10.16 7.94 -12.05
N THR A 26 -9.24 8.59 -11.35
CA THR A 26 -9.59 9.74 -10.54
C THR A 26 -8.82 11.00 -10.96
N TRP A 27 -7.51 10.95 -10.79
CA TRP A 27 -6.67 12.13 -10.99
C TRP A 27 -6.32 12.33 -12.46
N SER A 28 -5.59 13.40 -12.74
CA SER A 28 -5.13 13.69 -14.10
C SER A 28 -4.23 12.57 -14.60
N GLU A 29 -4.12 12.44 -15.93
CA GLU A 29 -3.38 11.36 -16.54
C GLU A 29 -1.94 11.31 -16.05
N ASP A 30 -1.24 12.43 -16.10
CA ASP A 30 0.17 12.49 -15.66
C ASP A 30 0.30 12.26 -14.17
N TYR A 31 -0.71 12.60 -13.39
CA TYR A 31 -0.66 12.38 -11.95
C TYR A 31 -0.91 10.92 -11.65
N GLN A 32 -1.96 10.37 -12.26
CA GLN A 32 -2.28 8.95 -12.15
C GLN A 32 -1.08 8.12 -12.63
N ARG A 33 -0.43 8.65 -13.66
CA ARG A 33 0.79 8.09 -14.22
C ARG A 33 1.89 8.02 -13.17
N SER A 34 2.19 9.16 -12.56
CA SER A 34 3.25 9.24 -11.57
C SER A 34 2.89 8.51 -10.28
N VAL A 35 1.60 8.33 -10.05
CA VAL A 35 1.13 7.47 -8.97
C VAL A 35 1.64 6.05 -9.20
N TRP A 36 1.38 5.54 -10.40
CA TRP A 36 1.75 4.18 -10.76
C TRP A 36 3.27 4.00 -10.74
N THR A 37 3.99 4.96 -11.32
CA THR A 37 5.44 4.86 -11.40
C THR A 37 6.08 4.85 -10.01
N ARG A 38 5.55 5.66 -9.11
CA ARG A 38 6.06 5.70 -7.74
C ARG A 38 5.73 4.40 -7.01
N LEU A 39 4.59 3.81 -7.31
CA LEU A 39 4.21 2.53 -6.73
C LEU A 39 5.22 1.46 -7.15
N GLU A 40 5.58 1.48 -8.43
CA GLU A 40 6.55 0.52 -8.97
C GLU A 40 7.91 0.68 -8.32
N THR A 41 8.29 1.92 -8.06
CA THR A 41 9.64 2.24 -7.63
C THR A 41 9.81 2.15 -6.11
N TYR A 42 8.82 2.59 -5.36
CA TYR A 42 8.98 2.70 -3.91
C TYR A 42 8.15 1.67 -3.15
N LEU A 43 6.94 1.40 -3.61
CA LEU A 43 5.97 0.68 -2.79
C LEU A 43 6.05 -0.84 -2.99
N PHE A 44 5.69 -1.33 -4.18
CA PHE A 44 5.58 -2.78 -4.36
C PHE A 44 6.83 -3.48 -4.96
N PRO A 45 8.04 -2.85 -5.04
CA PRO A 45 9.25 -3.64 -5.26
C PRO A 45 9.58 -4.50 -4.04
N ASP A 46 8.99 -4.14 -2.90
CA ASP A 46 9.17 -4.88 -1.66
C ASP A 46 7.96 -5.76 -1.39
N ILE A 47 6.79 -5.14 -1.25
CA ILE A 47 5.56 -5.87 -0.92
C ILE A 47 4.93 -6.50 -2.16
N GLY A 48 5.65 -6.46 -3.28
CA GLY A 48 5.12 -6.98 -4.52
C GLY A 48 5.15 -8.49 -4.60
N ASN A 49 6.24 -9.08 -4.12
CA ASN A 49 6.40 -10.52 -4.15
C ASN A 49 5.97 -11.13 -2.83
N LYS A 50 5.32 -10.30 -2.03
CA LYS A 50 4.82 -10.72 -0.72
C LYS A 50 3.30 -10.68 -0.73
N ASP A 51 2.68 -11.61 -0.01
CA ASP A 51 1.23 -11.63 0.11
C ASP A 51 0.76 -10.47 0.98
N ILE A 52 -0.27 -9.78 0.51
CA ILE A 52 -0.78 -8.58 1.16
C ILE A 52 -1.26 -8.86 2.61
N ALA A 53 -1.75 -10.07 2.85
CA ALA A 53 -2.25 -10.43 4.18
C ALA A 53 -1.15 -11.03 5.03
N GLU A 54 0.00 -11.21 4.42
CA GLU A 54 1.14 -11.79 5.09
C GLU A 54 2.06 -10.66 5.58
N LEU A 55 1.57 -9.45 5.41
CA LEU A 55 2.30 -8.25 5.81
C LEU A 55 1.81 -7.74 7.15
N ASP A 56 2.72 -7.12 7.89
CA ASP A 56 2.38 -6.48 9.15
C ASP A 56 2.41 -4.96 8.97
N THR A 57 1.86 -4.23 9.94
CA THR A 57 1.90 -2.78 9.94
C THR A 57 3.30 -2.27 9.63
N GLY A 58 4.30 -2.90 10.24
CA GLY A 58 5.68 -2.51 10.05
C GLY A 58 6.16 -2.73 8.63
N ASP A 59 5.77 -3.86 8.04
CA ASP A 59 6.22 -4.22 6.69
C ASP A 59 5.79 -3.18 5.68
N LEU A 60 4.60 -2.61 5.87
CA LEU A 60 4.10 -1.57 4.98
C LEU A 60 4.81 -0.24 5.27
N LEU A 61 5.06 -0.01 6.53
CA LEU A 61 5.67 1.24 6.96
C LEU A 61 7.13 1.34 6.54
N VAL A 62 7.76 0.22 6.17
CA VAL A 62 9.16 0.27 5.75
C VAL A 62 9.33 0.94 4.38
N PRO A 63 8.62 0.50 3.31
CA PRO A 63 8.61 1.23 2.04
C PRO A 63 8.17 2.68 2.23
N ILE A 64 7.17 2.89 3.08
CA ILE A 64 6.74 4.25 3.42
C ILE A 64 7.90 4.99 4.11
N LYS A 65 8.63 4.28 4.94
CA LYS A 65 9.76 4.84 5.68
C LYS A 65 10.94 5.07 4.76
N LYS A 66 11.04 4.26 3.71
CA LYS A 66 12.03 4.45 2.66
C LYS A 66 11.92 5.87 2.10
N ILE A 67 10.68 6.27 1.85
CA ILE A 67 10.42 7.61 1.35
C ILE A 67 10.53 8.65 2.48
N GLU A 68 10.13 8.23 3.68
CA GLU A 68 10.27 9.06 4.89
C GLU A 68 11.73 9.49 5.07
N LYS A 69 12.62 8.51 5.11
CA LYS A 69 14.04 8.76 5.35
C LYS A 69 14.70 9.29 4.09
N LEU A 70 13.94 9.35 3.01
CA LEU A 70 14.41 9.92 1.75
C LEU A 70 14.36 11.45 1.84
N GLY A 71 13.59 11.94 2.81
CA GLY A 71 13.46 13.37 3.02
C GLY A 71 12.08 13.88 2.66
N TYR A 72 11.37 13.11 1.85
CA TYR A 72 10.06 13.51 1.37
C TYR A 72 8.95 12.91 2.23
N LEU A 73 8.59 13.62 3.29
CA LEU A 73 7.52 13.18 4.17
C LEU A 73 6.16 13.30 3.50
N GLU A 74 6.01 14.34 2.67
CA GLU A 74 4.76 14.57 1.98
C GLU A 74 4.56 13.53 0.88
N ILE A 75 5.63 13.20 0.18
CA ILE A 75 5.57 12.15 -0.83
C ILE A 75 5.33 10.80 -0.17
N ALA A 76 5.97 10.58 0.98
CA ALA A 76 5.74 9.35 1.74
C ALA A 76 4.28 9.22 2.13
N MET A 77 3.70 10.31 2.63
CA MET A 77 2.29 10.32 2.98
C MET A 77 1.41 10.16 1.73
N ARG A 78 1.78 10.86 0.66
CA ARG A 78 1.05 10.76 -0.60
C ARG A 78 1.05 9.33 -1.14
N VAL A 79 2.21 8.68 -1.08
CA VAL A 79 2.32 7.28 -1.51
C VAL A 79 1.51 6.38 -0.58
N LYS A 80 1.54 6.68 0.71
CA LYS A 80 0.75 5.93 1.67
C LYS A 80 -0.73 6.07 1.35
N GLN A 81 -1.14 7.26 0.93
CA GLN A 81 -2.52 7.51 0.53
C GLN A 81 -2.93 6.57 -0.59
N TYR A 82 -2.09 6.47 -1.63
CA TYR A 82 -2.33 5.54 -2.73
C TYR A 82 -2.48 4.13 -2.17
N ALA A 83 -1.50 3.73 -1.37
CA ALA A 83 -1.47 2.41 -0.77
C ALA A 83 -2.73 2.15 0.07
N THR A 84 -3.14 3.15 0.83
CA THR A 84 -4.31 3.02 1.69
C THR A 84 -5.58 2.85 0.86
N ALA A 85 -5.62 3.50 -0.30
CA ALA A 85 -6.75 3.35 -1.22
C ALA A 85 -6.76 1.93 -1.77
N ILE A 86 -5.57 1.40 -2.05
CA ILE A 86 -5.42 0.02 -2.51
C ILE A 86 -5.79 -0.95 -1.39
N MET A 87 -5.43 -0.58 -0.16
CA MET A 87 -5.77 -1.39 1.01
C MET A 87 -7.28 -1.44 1.22
N ARG A 88 -7.96 -0.33 0.93
CA ARG A 88 -9.42 -0.29 1.00
C ARG A 88 -10.00 -1.26 -0.02
N TYR A 89 -9.42 -1.25 -1.23
CA TYR A 89 -9.79 -2.19 -2.28
C TYR A 89 -9.50 -3.62 -1.82
N ALA A 90 -8.38 -3.77 -1.12
CA ALA A 90 -7.98 -5.06 -0.56
C ALA A 90 -9.02 -5.59 0.41
N VAL A 91 -9.52 -4.72 1.29
CA VAL A 91 -10.54 -5.11 2.26
C VAL A 91 -11.79 -5.61 1.55
N GLN A 92 -12.10 -5.01 0.41
CA GLN A 92 -13.28 -5.39 -0.36
C GLN A 92 -13.11 -6.78 -0.98
N GLN A 93 -11.88 -7.22 -1.15
CA GLN A 93 -11.61 -8.57 -1.66
C GLN A 93 -11.24 -9.50 -0.51
N LYS A 94 -11.37 -8.99 0.71
CA LYS A 94 -11.00 -9.70 1.94
C LYS A 94 -9.52 -10.10 1.92
N MET A 95 -8.73 -9.31 1.21
CA MET A 95 -7.30 -9.51 1.19
C MET A 95 -6.72 -9.22 2.55
N ILE A 96 -7.17 -8.11 3.14
CA ILE A 96 -6.81 -7.77 4.50
C ILE A 96 -8.07 -7.63 5.32
N ARG A 97 -8.04 -8.18 6.53
CA ARG A 97 -9.20 -8.18 7.42
C ARG A 97 -9.49 -6.76 7.90
N PHE A 98 -8.44 -5.98 8.11
CA PHE A 98 -8.57 -4.62 8.59
C PHE A 98 -7.42 -3.78 8.06
N ASN A 99 -7.63 -2.49 7.92
CA ASN A 99 -6.62 -1.59 7.38
C ASN A 99 -5.58 -1.24 8.45
N PRO A 100 -4.32 -1.64 8.23
CA PRO A 100 -3.24 -1.41 9.19
C PRO A 100 -2.68 0.02 9.12
N ALA A 101 -3.01 0.74 8.07
CA ALA A 101 -2.49 2.08 7.87
C ALA A 101 -3.18 3.09 8.79
N TYR A 102 -4.47 2.88 9.02
CA TYR A 102 -5.25 3.75 9.91
C TYR A 102 -4.83 3.56 11.36
N ASP A 103 -4.03 2.54 11.63
CA ASP A 103 -3.52 2.31 12.98
C ASP A 103 -2.54 3.41 13.35
N LEU A 104 -1.81 3.91 12.36
CA LEU A 104 -0.88 5.00 12.57
C LEU A 104 -1.62 6.33 12.61
N GLU A 105 -2.61 6.45 11.74
CA GLU A 105 -3.42 7.66 11.65
C GLU A 105 -4.44 7.74 12.78
N GLY A 106 -4.30 6.83 13.74
CA GLY A 106 -5.12 6.86 14.93
C GLY A 106 -4.39 6.26 16.10
N ALA A 107 -3.07 6.39 16.08
CA ALA A 107 -2.20 5.78 17.09
C ALA A 107 -2.33 6.47 18.43
N VAL A 108 -2.13 5.70 19.50
CA VAL A 108 -2.21 6.21 20.85
C VAL A 108 -0.81 6.52 21.38
N GLN A 109 -0.58 7.78 21.72
CA GLN A 109 0.73 8.26 22.16
C GLN A 109 1.05 7.76 23.56
N LYS A 110 0.06 7.18 24.23
CA LYS A 110 0.23 6.70 25.59
C LYS A 110 1.13 5.47 25.65
N LEU A 111 1.31 4.81 24.49
CA LEU A 111 2.15 3.62 24.41
C LEU A 111 3.42 3.92 23.62
N GLU A 112 3.70 5.19 23.42
CA GLU A 112 4.86 5.61 22.64
C GLU A 112 6.12 5.63 23.53
N HIS A 113 7.27 5.30 22.95
CA HIS A 113 8.51 5.11 23.70
C HIS A 113 9.01 6.40 24.37
N HIS A 114 8.98 7.51 23.64
CA HIS A 114 9.47 8.78 24.16
C HIS A 114 8.55 9.29 25.27
N HIS A 115 7.33 8.78 25.27
CA HIS A 115 6.37 9.11 26.32
C HIS A 115 6.63 8.27 27.57
N HIS A 116 7.57 7.35 27.44
CA HIS A 116 7.99 6.51 28.55
C HIS A 116 9.46 6.76 28.85
N HIS A 117 10.06 5.88 29.64
CA HIS A 117 11.48 5.94 29.89
C HIS A 117 12.18 4.88 29.07
N HIS A 118 11.75 3.63 29.25
CA HIS A 118 12.26 2.52 28.47
C HIS A 118 11.12 1.91 27.64
N LYS A 1 -13.36 -23.32 -12.39
CA LYS A 1 -11.98 -23.87 -12.37
C LYS A 1 -11.35 -23.68 -11.00
N SER A 2 -12.20 -23.58 -9.97
CA SER A 2 -11.76 -23.25 -8.63
C SER A 2 -10.99 -24.41 -7.97
N VAL A 3 -10.91 -25.54 -8.67
CA VAL A 3 -10.17 -26.69 -8.18
C VAL A 3 -8.67 -26.41 -8.27
N GLN A 4 -8.28 -25.61 -9.26
CA GLN A 4 -6.89 -25.28 -9.47
C GLN A 4 -6.73 -23.79 -9.74
N GLU A 5 -6.03 -23.10 -8.85
CA GLU A 5 -5.79 -21.66 -9.01
C GLU A 5 -5.14 -21.36 -10.35
N LYS A 6 -5.45 -20.20 -10.90
CA LYS A 6 -4.99 -19.83 -12.23
C LYS A 6 -3.46 -19.78 -12.29
N ARG A 7 -2.86 -19.08 -11.35
CA ARG A 7 -1.42 -18.86 -11.36
C ARG A 7 -0.85 -19.06 -9.95
N ASN A 8 0.46 -18.91 -9.83
CA ASN A 8 1.14 -19.05 -8.56
C ASN A 8 1.13 -17.73 -7.80
N ASN A 9 1.28 -16.65 -8.54
CA ASN A 9 1.31 -15.32 -7.95
C ASN A 9 -0.06 -14.66 -8.08
N THR A 10 -0.89 -14.87 -7.08
CA THR A 10 -2.26 -14.35 -7.09
C THR A 10 -2.54 -13.56 -5.82
N ARG A 11 -3.46 -12.58 -5.92
CA ARG A 11 -3.76 -11.67 -4.82
C ARG A 11 -2.52 -10.92 -4.35
N ALA A 12 -1.52 -10.84 -5.23
CA ALA A 12 -0.30 -10.14 -4.93
C ALA A 12 -0.49 -8.65 -5.09
N PHE A 13 0.28 -7.87 -4.35
CA PHE A 13 0.20 -6.42 -4.39
C PHE A 13 0.30 -5.92 -5.82
N LYS A 14 1.16 -6.56 -6.62
CA LYS A 14 1.35 -6.16 -8.01
C LYS A 14 0.04 -6.22 -8.80
N THR A 15 -0.52 -7.41 -8.88
CA THR A 15 -1.73 -7.66 -9.67
C THR A 15 -2.90 -6.83 -9.17
N VAL A 16 -3.03 -6.72 -7.86
CA VAL A 16 -4.13 -6.00 -7.26
C VAL A 16 -3.97 -4.49 -7.45
N ALA A 17 -2.75 -3.99 -7.28
CA ALA A 17 -2.47 -2.58 -7.54
C ALA A 17 -2.77 -2.22 -8.99
N LYS A 18 -2.46 -3.13 -9.91
CA LYS A 18 -2.78 -2.94 -11.31
C LYS A 18 -4.29 -2.94 -11.54
N SER A 19 -4.98 -3.85 -10.87
CA SER A 19 -6.43 -3.92 -10.93
C SER A 19 -7.04 -2.64 -10.35
N TRP A 20 -6.44 -2.18 -9.26
CA TRP A 20 -6.85 -0.93 -8.63
C TRP A 20 -6.61 0.25 -9.55
N PHE A 21 -5.41 0.30 -10.14
CA PHE A 21 -5.02 1.39 -11.04
C PHE A 21 -6.01 1.54 -12.19
N ALA A 22 -6.51 0.42 -12.69
CA ALA A 22 -7.43 0.42 -13.82
C ALA A 22 -8.87 0.70 -13.38
N THR A 23 -9.10 0.66 -12.08
CA THR A 23 -10.43 0.88 -11.53
C THR A 23 -10.52 2.25 -10.84
N LYS A 24 -9.37 2.77 -10.44
CA LYS A 24 -9.29 4.07 -9.78
C LYS A 24 -8.96 5.15 -10.81
N THR A 25 -9.53 5.01 -11.99
CA THR A 25 -9.27 5.92 -13.10
C THR A 25 -10.03 7.24 -12.94
N THR A 26 -10.42 7.54 -11.71
CA THR A 26 -11.17 8.75 -11.41
C THR A 26 -10.23 9.96 -11.34
N TRP A 27 -8.93 9.69 -11.21
CA TRP A 27 -7.93 10.74 -11.22
C TRP A 27 -7.59 11.11 -12.65
N SER A 28 -6.73 12.10 -12.83
CA SER A 28 -6.25 12.47 -14.15
C SER A 28 -5.11 11.54 -14.55
N GLU A 29 -4.91 11.37 -15.86
CA GLU A 29 -3.92 10.44 -16.37
C GLU A 29 -2.51 10.87 -15.96
N ASP A 30 -2.26 12.18 -15.97
CA ASP A 30 -0.98 12.73 -15.56
C ASP A 30 -0.70 12.39 -14.10
N TYR A 31 -1.72 12.55 -13.27
CA TYR A 31 -1.61 12.26 -11.85
C TYR A 31 -1.43 10.75 -11.62
N GLN A 32 -2.27 9.94 -12.28
CA GLN A 32 -2.20 8.49 -12.13
C GLN A 32 -0.85 7.95 -12.57
N ARG A 33 -0.32 8.48 -13.67
CA ARG A 33 0.99 8.05 -14.16
C ARG A 33 2.07 8.37 -13.14
N SER A 34 1.95 9.54 -12.51
CA SER A 34 2.89 9.94 -11.47
C SER A 34 2.76 9.01 -10.26
N VAL A 35 1.52 8.66 -9.92
CA VAL A 35 1.25 7.75 -8.82
C VAL A 35 1.86 6.39 -9.08
N TRP A 36 1.48 5.77 -10.19
CA TRP A 36 1.87 4.40 -10.52
C TRP A 36 3.39 4.24 -10.57
N THR A 37 4.06 5.17 -11.21
CA THR A 37 5.51 5.10 -11.36
C THR A 37 6.21 5.15 -10.00
N ARG A 38 5.76 6.04 -9.13
CA ARG A 38 6.34 6.15 -7.80
C ARG A 38 5.97 4.96 -6.94
N LEU A 39 4.81 4.37 -7.20
CA LEU A 39 4.41 3.15 -6.52
C LEU A 39 5.38 2.02 -6.86
N GLU A 40 5.65 1.81 -8.15
CA GLU A 40 6.56 0.75 -8.58
C GLU A 40 7.96 0.96 -8.03
N THR A 41 8.32 2.22 -7.82
CA THR A 41 9.65 2.55 -7.34
C THR A 41 9.81 2.28 -5.85
N TYR A 42 8.86 2.72 -5.03
CA TYR A 42 9.01 2.64 -3.58
C TYR A 42 8.07 1.62 -2.94
N LEU A 43 6.89 1.43 -3.51
CA LEU A 43 5.85 0.65 -2.86
C LEU A 43 5.69 -0.73 -3.51
N PHE A 44 6.68 -1.13 -4.30
CA PHE A 44 6.64 -2.42 -4.98
C PHE A 44 7.83 -3.33 -4.64
N PRO A 45 9.07 -2.81 -4.49
CA PRO A 45 10.26 -3.67 -4.28
C PRO A 45 10.15 -4.56 -3.04
N ASP A 46 9.49 -4.03 -2.02
CA ASP A 46 9.43 -4.71 -0.73
C ASP A 46 8.17 -5.56 -0.60
N ILE A 47 7.02 -4.98 -0.95
CA ILE A 47 5.73 -5.61 -0.69
C ILE A 47 5.08 -6.18 -1.94
N GLY A 48 5.67 -5.94 -3.10
CA GLY A 48 5.06 -6.32 -4.34
C GLY A 48 4.90 -7.83 -4.50
N ASN A 49 5.92 -8.57 -4.13
CA ASN A 49 5.92 -10.01 -4.34
C ASN A 49 5.60 -10.75 -3.03
N LYS A 50 5.44 -9.98 -1.96
CA LYS A 50 5.18 -10.56 -0.64
C LYS A 50 3.67 -10.71 -0.45
N ASP A 51 3.25 -11.78 0.23
CA ASP A 51 1.82 -12.03 0.46
C ASP A 51 1.18 -10.81 1.09
N ILE A 52 0.18 -10.26 0.41
CA ILE A 52 -0.42 -8.98 0.76
C ILE A 52 -1.16 -9.06 2.10
N ALA A 53 -1.66 -10.24 2.45
CA ALA A 53 -2.38 -10.41 3.71
C ALA A 53 -1.40 -10.68 4.84
N GLU A 54 -0.27 -11.25 4.47
CA GLU A 54 0.84 -11.48 5.38
C GLU A 54 1.46 -10.16 5.80
N LEU A 55 1.36 -9.16 4.93
CA LEU A 55 1.93 -7.85 5.16
C LEU A 55 1.37 -7.21 6.42
N ASP A 56 2.27 -6.96 7.37
CA ASP A 56 1.91 -6.32 8.62
C ASP A 56 2.23 -4.83 8.53
N THR A 57 1.75 -4.05 9.49
CA THR A 57 2.05 -2.63 9.57
C THR A 57 3.55 -2.38 9.44
N GLY A 58 4.36 -3.26 10.04
CA GLY A 58 5.79 -3.14 9.96
C GLY A 58 6.31 -3.29 8.53
N ASP A 59 5.80 -4.29 7.81
CA ASP A 59 6.21 -4.55 6.44
C ASP A 59 5.94 -3.34 5.56
N LEU A 60 4.82 -2.68 5.81
CA LEU A 60 4.40 -1.53 5.02
C LEU A 60 5.17 -0.28 5.46
N LEU A 61 5.53 -0.23 6.73
CA LEU A 61 6.29 0.90 7.25
C LEU A 61 7.71 0.90 6.70
N VAL A 62 8.19 -0.25 6.25
CA VAL A 62 9.52 -0.32 5.67
C VAL A 62 9.65 0.65 4.48
N PRO A 63 8.84 0.48 3.40
CA PRO A 63 8.86 1.42 2.27
C PRO A 63 8.47 2.84 2.68
N ILE A 64 7.52 2.98 3.60
CA ILE A 64 7.10 4.30 4.08
C ILE A 64 8.26 5.01 4.78
N LYS A 65 8.91 4.31 5.70
CA LYS A 65 10.07 4.84 6.42
C LYS A 65 11.21 5.11 5.45
N LYS A 66 11.31 4.28 4.43
CA LYS A 66 12.33 4.41 3.41
C LYS A 66 12.20 5.74 2.66
N ILE A 67 10.97 6.21 2.52
CA ILE A 67 10.72 7.50 1.89
C ILE A 67 10.95 8.63 2.90
N GLU A 68 10.58 8.39 4.15
CA GLU A 68 10.84 9.36 5.23
C GLU A 68 12.34 9.57 5.37
N LYS A 69 13.08 8.46 5.31
CA LYS A 69 14.54 8.49 5.30
C LYS A 69 15.05 9.23 4.08
N LEU A 70 14.32 9.13 2.97
CA LEU A 70 14.70 9.79 1.73
C LEU A 70 14.63 11.31 1.90
N GLY A 71 13.74 11.75 2.78
CA GLY A 71 13.63 13.17 3.06
C GLY A 71 12.39 13.79 2.47
N TYR A 72 11.41 12.96 2.14
CA TYR A 72 10.17 13.45 1.57
C TYR A 72 8.97 12.96 2.36
N LEU A 73 8.59 13.74 3.35
CA LEU A 73 7.42 13.41 4.16
C LEU A 73 6.15 13.52 3.34
N GLU A 74 6.10 14.53 2.48
CA GLU A 74 4.97 14.74 1.60
C GLU A 74 4.75 13.51 0.72
N ILE A 75 5.82 13.04 0.10
CA ILE A 75 5.73 11.87 -0.76
C ILE A 75 5.39 10.62 0.04
N ALA A 76 5.96 10.51 1.23
CA ALA A 76 5.65 9.39 2.13
C ALA A 76 4.16 9.37 2.45
N MET A 77 3.60 10.54 2.74
CA MET A 77 2.17 10.67 2.99
C MET A 77 1.36 10.32 1.75
N ARG A 78 1.80 10.85 0.61
CA ARG A 78 1.11 10.60 -0.66
C ARG A 78 1.10 9.13 -1.01
N VAL A 79 2.27 8.50 -1.00
CA VAL A 79 2.39 7.09 -1.35
C VAL A 79 1.56 6.23 -0.40
N LYS A 80 1.61 6.56 0.89
CA LYS A 80 0.81 5.86 1.88
C LYS A 80 -0.68 6.09 1.63
N GLN A 81 -1.03 7.28 1.15
CA GLN A 81 -2.42 7.58 0.80
C GLN A 81 -2.87 6.72 -0.38
N TYR A 82 -2.04 6.63 -1.41
CA TYR A 82 -2.32 5.75 -2.55
C TYR A 82 -2.45 4.32 -2.06
N ALA A 83 -1.50 3.91 -1.22
CA ALA A 83 -1.49 2.58 -0.64
C ALA A 83 -2.76 2.32 0.17
N THR A 84 -3.17 3.32 0.95
CA THR A 84 -4.38 3.22 1.75
C THR A 84 -5.60 2.91 0.88
N ALA A 85 -5.66 3.54 -0.29
CA ALA A 85 -6.73 3.28 -1.23
C ALA A 85 -6.65 1.85 -1.76
N ILE A 86 -5.43 1.39 -2.04
CA ILE A 86 -5.20 0.03 -2.50
C ILE A 86 -5.57 -0.97 -1.39
N MET A 87 -5.17 -0.66 -0.17
CA MET A 87 -5.45 -1.52 0.98
C MET A 87 -6.95 -1.61 1.22
N ARG A 88 -7.65 -0.48 1.05
CA ARG A 88 -9.10 -0.47 1.23
C ARG A 88 -9.74 -1.33 0.14
N TYR A 89 -9.19 -1.24 -1.07
CA TYR A 89 -9.63 -2.06 -2.18
C TYR A 89 -9.38 -3.53 -1.88
N ALA A 90 -8.24 -3.81 -1.26
CA ALA A 90 -7.88 -5.15 -0.83
C ALA A 90 -8.89 -5.67 0.19
N VAL A 91 -9.33 -4.80 1.10
CA VAL A 91 -10.35 -5.16 2.07
C VAL A 91 -11.64 -5.53 1.35
N GLN A 92 -11.96 -4.78 0.30
CA GLN A 92 -13.18 -5.01 -0.47
C GLN A 92 -13.16 -6.39 -1.13
N GLN A 93 -11.98 -6.78 -1.62
CA GLN A 93 -11.84 -8.08 -2.29
C GLN A 93 -11.58 -9.19 -1.29
N LYS A 94 -11.70 -8.86 0.00
CA LYS A 94 -11.54 -9.83 1.08
C LYS A 94 -10.12 -10.37 1.12
N MET A 95 -9.16 -9.51 0.81
CA MET A 95 -7.76 -9.90 0.76
C MET A 95 -7.11 -9.75 2.14
N ILE A 96 -7.16 -8.54 2.70
CA ILE A 96 -6.54 -8.27 3.98
C ILE A 96 -7.58 -8.06 5.07
N ARG A 97 -7.12 -7.94 6.29
CA ARG A 97 -8.00 -7.71 7.44
C ARG A 97 -8.48 -6.27 7.42
N PHE A 98 -7.55 -5.36 7.64
CA PHE A 98 -7.82 -3.93 7.65
C PHE A 98 -6.54 -3.20 7.34
N ASN A 99 -6.66 -1.96 6.86
CA ASN A 99 -5.50 -1.16 6.48
C ASN A 99 -4.56 -0.96 7.66
N PRO A 100 -3.37 -1.58 7.64
CA PRO A 100 -2.38 -1.45 8.72
C PRO A 100 -1.84 -0.03 8.81
N ALA A 101 -1.69 0.60 7.64
CA ALA A 101 -1.18 1.97 7.57
C ALA A 101 -2.21 2.96 8.08
N TYR A 102 -3.45 2.49 8.24
CA TYR A 102 -4.53 3.34 8.71
C TYR A 102 -4.50 3.41 10.23
N ASP A 103 -4.04 2.33 10.85
CA ASP A 103 -3.89 2.29 12.30
C ASP A 103 -2.62 3.01 12.72
N LEU A 104 -1.76 3.29 11.76
CA LEU A 104 -0.53 4.01 12.03
C LEU A 104 -0.85 5.41 12.54
N GLU A 105 -1.81 6.06 11.88
CA GLU A 105 -2.27 7.38 12.29
C GLU A 105 -3.31 7.26 13.41
N GLY A 106 -3.55 6.03 13.83
CA GLY A 106 -4.44 5.79 14.95
C GLY A 106 -3.71 6.03 16.26
N ALA A 107 -2.38 6.09 16.18
CA ALA A 107 -1.57 6.42 17.33
C ALA A 107 -1.37 7.92 17.39
N VAL A 108 -2.12 8.57 18.27
CA VAL A 108 -2.08 10.02 18.37
C VAL A 108 -0.88 10.47 19.21
N GLN A 109 0.12 10.99 18.53
CA GLN A 109 1.30 11.53 19.21
C GLN A 109 1.00 12.93 19.72
N LYS A 110 2.04 13.63 20.13
CA LYS A 110 1.91 15.03 20.49
C LYS A 110 2.14 15.89 19.27
N LEU A 111 3.08 15.43 18.43
CA LEU A 111 3.36 16.04 17.13
C LEU A 111 3.72 17.51 17.29
N GLU A 112 4.49 17.82 18.33
CA GLU A 112 4.92 19.18 18.57
C GLU A 112 5.80 19.68 17.43
N HIS A 113 5.36 20.74 16.79
CA HIS A 113 6.11 21.34 15.70
C HIS A 113 7.37 21.98 16.27
N HIS A 114 7.29 22.39 17.52
CA HIS A 114 8.47 22.84 18.25
C HIS A 114 9.17 21.61 18.82
N HIS A 115 10.06 21.04 18.04
CA HIS A 115 10.75 19.83 18.45
C HIS A 115 11.86 20.18 19.43
N HIS A 116 11.53 20.11 20.72
CA HIS A 116 12.47 20.44 21.77
C HIS A 116 12.93 19.17 22.48
N HIS A 117 14.12 18.71 22.15
CA HIS A 117 14.69 17.54 22.78
C HIS A 117 15.54 17.95 23.98
N HIS A 118 15.75 17.02 24.90
CA HIS A 118 16.54 17.30 26.08
C HIS A 118 17.86 16.53 26.03
N LYS A 1 -11.95 3.42 -20.98
CA LYS A 1 -13.00 2.42 -20.72
C LYS A 1 -12.43 1.29 -19.88
N SER A 2 -12.79 1.26 -18.61
CA SER A 2 -12.21 0.31 -17.67
C SER A 2 -12.91 -1.04 -17.71
N VAL A 3 -12.17 -2.06 -18.11
CA VAL A 3 -12.66 -3.43 -18.05
C VAL A 3 -12.58 -3.93 -16.60
N GLN A 4 -13.59 -4.67 -16.18
CA GLN A 4 -13.67 -5.10 -14.79
C GLN A 4 -13.58 -6.61 -14.65
N GLU A 5 -12.61 -7.06 -13.88
CA GLU A 5 -12.50 -8.47 -13.53
C GLU A 5 -13.30 -8.72 -12.27
N LYS A 6 -14.13 -9.76 -12.29
CA LYS A 6 -15.08 -10.01 -11.21
C LYS A 6 -14.37 -10.46 -9.93
N ARG A 7 -13.23 -11.12 -10.09
CA ARG A 7 -12.42 -11.54 -8.95
C ARG A 7 -10.95 -11.38 -9.29
N ASN A 8 -10.13 -11.22 -8.26
CA ASN A 8 -8.70 -11.05 -8.45
C ASN A 8 -8.03 -12.40 -8.69
N ASN A 9 -6.93 -12.38 -9.42
CA ASN A 9 -6.22 -13.60 -9.77
C ASN A 9 -5.17 -13.93 -8.72
N THR A 10 -4.35 -12.94 -8.41
CA THR A 10 -3.33 -13.08 -7.39
C THR A 10 -3.46 -11.95 -6.37
N ARG A 11 -3.34 -12.29 -5.09
CA ARG A 11 -3.49 -11.30 -4.03
C ARG A 11 -2.18 -10.55 -3.80
N ALA A 12 -1.26 -10.68 -4.74
CA ALA A 12 -0.02 -9.93 -4.71
C ALA A 12 -0.32 -8.46 -4.97
N PHE A 13 0.30 -7.59 -4.17
CA PHE A 13 0.02 -6.16 -4.22
C PHE A 13 0.09 -5.59 -5.64
N LYS A 14 1.04 -6.09 -6.44
CA LYS A 14 1.23 -5.58 -7.79
C LYS A 14 -0.02 -5.77 -8.64
N THR A 15 -0.67 -6.91 -8.47
CA THR A 15 -1.84 -7.25 -9.27
C THR A 15 -3.07 -6.50 -8.75
N VAL A 16 -3.10 -6.33 -7.44
CA VAL A 16 -4.20 -5.65 -6.78
C VAL A 16 -4.18 -4.16 -7.08
N ALA A 17 -3.03 -3.53 -6.83
CA ALA A 17 -2.84 -2.12 -7.14
C ALA A 17 -3.08 -1.86 -8.63
N LYS A 18 -2.71 -2.84 -9.45
CA LYS A 18 -2.91 -2.73 -10.89
C LYS A 18 -4.41 -2.75 -11.23
N SER A 19 -5.16 -3.59 -10.55
CA SER A 19 -6.60 -3.66 -10.75
C SER A 19 -7.27 -2.41 -10.19
N TRP A 20 -6.70 -1.88 -9.11
CA TRP A 20 -7.16 -0.62 -8.53
C TRP A 20 -6.91 0.53 -9.51
N PHE A 21 -5.71 0.55 -10.09
CA PHE A 21 -5.33 1.54 -11.08
C PHE A 21 -6.31 1.57 -12.26
N ALA A 22 -6.67 0.39 -12.73
CA ALA A 22 -7.57 0.26 -13.88
C ALA A 22 -9.00 0.65 -13.53
N THR A 23 -9.42 0.34 -12.31
CA THR A 23 -10.80 0.61 -11.89
C THR A 23 -10.99 2.05 -11.47
N LYS A 24 -9.90 2.73 -11.10
CA LYS A 24 -9.99 4.10 -10.62
C LYS A 24 -9.55 5.09 -11.69
N THR A 25 -10.49 5.94 -12.10
CA THR A 25 -10.21 6.94 -13.14
C THR A 25 -10.47 8.34 -12.59
N THR A 26 -10.41 8.46 -11.28
CA THR A 26 -10.73 9.71 -10.59
C THR A 26 -9.58 10.71 -10.63
N TRP A 27 -8.47 10.30 -11.24
CA TRP A 27 -7.32 11.17 -11.38
C TRP A 27 -7.01 11.39 -12.85
N SER A 28 -6.28 12.46 -13.13
CA SER A 28 -5.91 12.79 -14.51
C SER A 28 -5.03 11.70 -15.12
N GLU A 29 -4.97 11.67 -16.45
CA GLU A 29 -4.29 10.60 -17.19
C GLU A 29 -2.82 10.52 -16.80
N ASP A 30 -2.10 11.63 -16.95
CA ASP A 30 -0.67 11.67 -16.65
C ASP A 30 -0.42 11.46 -15.16
N TYR A 31 -1.26 12.05 -14.33
CA TYR A 31 -1.12 11.93 -12.89
C TYR A 31 -1.31 10.47 -12.46
N GLN A 32 -2.38 9.84 -12.93
CA GLN A 32 -2.66 8.45 -12.61
C GLN A 32 -1.50 7.55 -13.05
N ARG A 33 -1.00 7.80 -14.25
CA ARG A 33 0.17 7.08 -14.77
C ARG A 33 1.35 7.24 -13.82
N SER A 34 1.57 8.47 -13.36
CA SER A 34 2.69 8.79 -12.49
C SER A 34 2.53 8.11 -11.12
N VAL A 35 1.29 8.02 -10.64
CA VAL A 35 1.01 7.34 -9.38
C VAL A 35 1.45 5.88 -9.45
N TRP A 36 1.09 5.22 -10.56
CA TRP A 36 1.43 3.82 -10.77
C TRP A 36 2.94 3.61 -10.74
N THR A 37 3.65 4.41 -11.53
CA THR A 37 5.10 4.32 -11.59
C THR A 37 5.72 4.67 -10.22
N ARG A 38 5.14 5.66 -9.56
CA ARG A 38 5.63 6.10 -8.25
C ARG A 38 5.48 4.99 -7.22
N LEU A 39 4.43 4.19 -7.36
CA LEU A 39 4.23 3.03 -6.50
C LEU A 39 5.37 2.04 -6.72
N GLU A 40 5.70 1.78 -7.98
CA GLU A 40 6.77 0.86 -8.32
C GLU A 40 8.12 1.39 -7.82
N THR A 41 8.26 2.70 -7.79
CA THR A 41 9.49 3.33 -7.34
C THR A 41 9.70 3.17 -5.83
N TYR A 42 8.69 3.54 -5.04
CA TYR A 42 8.88 3.69 -3.60
C TYR A 42 8.27 2.54 -2.79
N LEU A 43 7.18 1.96 -3.27
CA LEU A 43 6.43 1.01 -2.44
C LEU A 43 6.64 -0.43 -2.90
N PHE A 44 6.63 -0.65 -4.20
CA PHE A 44 6.77 -1.99 -4.79
C PHE A 44 8.09 -2.71 -4.43
N PRO A 45 9.25 -2.01 -4.27
CA PRO A 45 10.52 -2.66 -3.92
C PRO A 45 10.40 -3.77 -2.88
N ASP A 46 9.58 -3.55 -1.85
CA ASP A 46 9.44 -4.52 -0.77
C ASP A 46 8.23 -5.44 -0.97
N ILE A 47 7.07 -4.86 -1.19
CA ILE A 47 5.82 -5.63 -1.27
C ILE A 47 5.60 -6.23 -2.65
N GLY A 48 6.50 -5.96 -3.58
CA GLY A 48 6.40 -6.50 -4.92
C GLY A 48 6.38 -8.01 -4.94
N ASN A 49 5.28 -8.57 -5.43
CA ASN A 49 5.10 -10.03 -5.49
C ASN A 49 5.06 -10.67 -4.11
N LYS A 50 4.92 -9.84 -3.08
CA LYS A 50 4.79 -10.36 -1.74
C LYS A 50 3.32 -10.42 -1.38
N ASP A 51 2.90 -11.56 -0.84
CA ASP A 51 1.50 -11.77 -0.50
C ASP A 51 1.07 -10.73 0.53
N ILE A 52 0.00 -10.02 0.21
CA ILE A 52 -0.46 -8.92 1.04
C ILE A 52 -1.01 -9.41 2.37
N ALA A 53 -1.40 -10.68 2.40
CA ALA A 53 -1.92 -11.28 3.63
C ALA A 53 -0.78 -11.67 4.56
N GLU A 54 0.45 -11.58 4.05
CA GLU A 54 1.63 -11.82 4.86
C GLU A 54 2.18 -10.51 5.40
N LEU A 55 1.62 -9.41 4.92
CA LEU A 55 2.13 -8.09 5.26
C LEU A 55 1.58 -7.62 6.60
N ASP A 56 2.49 -7.23 7.48
CA ASP A 56 2.13 -6.61 8.73
C ASP A 56 2.31 -5.09 8.61
N THR A 57 1.83 -4.35 9.60
CA THR A 57 2.03 -2.91 9.65
C THR A 57 3.53 -2.61 9.52
N GLY A 58 4.36 -3.44 10.14
CA GLY A 58 5.79 -3.28 10.06
C GLY A 58 6.32 -3.43 8.65
N ASP A 59 5.82 -4.45 7.93
CA ASP A 59 6.21 -4.68 6.54
C ASP A 59 6.06 -3.44 5.70
N LEU A 60 4.91 -2.79 5.86
CA LEU A 60 4.57 -1.62 5.06
C LEU A 60 5.26 -0.38 5.59
N LEU A 61 5.47 -0.32 6.90
CA LEU A 61 6.13 0.82 7.52
C LEU A 61 7.57 0.92 7.07
N VAL A 62 8.17 -0.19 6.65
CA VAL A 62 9.55 -0.16 6.18
C VAL A 62 9.71 0.78 4.97
N PRO A 63 9.02 0.52 3.83
CA PRO A 63 9.06 1.42 2.67
C PRO A 63 8.66 2.85 3.03
N ILE A 64 7.61 2.99 3.85
CA ILE A 64 7.15 4.31 4.27
C ILE A 64 8.25 5.06 5.03
N LYS A 65 8.81 4.38 6.04
CA LYS A 65 9.89 4.93 6.86
C LYS A 65 11.10 5.26 5.99
N LYS A 66 11.34 4.40 5.01
CA LYS A 66 12.42 4.60 4.05
C LYS A 66 12.29 5.94 3.33
N ILE A 67 11.07 6.27 2.91
CA ILE A 67 10.82 7.52 2.21
C ILE A 67 10.97 8.71 3.15
N GLU A 68 10.53 8.53 4.40
CA GLU A 68 10.69 9.57 5.41
C GLU A 68 12.16 9.95 5.55
N LYS A 69 12.99 8.95 5.77
CA LYS A 69 14.41 9.16 5.97
C LYS A 69 15.12 9.41 4.64
N LEU A 70 14.36 9.28 3.56
CA LEU A 70 14.86 9.60 2.23
C LEU A 70 14.81 11.11 2.02
N GLY A 71 14.06 11.78 2.88
CA GLY A 71 13.98 13.23 2.85
C GLY A 71 12.67 13.74 2.29
N TYR A 72 11.81 12.83 1.89
CA TYR A 72 10.56 13.20 1.24
C TYR A 72 9.36 12.83 2.10
N LEU A 73 8.95 13.75 2.97
CA LEU A 73 7.83 13.51 3.87
C LEU A 73 6.51 13.58 3.14
N GLU A 74 6.38 14.55 2.22
CA GLU A 74 5.17 14.68 1.43
C GLU A 74 4.98 13.45 0.55
N ILE A 75 6.08 12.98 -0.04
CA ILE A 75 6.04 11.78 -0.85
C ILE A 75 5.62 10.58 0.00
N ALA A 76 6.23 10.45 1.17
CA ALA A 76 5.92 9.35 2.09
C ALA A 76 4.45 9.34 2.47
N MET A 77 3.91 10.49 2.84
CA MET A 77 2.51 10.61 3.25
C MET A 77 1.58 10.30 2.08
N ARG A 78 1.89 10.86 0.92
CA ARG A 78 1.03 10.68 -0.25
C ARG A 78 1.09 9.26 -0.78
N VAL A 79 2.28 8.65 -0.79
CA VAL A 79 2.42 7.26 -1.23
C VAL A 79 1.71 6.34 -0.25
N LYS A 80 1.80 6.65 1.03
CA LYS A 80 1.08 5.91 2.05
C LYS A 80 -0.41 6.03 1.82
N GLN A 81 -0.85 7.23 1.46
CA GLN A 81 -2.25 7.48 1.15
C GLN A 81 -2.69 6.70 -0.08
N TYR A 82 -1.89 6.72 -1.15
CA TYR A 82 -2.15 5.88 -2.33
C TYR A 82 -2.35 4.44 -1.89
N ALA A 83 -1.37 3.93 -1.13
CA ALA A 83 -1.39 2.57 -0.65
C ALA A 83 -2.62 2.27 0.18
N THR A 84 -2.97 3.21 1.06
CA THR A 84 -4.13 3.05 1.93
C THR A 84 -5.40 2.87 1.11
N ALA A 85 -5.51 3.60 0.01
CA ALA A 85 -6.66 3.49 -0.89
C ALA A 85 -6.68 2.12 -1.55
N ILE A 86 -5.49 1.65 -1.94
CA ILE A 86 -5.35 0.33 -2.56
C ILE A 86 -5.69 -0.76 -1.55
N MET A 87 -5.25 -0.57 -0.31
CA MET A 87 -5.51 -1.53 0.75
C MET A 87 -6.99 -1.56 1.10
N ARG A 88 -7.66 -0.43 0.95
CA ARG A 88 -9.11 -0.36 1.16
C ARG A 88 -9.81 -1.24 0.12
N TYR A 89 -9.31 -1.20 -1.11
CA TYR A 89 -9.80 -2.05 -2.18
C TYR A 89 -9.48 -3.51 -1.86
N ALA A 90 -8.34 -3.73 -1.22
CA ALA A 90 -7.92 -5.05 -0.77
C ALA A 90 -8.86 -5.59 0.30
N VAL A 91 -9.37 -4.70 1.15
CA VAL A 91 -10.35 -5.09 2.15
C VAL A 91 -11.64 -5.55 1.49
N GLN A 92 -12.01 -4.87 0.41
CA GLN A 92 -13.21 -5.21 -0.34
C GLN A 92 -13.09 -6.59 -0.98
N GLN A 93 -11.87 -6.95 -1.38
CA GLN A 93 -11.62 -8.27 -1.97
C GLN A 93 -11.34 -9.30 -0.88
N LYS A 94 -11.53 -8.89 0.38
CA LYS A 94 -11.37 -9.78 1.53
C LYS A 94 -9.95 -10.31 1.63
N MET A 95 -9.01 -9.53 1.14
CA MET A 95 -7.62 -9.93 1.11
C MET A 95 -6.97 -9.76 2.48
N ILE A 96 -7.07 -8.55 3.03
CA ILE A 96 -6.40 -8.23 4.29
C ILE A 96 -7.39 -8.06 5.44
N ARG A 97 -8.67 -7.84 5.09
CA ARG A 97 -9.74 -7.61 6.08
C ARG A 97 -9.62 -6.24 6.75
N PHE A 98 -8.42 -5.88 7.18
CA PHE A 98 -8.18 -4.60 7.83
C PHE A 98 -6.99 -3.90 7.20
N ASN A 99 -6.96 -2.58 7.29
CA ASN A 99 -5.89 -1.78 6.71
C ASN A 99 -4.69 -1.72 7.66
N PRO A 100 -3.54 -2.25 7.23
CA PRO A 100 -2.30 -2.20 8.00
C PRO A 100 -1.51 -0.92 7.75
N ALA A 101 -2.13 0.04 7.06
CA ALA A 101 -1.49 1.32 6.80
C ALA A 101 -1.97 2.37 7.77
N TYR A 102 -2.68 1.91 8.79
CA TYR A 102 -2.95 2.75 9.91
C TYR A 102 -1.71 2.78 10.78
N ASP A 103 -1.20 3.98 10.98
CA ASP A 103 -0.03 4.22 11.81
C ASP A 103 -0.32 3.88 13.26
N LEU A 104 -0.61 2.61 13.51
CA LEU A 104 -0.86 2.11 14.86
C LEU A 104 0.33 2.40 15.78
N GLU A 105 1.50 1.85 15.41
CA GLU A 105 2.74 2.01 16.19
C GLU A 105 2.63 1.26 17.52
N GLY A 106 1.76 1.75 18.38
CA GLY A 106 1.56 1.17 19.70
C GLY A 106 0.29 1.70 20.33
N ALA A 107 -0.75 1.80 19.52
CA ALA A 107 -2.02 2.36 19.96
C ALA A 107 -2.93 1.29 20.54
N VAL A 108 -4.15 1.69 20.88
CA VAL A 108 -5.14 0.76 21.43
C VAL A 108 -5.48 -0.33 20.42
N GLN A 109 -5.57 0.07 19.15
CA GLN A 109 -5.85 -0.88 18.08
C GLN A 109 -4.61 -1.70 17.78
N LYS A 110 -4.52 -2.85 18.41
CA LYS A 110 -3.41 -3.77 18.19
C LYS A 110 -3.84 -4.90 17.29
N LEU A 111 -3.23 -4.98 16.12
CA LEU A 111 -3.56 -6.01 15.14
C LEU A 111 -3.04 -7.35 15.59
N GLU A 112 -3.96 -8.29 15.80
CA GLU A 112 -3.60 -9.64 16.21
C GLU A 112 -2.88 -10.35 15.07
N HIS A 113 -1.64 -10.76 15.34
CA HIS A 113 -0.81 -11.37 14.32
C HIS A 113 -1.20 -12.82 14.07
N HIS A 114 -1.43 -13.14 12.81
CA HIS A 114 -1.79 -14.49 12.41
C HIS A 114 -0.78 -15.02 11.41
N HIS A 115 -0.43 -16.29 11.55
CA HIS A 115 0.42 -16.94 10.56
C HIS A 115 -0.42 -17.90 9.74
N HIS A 116 -1.63 -18.13 10.24
CA HIS A 116 -2.66 -18.86 9.50
C HIS A 116 -3.95 -18.07 9.57
N HIS A 117 -4.52 -17.77 8.42
CA HIS A 117 -5.77 -16.99 8.32
C HIS A 117 -5.54 -15.57 8.82
N HIS A 118 -5.15 -14.67 7.91
CA HIS A 118 -4.79 -13.30 8.29
C HIS A 118 -6.01 -12.53 8.79
N LYS A 1 2.33 -16.93 -2.32
CA LYS A 1 2.57 -16.92 -3.77
C LYS A 1 1.61 -17.90 -4.44
N SER A 2 0.66 -17.36 -5.18
CA SER A 2 -0.44 -18.17 -5.69
C SER A 2 -0.06 -18.93 -6.95
N VAL A 3 0.32 -20.17 -6.76
CA VAL A 3 0.53 -21.09 -7.87
C VAL A 3 -0.62 -22.09 -7.93
N GLN A 4 -1.19 -22.25 -9.11
CA GLN A 4 -2.40 -23.05 -9.29
C GLN A 4 -3.51 -22.51 -8.40
N GLU A 5 -4.11 -21.42 -8.83
CA GLU A 5 -5.02 -20.63 -8.00
C GLU A 5 -6.42 -21.21 -8.03
N LYS A 6 -7.16 -21.00 -6.94
CA LYS A 6 -8.57 -21.36 -6.89
C LYS A 6 -9.35 -20.44 -7.83
N ARG A 7 -9.18 -19.16 -7.64
CA ARG A 7 -9.60 -18.16 -8.60
C ARG A 7 -8.36 -17.48 -9.13
N ASN A 8 -8.33 -17.16 -10.42
CA ASN A 8 -7.20 -16.43 -10.98
C ASN A 8 -7.22 -15.01 -10.49
N ASN A 9 -6.72 -14.84 -9.28
CA ASN A 9 -6.74 -13.57 -8.59
C ASN A 9 -5.53 -13.50 -7.66
N THR A 10 -4.41 -13.11 -8.24
CA THR A 10 -3.17 -13.01 -7.49
C THR A 10 -3.25 -11.85 -6.51
N ARG A 11 -3.18 -12.15 -5.23
CA ARG A 11 -3.35 -11.14 -4.19
C ARG A 11 -2.03 -10.43 -3.89
N ALA A 12 -1.06 -10.61 -4.78
CA ALA A 12 0.21 -9.93 -4.68
C ALA A 12 0.02 -8.44 -4.89
N PHE A 13 0.69 -7.63 -4.08
CA PHE A 13 0.51 -6.18 -4.07
C PHE A 13 0.65 -5.59 -5.47
N LYS A 14 1.65 -6.05 -6.22
CA LYS A 14 1.95 -5.51 -7.54
C LYS A 14 0.76 -5.68 -8.48
N THR A 15 0.12 -6.84 -8.42
CA THR A 15 -0.99 -7.15 -9.32
C THR A 15 -2.26 -6.45 -8.86
N VAL A 16 -2.45 -6.39 -7.55
CA VAL A 16 -3.63 -5.76 -6.97
C VAL A 16 -3.58 -4.25 -7.18
N ALA A 17 -2.39 -3.66 -7.01
CA ALA A 17 -2.22 -2.23 -7.24
C ALA A 17 -2.48 -1.89 -8.70
N LYS A 18 -2.07 -2.78 -9.59
CA LYS A 18 -2.32 -2.59 -11.02
C LYS A 18 -3.81 -2.69 -11.31
N SER A 19 -4.46 -3.67 -10.70
CA SER A 19 -5.90 -3.84 -10.85
C SER A 19 -6.64 -2.64 -10.29
N TRP A 20 -6.17 -2.15 -9.15
CA TRP A 20 -6.71 -0.96 -8.52
C TRP A 20 -6.56 0.26 -9.42
N PHE A 21 -5.37 0.43 -9.97
CA PHE A 21 -5.07 1.55 -10.87
C PHE A 21 -5.96 1.52 -12.12
N ALA A 22 -6.29 0.33 -12.58
CA ALA A 22 -7.15 0.16 -13.75
C ALA A 22 -8.63 0.36 -13.39
N THR A 23 -8.95 0.21 -12.12
CA THR A 23 -10.32 0.29 -11.66
C THR A 23 -10.66 1.70 -11.16
N LYS A 24 -9.70 2.34 -10.52
CA LYS A 24 -9.92 3.66 -9.93
C LYS A 24 -9.37 4.76 -10.84
N THR A 25 -10.26 5.61 -11.31
CA THR A 25 -9.90 6.70 -12.21
C THR A 25 -10.32 8.05 -11.64
N THR A 26 -9.91 8.31 -10.41
CA THR A 26 -10.32 9.52 -9.70
C THR A 26 -9.41 10.70 -10.06
N TRP A 27 -8.19 10.42 -10.47
CA TRP A 27 -7.22 11.46 -10.74
C TRP A 27 -7.07 11.68 -12.24
N SER A 28 -6.27 12.67 -12.60
CA SER A 28 -6.02 13.00 -13.99
C SER A 28 -5.06 12.00 -14.62
N GLU A 29 -5.01 11.99 -15.95
CA GLU A 29 -4.16 11.07 -16.71
C GLU A 29 -2.70 11.22 -16.28
N ASP A 30 -2.21 12.46 -16.32
CA ASP A 30 -0.83 12.76 -15.95
C ASP A 30 -0.56 12.38 -14.51
N TYR A 31 -1.53 12.66 -13.65
CA TYR A 31 -1.37 12.41 -12.22
C TYR A 31 -1.26 10.91 -11.94
N GLN A 32 -2.16 10.13 -12.52
CA GLN A 32 -2.16 8.69 -12.31
C GLN A 32 -0.90 8.06 -12.90
N ARG A 33 -0.41 8.63 -14.00
CA ARG A 33 0.82 8.17 -14.62
C ARG A 33 1.99 8.34 -13.64
N SER A 34 1.99 9.45 -12.91
CA SER A 34 2.99 9.68 -11.90
C SER A 34 2.79 8.72 -10.72
N VAL A 35 1.55 8.61 -10.27
CA VAL A 35 1.20 7.73 -9.15
C VAL A 35 1.69 6.30 -9.40
N TRP A 36 1.36 5.76 -10.57
CA TRP A 36 1.74 4.42 -10.93
C TRP A 36 3.27 4.26 -10.91
N THR A 37 3.96 5.24 -11.48
CA THR A 37 5.41 5.24 -11.50
C THR A 37 5.98 5.29 -10.09
N ARG A 38 5.40 6.14 -9.24
CA ARG A 38 5.81 6.26 -7.85
C ARG A 38 5.66 4.92 -7.14
N LEU A 39 4.53 4.27 -7.38
CA LEU A 39 4.23 2.98 -6.76
C LEU A 39 5.30 1.95 -7.12
N GLU A 40 5.52 1.74 -8.42
CA GLU A 40 6.48 0.73 -8.88
C GLU A 40 7.89 1.00 -8.34
N THR A 41 8.20 2.25 -8.10
CA THR A 41 9.55 2.62 -7.67
C THR A 41 9.74 2.43 -6.16
N TYR A 42 8.76 2.87 -5.37
CA TYR A 42 8.93 2.90 -3.92
C TYR A 42 8.12 1.82 -3.20
N LEU A 43 6.90 1.59 -3.65
CA LEU A 43 5.96 0.76 -2.90
C LEU A 43 5.77 -0.60 -3.56
N PHE A 44 6.67 -0.97 -4.44
CA PHE A 44 6.61 -2.25 -5.13
C PHE A 44 7.80 -3.19 -4.82
N PRO A 45 9.05 -2.68 -4.70
CA PRO A 45 10.23 -3.57 -4.60
C PRO A 45 10.25 -4.42 -3.33
N ASP A 46 9.47 -4.04 -2.33
CA ASP A 46 9.47 -4.75 -1.06
C ASP A 46 8.21 -5.60 -0.88
N ILE A 47 7.05 -5.02 -1.16
CA ILE A 47 5.78 -5.67 -0.88
C ILE A 47 5.12 -6.20 -2.16
N GLY A 48 5.65 -5.82 -3.31
CA GLY A 48 5.00 -6.12 -4.58
C GLY A 48 4.78 -7.60 -4.81
N ASN A 49 5.78 -8.42 -4.47
CA ASN A 49 5.71 -9.85 -4.73
C ASN A 49 5.13 -10.61 -3.53
N LYS A 50 4.75 -9.88 -2.49
CA LYS A 50 4.25 -10.50 -1.28
C LYS A 50 2.76 -10.81 -1.42
N ASP A 51 2.29 -11.75 -0.61
CA ASP A 51 0.89 -12.20 -0.66
C ASP A 51 -0.03 -11.15 -0.05
N ILE A 52 0.55 -10.09 0.49
CA ILE A 52 -0.20 -9.01 1.14
C ILE A 52 -0.74 -9.45 2.52
N ALA A 53 -1.19 -10.69 2.61
CA ALA A 53 -1.66 -11.26 3.87
C ALA A 53 -0.48 -11.43 4.82
N GLU A 54 0.72 -11.39 4.27
CA GLU A 54 1.94 -11.48 5.04
C GLU A 54 2.28 -10.11 5.62
N LEU A 55 1.74 -9.08 4.99
CA LEU A 55 2.12 -7.71 5.28
C LEU A 55 1.20 -7.09 6.32
N ASP A 56 1.67 -7.02 7.55
CA ASP A 56 0.94 -6.30 8.57
C ASP A 56 1.41 -4.84 8.56
N THR A 57 1.02 -4.06 9.56
CA THR A 57 1.38 -2.67 9.62
C THR A 57 2.90 -2.50 9.52
N GLY A 58 3.65 -3.37 10.17
CA GLY A 58 5.09 -3.28 10.16
C GLY A 58 5.68 -3.42 8.76
N ASP A 59 5.26 -4.46 8.05
CA ASP A 59 5.80 -4.74 6.71
C ASP A 59 5.42 -3.66 5.70
N LEU A 60 4.37 -2.92 6.00
CA LEU A 60 3.95 -1.81 5.16
C LEU A 60 4.65 -0.51 5.56
N LEU A 61 4.82 -0.33 6.87
CA LEU A 61 5.45 0.87 7.39
C LEU A 61 6.90 0.98 6.97
N VAL A 62 7.57 -0.15 6.77
CA VAL A 62 8.98 -0.12 6.41
C VAL A 62 9.22 0.55 5.04
N PRO A 63 8.56 0.08 3.95
CA PRO A 63 8.68 0.76 2.66
C PRO A 63 8.28 2.23 2.73
N ILE A 64 7.22 2.54 3.48
CA ILE A 64 6.82 3.92 3.69
C ILE A 64 7.90 4.69 4.45
N LYS A 65 8.43 4.04 5.49
CA LYS A 65 9.51 4.60 6.32
C LYS A 65 10.76 4.82 5.48
N LYS A 66 10.96 3.94 4.50
CA LYS A 66 12.04 4.08 3.55
C LYS A 66 11.91 5.37 2.76
N ILE A 67 10.68 5.74 2.44
CA ILE A 67 10.41 6.99 1.74
C ILE A 67 10.59 8.18 2.70
N GLU A 68 10.17 8.00 3.96
CA GLU A 68 10.39 9.01 4.99
C GLU A 68 11.89 9.25 5.18
N LYS A 69 12.63 8.14 5.19
CA LYS A 69 14.08 8.18 5.31
C LYS A 69 14.70 8.80 4.07
N LEU A 70 13.98 8.72 2.95
CA LEU A 70 14.47 9.24 1.68
C LEU A 70 14.53 10.77 1.72
N GLY A 71 13.64 11.36 2.52
CA GLY A 71 13.64 12.80 2.67
C GLY A 71 12.37 13.42 2.14
N TYR A 72 11.75 12.76 1.18
CA TYR A 72 10.53 13.27 0.56
C TYR A 72 9.31 12.95 1.42
N LEU A 73 9.00 13.83 2.35
CA LEU A 73 7.88 13.63 3.25
C LEU A 73 6.56 13.76 2.50
N GLU A 74 6.51 14.63 1.50
CA GLU A 74 5.32 14.78 0.69
C GLU A 74 5.02 13.50 -0.08
N ILE A 75 6.07 12.88 -0.60
CA ILE A 75 5.92 11.64 -1.34
C ILE A 75 5.53 10.50 -0.39
N ALA A 76 6.12 10.50 0.80
CA ALA A 76 5.78 9.52 1.83
C ALA A 76 4.30 9.59 2.17
N MET A 77 3.80 10.81 2.37
CA MET A 77 2.39 11.03 2.65
C MET A 77 1.54 10.62 1.45
N ARG A 78 1.98 11.02 0.26
CA ARG A 78 1.29 10.67 -0.98
C ARG A 78 1.14 9.16 -1.13
N VAL A 79 2.28 8.46 -1.05
CA VAL A 79 2.30 7.02 -1.23
C VAL A 79 1.44 6.31 -0.18
N LYS A 80 1.47 6.82 1.05
CA LYS A 80 0.67 6.24 2.12
C LYS A 80 -0.82 6.34 1.79
N GLN A 81 -1.22 7.46 1.20
CA GLN A 81 -2.62 7.67 0.82
C GLN A 81 -2.99 6.77 -0.35
N TYR A 82 -2.09 6.68 -1.35
CA TYR A 82 -2.28 5.76 -2.45
C TYR A 82 -2.44 4.34 -1.93
N ALA A 83 -1.54 3.96 -1.02
CA ALA A 83 -1.56 2.63 -0.42
C ALA A 83 -2.85 2.39 0.35
N THR A 84 -3.29 3.39 1.11
CA THR A 84 -4.52 3.28 1.88
C THR A 84 -5.71 2.97 0.98
N ALA A 85 -5.77 3.61 -0.18
CA ALA A 85 -6.81 3.36 -1.14
C ALA A 85 -6.72 1.92 -1.66
N ILE A 86 -5.50 1.47 -1.93
CA ILE A 86 -5.27 0.11 -2.37
C ILE A 86 -5.64 -0.89 -1.26
N MET A 87 -5.31 -0.53 -0.03
CA MET A 87 -5.61 -1.37 1.12
C MET A 87 -7.12 -1.52 1.30
N ARG A 88 -7.86 -0.45 1.03
CA ARG A 88 -9.31 -0.51 1.10
C ARG A 88 -9.84 -1.48 0.06
N TYR A 89 -9.23 -1.44 -1.12
CA TYR A 89 -9.56 -2.37 -2.19
C TYR A 89 -9.19 -3.79 -1.77
N ALA A 90 -8.05 -3.92 -1.09
CA ALA A 90 -7.59 -5.19 -0.57
C ALA A 90 -8.57 -5.76 0.46
N VAL A 91 -9.19 -4.87 1.24
CA VAL A 91 -10.19 -5.30 2.22
C VAL A 91 -11.43 -5.85 1.51
N GLN A 92 -11.84 -5.17 0.43
CA GLN A 92 -13.00 -5.61 -0.34
C GLN A 92 -12.67 -6.90 -1.10
N GLN A 93 -11.41 -7.06 -1.44
CA GLN A 93 -10.95 -8.26 -2.14
C GLN A 93 -10.63 -9.36 -1.11
N LYS A 94 -10.81 -9.03 0.17
CA LYS A 94 -10.65 -9.97 1.26
C LYS A 94 -9.21 -10.50 1.34
N MET A 95 -8.28 -9.64 0.95
CA MET A 95 -6.86 -9.94 1.00
C MET A 95 -6.34 -9.77 2.42
N ILE A 96 -6.79 -8.70 3.06
CA ILE A 96 -6.37 -8.39 4.42
C ILE A 96 -7.58 -8.22 5.34
N ARG A 97 -7.33 -8.05 6.62
CA ARG A 97 -8.40 -7.84 7.59
C ARG A 97 -8.98 -6.44 7.44
N PHE A 98 -8.10 -5.45 7.53
CA PHE A 98 -8.49 -4.05 7.42
C PHE A 98 -7.23 -3.23 7.12
N ASN A 99 -7.41 -1.94 6.87
CA ASN A 99 -6.28 -1.04 6.59
C ASN A 99 -5.32 -1.01 7.78
N PRO A 100 -4.14 -1.64 7.66
CA PRO A 100 -3.17 -1.73 8.76
C PRO A 100 -2.64 -0.36 9.16
N ALA A 101 -2.65 0.57 8.22
CA ALA A 101 -2.22 1.93 8.47
C ALA A 101 -3.15 2.63 9.45
N TYR A 102 -4.41 2.21 9.47
CA TYR A 102 -5.39 2.77 10.40
C TYR A 102 -5.57 1.87 11.62
N ASP A 103 -5.38 0.56 11.43
CA ASP A 103 -5.41 -0.37 12.55
C ASP A 103 -4.23 -0.14 13.48
N LEU A 104 -3.20 0.51 12.95
CA LEU A 104 -2.05 0.91 13.75
C LEU A 104 -2.51 1.85 14.84
N GLU A 105 -3.37 2.79 14.49
CA GLU A 105 -3.91 3.76 15.44
C GLU A 105 -4.91 3.09 16.36
N GLY A 106 -5.37 1.91 15.96
CA GLY A 106 -6.25 1.14 16.80
C GLY A 106 -5.49 0.45 17.91
N ALA A 107 -4.17 0.43 17.79
CA ALA A 107 -3.31 -0.12 18.82
C ALA A 107 -2.82 1.01 19.73
N VAL A 108 -3.47 1.15 20.87
CA VAL A 108 -3.18 2.22 21.81
C VAL A 108 -1.82 2.02 22.46
N GLN A 109 -1.04 3.10 22.57
CA GLN A 109 0.29 3.03 23.19
C GLN A 109 0.17 2.68 24.66
N LYS A 110 -0.87 3.22 25.29
CA LYS A 110 -1.21 2.88 26.65
C LYS A 110 -2.32 1.85 26.64
N LEU A 111 -1.94 0.58 26.77
CA LEU A 111 -2.85 -0.54 26.50
C LEU A 111 -3.86 -0.78 27.62
N GLU A 112 -4.55 0.28 28.03
CA GLU A 112 -5.69 0.21 28.95
C GLU A 112 -5.32 -0.26 30.35
N HIS A 113 -5.13 -1.56 30.51
CA HIS A 113 -5.02 -2.18 31.83
C HIS A 113 -3.60 -2.09 32.38
N HIS A 114 -3.51 -2.14 33.69
CA HIS A 114 -2.23 -2.09 34.38
C HIS A 114 -1.89 -3.47 34.92
N HIS A 115 -1.09 -4.21 34.16
CA HIS A 115 -0.66 -5.54 34.57
C HIS A 115 0.35 -5.42 35.70
N HIS A 116 1.19 -4.41 35.61
CA HIS A 116 2.10 -4.08 36.70
C HIS A 116 1.44 -3.04 37.59
N HIS A 117 1.09 -3.45 38.79
CA HIS A 117 0.37 -2.58 39.72
C HIS A 117 1.35 -1.77 40.55
N HIS A 118 0.79 -0.93 41.43
CA HIS A 118 1.56 -0.10 42.35
C HIS A 118 2.36 0.96 41.58
N LYS A 1 3.69 -22.45 1.46
CA LYS A 1 3.61 -23.15 0.16
C LYS A 1 2.17 -23.50 -0.22
N SER A 2 1.65 -24.58 0.37
CA SER A 2 0.36 -25.13 -0.03
C SER A 2 -0.81 -24.33 0.54
N VAL A 3 -0.69 -23.89 1.79
CA VAL A 3 -1.76 -23.15 2.45
C VAL A 3 -1.97 -21.79 1.79
N GLN A 4 -0.88 -21.20 1.32
CA GLN A 4 -0.92 -19.92 0.65
C GLN A 4 -0.93 -20.11 -0.87
N GLU A 5 -0.67 -19.03 -1.59
CA GLU A 5 -0.61 -19.10 -3.03
C GLU A 5 0.82 -19.35 -3.47
N LYS A 6 1.04 -20.52 -4.06
CA LYS A 6 2.38 -21.01 -4.41
C LYS A 6 3.09 -20.06 -5.36
N ARG A 7 2.33 -19.39 -6.22
CA ARG A 7 2.89 -18.39 -7.09
C ARG A 7 2.40 -17.01 -6.69
N ASN A 8 3.34 -16.14 -6.33
CA ASN A 8 3.02 -14.81 -5.84
C ASN A 8 2.68 -13.85 -7.00
N ASN A 9 1.78 -14.32 -7.86
CA ASN A 9 1.32 -13.52 -8.98
C ASN A 9 -0.06 -12.96 -8.68
N THR A 10 -0.86 -13.77 -8.00
CA THR A 10 -2.22 -13.39 -7.64
C THR A 10 -2.26 -12.72 -6.27
N ARG A 11 -3.03 -11.64 -6.18
CA ARG A 11 -3.17 -10.85 -4.95
C ARG A 11 -1.87 -10.16 -4.55
N ALA A 12 -0.83 -10.32 -5.37
CA ALA A 12 0.41 -9.58 -5.19
C ALA A 12 0.13 -8.09 -5.30
N PHE A 13 0.72 -7.31 -4.41
CA PHE A 13 0.49 -5.87 -4.36
C PHE A 13 0.71 -5.25 -5.74
N LYS A 14 1.69 -5.77 -6.47
CA LYS A 14 2.00 -5.29 -7.80
C LYS A 14 0.81 -5.50 -8.74
N THR A 15 0.27 -6.71 -8.71
CA THR A 15 -0.82 -7.09 -9.58
C THR A 15 -2.13 -6.42 -9.18
N VAL A 16 -2.38 -6.34 -7.88
CA VAL A 16 -3.61 -5.75 -7.38
C VAL A 16 -3.64 -4.26 -7.64
N ALA A 17 -2.49 -3.61 -7.52
CA ALA A 17 -2.40 -2.19 -7.84
C ALA A 17 -2.65 -1.97 -9.33
N LYS A 18 -2.24 -2.94 -10.15
CA LYS A 18 -2.54 -2.89 -11.58
C LYS A 18 -4.06 -2.85 -11.80
N SER A 19 -4.78 -3.75 -11.14
CA SER A 19 -6.23 -3.77 -11.27
C SER A 19 -6.85 -2.53 -10.62
N TRP A 20 -6.25 -2.06 -9.53
CA TRP A 20 -6.69 -0.85 -8.86
C TRP A 20 -6.57 0.35 -9.80
N PHE A 21 -5.45 0.39 -10.54
CA PHE A 21 -5.20 1.44 -11.52
C PHE A 21 -6.26 1.42 -12.62
N ALA A 22 -6.69 0.22 -13.00
CA ALA A 22 -7.71 0.07 -14.03
C ALA A 22 -9.11 0.34 -13.49
N THR A 23 -9.30 0.07 -12.20
CA THR A 23 -10.58 0.31 -11.54
C THR A 23 -10.80 1.81 -11.32
N LYS A 24 -9.77 2.47 -10.80
CA LYS A 24 -9.90 3.86 -10.43
C LYS A 24 -9.68 4.79 -11.61
N THR A 25 -10.73 5.50 -11.97
CA THR A 25 -10.66 6.52 -12.99
C THR A 25 -11.18 7.83 -12.44
N THR A 26 -10.32 8.53 -11.72
CA THR A 26 -10.70 9.75 -11.02
C THR A 26 -9.76 10.89 -11.35
N TRP A 27 -8.48 10.68 -11.08
CA TRP A 27 -7.46 11.67 -11.35
C TRP A 27 -7.14 11.69 -12.84
N SER A 28 -6.45 12.74 -13.28
CA SER A 28 -5.99 12.83 -14.65
C SER A 28 -5.04 11.68 -14.97
N GLU A 29 -4.99 11.29 -16.24
CA GLU A 29 -4.23 10.12 -16.66
C GLU A 29 -2.75 10.23 -16.29
N ASP A 30 -2.18 11.41 -16.44
CA ASP A 30 -0.77 11.61 -16.14
C ASP A 30 -0.51 11.73 -14.64
N TYR A 31 -1.52 12.13 -13.90
CA TYR A 31 -1.40 12.14 -12.44
C TYR A 31 -1.49 10.71 -11.94
N GLN A 32 -2.27 9.89 -12.63
CA GLN A 32 -2.29 8.46 -12.38
C GLN A 32 -0.97 7.83 -12.81
N ARG A 33 -0.42 8.33 -13.91
CA ARG A 33 0.87 7.86 -14.42
C ARG A 33 1.96 8.07 -13.37
N SER A 34 2.01 9.27 -12.82
CA SER A 34 3.02 9.62 -11.83
C SER A 34 2.82 8.83 -10.54
N VAL A 35 1.56 8.70 -10.10
CA VAL A 35 1.24 7.89 -8.93
C VAL A 35 1.66 6.43 -9.15
N TRP A 36 1.28 5.88 -10.30
CA TRP A 36 1.59 4.51 -10.66
C TRP A 36 3.10 4.26 -10.63
N THR A 37 3.84 5.11 -11.32
CA THR A 37 5.30 4.99 -11.39
C THR A 37 5.93 5.17 -10.00
N ARG A 38 5.36 6.09 -9.23
CA ARG A 38 5.83 6.37 -7.89
C ARG A 38 5.70 5.13 -7.01
N LEU A 39 4.55 4.49 -7.09
CA LEU A 39 4.28 3.30 -6.32
C LEU A 39 5.25 2.17 -6.66
N GLU A 40 5.43 1.91 -7.96
CA GLU A 40 6.31 0.82 -8.41
C GLU A 40 7.73 0.99 -7.90
N THR A 41 8.19 2.25 -7.84
CA THR A 41 9.57 2.53 -7.51
C THR A 41 9.87 2.37 -6.02
N TYR A 42 9.00 2.88 -5.16
CA TYR A 42 9.31 2.96 -3.74
C TYR A 42 8.53 1.95 -2.91
N LEU A 43 7.25 1.78 -3.21
CA LEU A 43 6.36 1.00 -2.36
C LEU A 43 6.35 -0.48 -2.76
N PHE A 44 6.20 -0.73 -4.05
CA PHE A 44 6.06 -2.09 -4.59
C PHE A 44 7.21 -3.04 -4.22
N PRO A 45 8.49 -2.65 -4.38
CA PRO A 45 9.63 -3.58 -4.27
C PRO A 45 9.71 -4.34 -2.95
N ASP A 46 9.13 -3.80 -1.90
CA ASP A 46 9.26 -4.38 -0.57
C ASP A 46 8.03 -5.19 -0.16
N ILE A 47 6.90 -4.97 -0.83
CA ILE A 47 5.66 -5.66 -0.45
C ILE A 47 5.06 -6.46 -1.60
N GLY A 48 5.37 -6.05 -2.83
CA GLY A 48 4.69 -6.62 -3.99
C GLY A 48 5.05 -8.07 -4.26
N ASN A 49 6.07 -8.56 -3.56
CA ASN A 49 6.52 -9.94 -3.77
C ASN A 49 5.96 -10.86 -2.69
N LYS A 50 5.13 -10.30 -1.80
CA LYS A 50 4.54 -11.10 -0.73
C LYS A 50 3.05 -11.33 -1.00
N ASP A 51 2.46 -12.24 -0.22
CA ASP A 51 1.06 -12.63 -0.37
C ASP A 51 0.11 -11.51 0.04
N ILE A 52 0.67 -10.38 0.50
CA ILE A 52 -0.11 -9.23 0.96
C ILE A 52 -0.77 -9.52 2.33
N ALA A 53 -1.19 -10.76 2.55
CA ALA A 53 -1.87 -11.14 3.79
C ALA A 53 -0.90 -11.19 4.96
N GLU A 54 0.39 -11.40 4.66
CA GLU A 54 1.41 -11.45 5.70
C GLU A 54 2.11 -10.11 5.82
N LEU A 55 1.49 -9.07 5.31
CA LEU A 55 2.02 -7.74 5.45
C LEU A 55 1.47 -7.10 6.71
N ASP A 56 2.28 -7.12 7.75
CA ASP A 56 1.89 -6.59 9.05
C ASP A 56 1.95 -5.06 9.00
N THR A 57 1.58 -4.42 10.10
CA THR A 57 1.65 -2.98 10.18
C THR A 57 3.07 -2.51 9.92
N GLY A 58 4.02 -3.20 10.54
CA GLY A 58 5.42 -2.88 10.37
C GLY A 58 5.90 -3.13 8.95
N ASP A 59 5.44 -4.22 8.34
CA ASP A 59 5.88 -4.59 7.00
C ASP A 59 5.54 -3.50 5.98
N LEU A 60 4.42 -2.82 6.21
CA LEU A 60 4.00 -1.75 5.33
C LEU A 60 4.63 -0.42 5.75
N LEU A 61 4.93 -0.31 7.04
CA LEU A 61 5.62 0.86 7.55
C LEU A 61 7.03 0.92 7.01
N VAL A 62 7.62 -0.23 6.69
CA VAL A 62 8.98 -0.28 6.16
C VAL A 62 9.11 0.55 4.87
N PRO A 63 8.33 0.26 3.81
CA PRO A 63 8.37 1.06 2.58
C PRO A 63 7.91 2.51 2.77
N ILE A 64 6.96 2.74 3.67
CA ILE A 64 6.54 4.12 3.99
C ILE A 64 7.68 4.88 4.66
N LYS A 65 8.27 4.25 5.67
CA LYS A 65 9.42 4.81 6.38
C LYS A 65 10.61 4.93 5.43
N LYS A 66 10.69 4.00 4.50
CA LYS A 66 11.71 4.02 3.45
C LYS A 66 11.72 5.37 2.74
N ILE A 67 10.55 5.83 2.34
CA ILE A 67 10.41 7.13 1.68
C ILE A 67 10.60 8.28 2.67
N GLU A 68 10.10 8.07 3.88
CA GLU A 68 10.25 9.04 4.96
C GLU A 68 11.74 9.29 5.25
N LYS A 69 12.49 8.21 5.36
CA LYS A 69 13.92 8.28 5.62
C LYS A 69 14.68 8.68 4.35
N LEU A 70 14.00 8.58 3.22
CA LEU A 70 14.59 8.94 1.93
C LEU A 70 14.67 10.44 1.81
N GLY A 71 13.92 11.15 2.66
CA GLY A 71 13.94 12.59 2.66
C GLY A 71 12.67 13.19 2.12
N TYR A 72 11.84 12.36 1.50
CA TYR A 72 10.61 12.85 0.89
C TYR A 72 9.43 12.62 1.82
N LEU A 73 9.31 13.46 2.84
CA LEU A 73 8.20 13.37 3.79
C LEU A 73 6.87 13.62 3.09
N GLU A 74 6.86 14.61 2.22
CA GLU A 74 5.66 14.98 1.48
C GLU A 74 5.22 13.82 0.59
N ILE A 75 6.19 13.17 -0.05
CA ILE A 75 5.92 12.03 -0.90
C ILE A 75 5.52 10.82 -0.06
N ALA A 76 6.16 10.64 1.08
CA ALA A 76 5.82 9.54 2.00
C ALA A 76 4.36 9.61 2.39
N MET A 77 3.89 10.81 2.71
CA MET A 77 2.50 11.02 3.05
C MET A 77 1.60 10.67 1.86
N ARG A 78 2.02 11.11 0.67
CA ARG A 78 1.25 10.82 -0.55
C ARG A 78 1.16 9.33 -0.82
N VAL A 79 2.31 8.66 -0.81
CA VAL A 79 2.37 7.24 -1.09
C VAL A 79 1.57 6.44 -0.07
N LYS A 80 1.65 6.86 1.19
CA LYS A 80 0.87 6.22 2.24
C LYS A 80 -0.62 6.37 1.96
N GLN A 81 -1.02 7.54 1.44
CA GLN A 81 -2.42 7.76 1.08
C GLN A 81 -2.84 6.92 -0.12
N TYR A 82 -2.01 6.90 -1.16
CA TYR A 82 -2.26 6.05 -2.31
C TYR A 82 -2.38 4.59 -1.86
N ALA A 83 -1.44 4.18 -1.01
CA ALA A 83 -1.43 2.83 -0.48
C ALA A 83 -2.68 2.54 0.32
N THR A 84 -3.09 3.49 1.16
CA THR A 84 -4.28 3.33 2.00
C THR A 84 -5.53 3.09 1.14
N ALA A 85 -5.60 3.76 0.00
CA ALA A 85 -6.69 3.57 -0.93
C ALA A 85 -6.68 2.14 -1.48
N ILE A 86 -5.47 1.63 -1.71
CA ILE A 86 -5.30 0.27 -2.17
C ILE A 86 -5.58 -0.72 -1.04
N MET A 87 -5.26 -0.32 0.18
CA MET A 87 -5.51 -1.15 1.36
C MET A 87 -7.00 -1.46 1.49
N ARG A 88 -7.83 -0.44 1.38
CA ARG A 88 -9.27 -0.63 1.48
C ARG A 88 -9.77 -1.47 0.30
N TYR A 89 -9.15 -1.25 -0.86
CA TYR A 89 -9.45 -2.04 -2.04
C TYR A 89 -9.12 -3.51 -1.77
N ALA A 90 -7.99 -3.74 -1.10
CA ALA A 90 -7.56 -5.09 -0.72
C ALA A 90 -8.56 -5.75 0.22
N VAL A 91 -9.04 -4.99 1.20
CA VAL A 91 -10.03 -5.51 2.15
C VAL A 91 -11.29 -5.95 1.43
N GLN A 92 -11.74 -5.14 0.49
CA GLN A 92 -12.94 -5.44 -0.29
C GLN A 92 -12.68 -6.56 -1.30
N GLN A 93 -11.41 -6.81 -1.58
CA GLN A 93 -11.02 -7.80 -2.57
C GLN A 93 -10.70 -9.14 -1.90
N LYS A 94 -10.92 -9.20 -0.58
CA LYS A 94 -10.66 -10.42 0.21
C LYS A 94 -9.16 -10.72 0.24
N MET A 95 -8.37 -9.67 0.33
CA MET A 95 -6.92 -9.80 0.42
C MET A 95 -6.48 -9.70 1.88
N ILE A 96 -6.84 -8.59 2.50
CA ILE A 96 -6.50 -8.36 3.91
C ILE A 96 -7.78 -8.15 4.71
N ARG A 97 -7.76 -8.53 5.98
CA ARG A 97 -8.94 -8.44 6.83
C ARG A 97 -9.14 -7.03 7.35
N PHE A 98 -8.05 -6.35 7.66
CA PHE A 98 -8.11 -4.99 8.19
C PHE A 98 -7.03 -4.14 7.55
N ASN A 99 -7.06 -2.85 7.83
CA ASN A 99 -6.10 -1.91 7.23
C ASN A 99 -4.95 -1.63 8.19
N PRO A 100 -3.73 -2.09 7.85
CA PRO A 100 -2.54 -1.89 8.67
C PRO A 100 -1.93 -0.48 8.52
N ALA A 101 -2.47 0.29 7.58
CA ALA A 101 -1.99 1.66 7.34
C ALA A 101 -2.54 2.62 8.37
N TYR A 102 -3.00 2.10 9.50
CA TYR A 102 -3.42 2.94 10.61
C TYR A 102 -2.26 3.16 11.57
N ASP A 103 -1.11 2.57 11.23
CA ASP A 103 0.15 2.79 11.96
C ASP A 103 0.01 2.36 13.42
N LEU A 104 -0.59 1.19 13.63
CA LEU A 104 -0.92 0.73 14.97
C LEU A 104 0.11 -0.23 15.54
N GLU A 105 1.34 -0.19 15.03
CA GLU A 105 2.39 -1.07 15.54
C GLU A 105 2.79 -0.65 16.94
N GLY A 106 2.32 -1.40 17.92
CA GLY A 106 2.55 -1.07 19.31
C GLY A 106 1.30 -1.24 20.14
N ALA A 107 0.18 -1.46 19.45
CA ALA A 107 -1.09 -1.70 20.11
C ALA A 107 -1.12 -3.09 20.73
N VAL A 108 -0.46 -4.04 20.09
CA VAL A 108 -0.31 -5.38 20.63
C VAL A 108 0.97 -5.47 21.43
N GLN A 109 0.84 -5.48 22.74
CA GLN A 109 2.00 -5.47 23.63
C GLN A 109 2.53 -6.88 23.83
N LYS A 110 3.50 -7.25 23.01
CA LYS A 110 4.19 -8.52 23.17
C LYS A 110 4.94 -8.51 24.49
N LEU A 111 4.52 -9.35 25.42
CA LEU A 111 5.09 -9.37 26.76
C LEU A 111 6.53 -9.84 26.75
N GLU A 112 7.43 -8.94 27.10
CA GLU A 112 8.84 -9.27 27.24
C GLU A 112 9.05 -10.03 28.54
N HIS A 113 8.75 -9.39 29.67
CA HIS A 113 8.80 -10.04 30.97
C HIS A 113 7.58 -10.94 31.14
N HIS A 114 7.83 -12.22 31.32
CA HIS A 114 6.75 -13.19 31.45
C HIS A 114 6.49 -13.55 32.90
N HIS A 115 5.26 -13.37 33.33
CA HIS A 115 4.83 -13.80 34.65
C HIS A 115 3.50 -14.54 34.53
N HIS A 116 3.48 -15.76 35.01
CA HIS A 116 2.25 -16.56 34.96
C HIS A 116 1.22 -16.00 35.93
N HIS A 117 1.72 -15.39 37.00
CA HIS A 117 0.87 -14.69 37.95
C HIS A 117 0.81 -13.20 37.60
N HIS A 118 -0.40 -12.69 37.43
CA HIS A 118 -0.58 -11.27 37.18
C HIS A 118 -1.20 -10.63 38.41
#